data_9B13
#
_entry.id   9B13
#
_cell.length_a   1.00
_cell.length_b   1.00
_cell.length_c   1.00
_cell.angle_alpha   90.00
_cell.angle_beta   90.00
_cell.angle_gamma   90.00
#
_symmetry.space_group_name_H-M   'P 1'
#
loop_
_entity.id
_entity.type
_entity.pdbx_description
1 polymer '1-phosphatidylinositol 4,5-bisphosphate phosphodiesterase epsilon-1'
2 polymer 'Antigen-binding fragment heavy chain'
3 polymer 'Antigen-binding fragment light chain'
4 non-polymer 'CALCIUM ION'
#
loop_
_entity_poly.entity_id
_entity_poly.type
_entity_poly.pdbx_seq_one_letter_code
_entity_poly.pdbx_strand_id
1 'polypeptide(L)'
;MHHHHHHSSGVDLGTENLYFQSNADHGTELIPWYVLSIQADVHQFLLQGATVIHYDQDTHLSARCFLQLQPDNSTLTWMK
PPTASPAGARLKLGVLSNVAEPGKFPSLGNAGVSGLVEGILDLFSVKAVYMGHPGIDIHTVCVQNKLSSMLLSETGVTLL
YGLQTTDNRLLHFVAPKHTAKMLFSGLLELTTAVRKIRKFPDQRQQWLRKQYVSFYQEDGRYEGPTLAHAVELFGGRRWS
TRNPSPGMSAKNAEKPNMQRNNTLGISTTKKKKKMLMRGESGEVTDDEMATRKAKMYRECRSRSGSDPQEANEQEDSEAN
VITNPPNPLHSRRAYSLTTAGSPNLATGMSSPISAWSSSSWHGRIKGGMKGFQSFMVSDSNMSFIEFVELFKSFSIRSRK
DLKDIFDIYSVPCNRSASESTPLYTNLTIEENTNDLQPDLDLLTRNVSDLGLFMKSKQQLSDNQRQISDAIAAASIVTNG
TGIESTSLGIFGVGILQLNDFLVNCQGEHCTYDEILSIIQKFEPNISMCHQGLLSFEGFARFLMDKDNFASKNDESRENK
KDLQLPLSYYYIESSHNTYLTGHQLKGESSVELYSQVLLQGCRSIELDCWDGDDGMPIIYHGHTLTTKIPFKEVVEAIDR
SAFITSDLPIIISIENHCSLPQQRKMAEIFKSVFGEKLVAKFLFETDFSDDPMLPSPDQLRRKVLLKNKKLKAHQTPVDI
LKQKAHQLASMQTQAFTGGNANPPPASNEEEEDEEDEYDYDYESLSDDNILEDRPENKSCADKLQFEYNEEVPKRIKKAD
NSSGNKGKVYDMELGEEFYLPQNKKESRQIAPELSDLVIYCQAVKFPGLSTLNSSGSGRGKERKSRKSIFGNNPGRMSPG
ETASFNRTSGKSSCEGIRQIWEEPPLSPNTSLSAIIRTPKCYHISSLNENAAKRLCRRYSQKLIQHTACQLLRTYPAATR
IDSSNPNPLMFWLHGIQLVALNYQTDDLPLHLNAAMFEANGGCGYVLKPPVLWDKSCPMYQKFSPLERDLDAMDPATYSL
TIISGQNVCPSNSTGSPCIEVDVLGMPLDSCHFRTKPIHRNTLNPMWNEQFLFRVHFEDLVFLRFAVVENNSSAITAQRI
IPLKALKRGYRHLQLRNLHNEILEISSLFINSRRMEDNPSGSTRPASLMFNTEERKCSQTHKVTVHGVPGPEPFAVFTIN
EGTKAKQLLQQILAVDQDTKLTAADYFLMEEKHFISKEKNECRKQPFQRAVGPEEDIVQILNSWFPEEGYVGRIVLKPQQ
ETLEEKNIVHDDREVILSSEEESFFVQVHDVSPEQPRTVIKAPRVSTAQDVIQQTLCKAKYSYSILNNPNPCDYVLLEEV
MKDAPNKKSSTPKSSQRILLDQECVFQAQSKWKGAGKFILKLKEQVQASREDKRRGISFASELKKLTKSTKQTRGLTSPP
QLVASESVQSKEEKPMGALASGDTAGYQS
;
A
2 'polypeptide(L)'
;MKKNIAFLLASMFVFSIATNAYAEISEVQLVESGGGLVQPGGSLRLSCAASGFNFSSSSIHWVRQAPGKGLEWVASISSS
SGSTSYADSVKGRFTISADTSKNTAYLQMNSLRAEDTAVYYCARSEYSYQYVYGWWYWNYSAIDYWGQGTLVTVSSASTK
GPSVFPLAPSSKSTSGGTAALGCLVKDYFPEPVTVSWNSGALTSGVHTFPAVLQSSGLYSLSSVVTVPSSSLGTQTYICN
VNHKPSNTKVDKKVEPKSCDKTHT
;
H
3 'polypeptide(L)'
;MKKNIAFLLASMFVFSIATNAYASDIQMTQSPSSLSASVGDRVTITCRASQSVSSAVAWYQQKPGKAPKLLIYSASSLYS
GVPSRFSGSRSGTDFTLTISSLQPEDFATYYCQQSSSSLITFGQGTKVEIKRTVAAPSVFIFPPSDSQLKSGTASVVCLL
NNFYPREAKVQWKVDNALQSGNSQESVTEQDSKDSTYSLSSTLTLSKADYEKHKVYACEVTHQGLSSPVTKSFNRGEC
;
L
#
# COMPACT_ATOMS: atom_id res chain seq x y z
N HIS A 26 14.48 -9.51 -35.16
CA HIS A 26 14.24 -10.93 -34.78
C HIS A 26 13.96 -11.05 -33.29
N GLY A 27 13.13 -10.17 -32.76
CA GLY A 27 12.72 -10.20 -31.38
C GLY A 27 13.23 -8.99 -30.62
N THR A 28 13.16 -9.09 -29.29
CA THR A 28 13.53 -8.00 -28.41
C THR A 28 15.03 -8.04 -28.11
N GLU A 29 15.46 -7.21 -27.16
CA GLU A 29 16.86 -7.16 -26.75
C GLU A 29 17.03 -8.05 -25.53
N LEU A 30 17.69 -9.20 -25.71
CA LEU A 30 17.96 -10.05 -24.57
C LEU A 30 18.75 -9.31 -23.51
N ILE A 31 19.49 -8.28 -23.89
CA ILE A 31 19.96 -7.27 -22.94
C ILE A 31 19.16 -6.00 -23.25
N PRO A 32 18.26 -5.58 -22.37
CA PRO A 32 17.45 -4.39 -22.68
C PRO A 32 18.31 -3.16 -22.84
N TRP A 33 17.84 -2.25 -23.69
CA TRP A 33 18.61 -1.05 -24.00
C TRP A 33 18.84 -0.19 -22.77
N TYR A 34 17.83 -0.09 -21.89
CA TYR A 34 17.97 0.79 -20.74
C TYR A 34 18.98 0.30 -19.71
N VAL A 35 19.70 -0.79 -19.98
CA VAL A 35 20.69 -1.27 -19.02
C VAL A 35 22.10 -0.82 -19.36
N LEU A 36 22.44 -0.73 -20.64
CA LEU A 36 23.80 -0.45 -21.07
C LEU A 36 24.17 1.01 -20.77
N SER A 37 25.44 1.33 -21.07
CA SER A 37 25.91 2.71 -21.07
C SER A 37 26.85 2.96 -22.25
N ILE A 38 26.64 2.26 -23.36
CA ILE A 38 27.56 2.30 -24.49
C ILE A 38 27.21 3.49 -25.37
N GLN A 39 28.22 4.28 -25.73
CA GLN A 39 28.01 5.43 -26.59
C GLN A 39 27.59 4.98 -27.98
N ALA A 40 26.91 5.89 -28.68
CA ALA A 40 26.31 5.53 -29.97
C ALA A 40 27.37 5.03 -30.94
N ASP A 41 28.50 5.73 -31.01
CA ASP A 41 29.54 5.35 -31.96
C ASP A 41 30.04 3.94 -31.69
N VAL A 42 30.34 3.63 -30.42
CA VAL A 42 30.94 2.34 -30.09
C VAL A 42 29.93 1.22 -30.32
N HIS A 43 28.69 1.42 -29.86
CA HIS A 43 27.68 0.39 -30.05
C HIS A 43 27.42 0.16 -31.54
N GLN A 44 27.36 1.25 -32.31
CA GLN A 44 27.18 1.13 -33.74
C GLN A 44 28.35 0.39 -34.38
N PHE A 45 29.56 0.62 -33.87
CA PHE A 45 30.72 -0.09 -34.43
C PHE A 45 30.64 -1.57 -34.12
N LEU A 46 30.28 -1.93 -32.90
CA LEU A 46 30.12 -3.34 -32.56
C LEU A 46 29.06 -3.99 -33.44
N LEU A 47 27.93 -3.30 -33.62
CA LEU A 47 26.89 -3.83 -34.49
C LEU A 47 27.38 -3.99 -35.92
N GLN A 48 28.05 -2.96 -36.44
CA GLN A 48 28.61 -3.05 -37.78
C GLN A 48 29.71 -4.09 -37.85
N GLY A 49 30.58 -4.11 -36.85
CA GLY A 49 31.66 -5.08 -36.78
C GLY A 49 33.02 -4.41 -36.83
N ALA A 50 33.99 -5.21 -37.28
CA ALA A 50 35.38 -4.78 -37.37
C ALA A 50 36.18 -5.88 -38.03
N THR A 51 37.40 -5.55 -38.45
CA THR A 51 38.31 -6.53 -39.00
C THR A 51 39.26 -7.03 -37.92
N VAL A 52 39.21 -8.33 -37.63
CA VAL A 52 39.94 -8.90 -36.50
C VAL A 52 40.51 -10.26 -36.89
N ILE A 53 41.54 -10.66 -36.17
CA ILE A 53 42.18 -11.96 -36.33
C ILE A 53 41.87 -12.79 -35.10
N HIS A 54 41.02 -13.80 -35.27
CA HIS A 54 40.72 -14.71 -34.18
C HIS A 54 41.92 -15.61 -33.93
N TYR A 55 42.27 -15.77 -32.65
CA TYR A 55 43.41 -16.58 -32.24
C TYR A 55 42.91 -17.84 -31.56
N ASP A 56 43.35 -18.99 -32.06
CA ASP A 56 43.02 -20.29 -31.47
C ASP A 56 44.26 -20.85 -30.82
N GLN A 57 44.18 -21.09 -29.53
CA GLN A 57 45.27 -21.71 -28.79
C GLN A 57 45.12 -23.22 -28.67
N ASP A 58 43.95 -23.76 -29.02
CA ASP A 58 43.74 -25.20 -28.92
C ASP A 58 44.70 -25.97 -29.83
N THR A 59 44.86 -25.48 -31.07
CA THR A 59 45.73 -26.12 -32.05
C THR A 59 46.79 -25.16 -32.58
N HIS A 60 47.05 -24.07 -31.87
CA HIS A 60 48.01 -23.05 -32.29
C HIS A 60 47.74 -22.63 -33.72
N LEU A 61 46.54 -22.10 -33.93
CA LEU A 61 46.11 -21.58 -35.22
C LEU A 61 45.40 -20.26 -35.03
N SER A 62 45.35 -19.47 -36.10
CA SER A 62 44.62 -18.21 -36.09
C SER A 62 44.12 -17.95 -37.50
N ALA A 63 43.14 -17.06 -37.60
CA ALA A 63 42.53 -16.76 -38.89
C ALA A 63 42.02 -15.32 -38.90
N ARG A 64 41.74 -14.83 -40.10
CA ARG A 64 41.16 -13.50 -40.27
C ARG A 64 39.64 -13.64 -40.31
N CYS A 65 38.96 -12.89 -39.44
CA CYS A 65 37.52 -12.98 -39.31
C CYS A 65 36.92 -11.60 -39.10
N PHE A 66 35.62 -11.51 -39.38
CA PHE A 66 34.85 -10.27 -39.25
C PHE A 66 33.88 -10.44 -38.08
N LEU A 67 34.26 -9.90 -36.92
CA LEU A 67 33.45 -10.02 -35.72
C LEU A 67 32.20 -9.16 -35.83
N GLN A 68 31.18 -9.48 -35.03
CA GLN A 68 29.92 -8.77 -35.07
C GLN A 68 29.18 -8.95 -33.75
N LEU A 69 28.26 -8.03 -33.48
CA LEU A 69 27.33 -8.14 -32.36
C LEU A 69 25.91 -8.12 -32.92
N GLN A 70 25.21 -9.25 -32.79
CA GLN A 70 23.93 -9.44 -33.44
C GLN A 70 22.92 -8.40 -32.96
N PRO A 71 21.72 -8.38 -33.56
CA PRO A 71 20.79 -7.28 -33.27
C PRO A 71 20.45 -7.13 -31.81
N ASP A 72 20.47 -8.21 -31.04
CA ASP A 72 19.84 -8.22 -29.72
C ASP A 72 20.80 -8.02 -28.57
N ASN A 73 22.06 -7.64 -28.82
CA ASN A 73 23.04 -7.49 -27.75
C ASN A 73 23.17 -8.79 -26.95
N SER A 74 23.17 -9.92 -27.66
CA SER A 74 23.12 -11.23 -27.03
C SER A 74 24.12 -12.24 -27.56
N THR A 75 24.86 -11.92 -28.62
CA THR A 75 25.69 -12.92 -29.29
C THR A 75 26.84 -12.22 -30.00
N LEU A 76 27.83 -13.03 -30.40
CA LEU A 76 28.95 -12.56 -31.22
C LEU A 76 29.19 -13.59 -32.31
N THR A 77 28.54 -13.40 -33.45
CA THR A 77 28.72 -14.29 -34.60
C THR A 77 29.97 -13.91 -35.36
N TRP A 78 30.65 -14.91 -35.92
CA TRP A 78 31.81 -14.71 -36.78
C TRP A 78 31.67 -15.55 -38.04
N MET A 79 32.25 -15.06 -39.13
CA MET A 79 32.26 -15.78 -40.39
C MET A 79 33.16 -15.07 -41.40
N GLU A 118 32.33 -19.26 -39.78
CA GLU A 118 31.01 -19.44 -39.20
C GLU A 118 31.09 -19.92 -37.75
N GLY A 119 30.38 -19.23 -36.87
CA GLY A 119 30.33 -19.65 -35.47
C GLY A 119 29.41 -18.75 -34.69
N ILE A 120 29.41 -18.96 -33.37
CA ILE A 120 28.50 -18.24 -32.49
C ILE A 120 29.00 -18.39 -31.06
N LEU A 121 28.89 -17.30 -30.30
CA LEU A 121 29.14 -17.30 -28.86
C LEU A 121 28.08 -16.47 -28.18
N ASP A 122 27.59 -16.94 -27.05
CA ASP A 122 26.60 -16.22 -26.27
C ASP A 122 27.32 -15.33 -25.25
N LEU A 123 27.05 -14.04 -25.30
CA LEU A 123 27.79 -13.10 -24.46
C LEU A 123 27.55 -13.37 -22.99
N PHE A 124 26.31 -13.72 -22.61
CA PHE A 124 25.96 -13.82 -21.21
C PHE A 124 26.87 -14.79 -20.46
N SER A 125 27.44 -15.76 -21.15
CA SER A 125 28.38 -16.68 -20.53
C SER A 125 29.72 -16.03 -20.22
N VAL A 126 29.97 -14.81 -20.70
CA VAL A 126 31.24 -14.16 -20.42
C VAL A 126 31.35 -13.86 -18.94
N LYS A 127 32.59 -13.83 -18.45
CA LYS A 127 32.88 -13.51 -17.06
C LYS A 127 33.91 -12.41 -16.88
N ALA A 128 34.73 -12.12 -17.89
CA ALA A 128 35.69 -11.03 -17.84
C ALA A 128 36.39 -10.94 -19.18
N VAL A 129 36.99 -9.78 -19.45
CA VAL A 129 37.67 -9.50 -20.70
C VAL A 129 39.02 -8.88 -20.38
N TYR A 130 40.06 -9.33 -21.09
CA TYR A 130 41.42 -8.93 -20.80
C TYR A 130 42.11 -8.41 -22.05
N MET A 131 43.04 -7.49 -21.81
CA MET A 131 43.89 -6.90 -22.85
C MET A 131 45.31 -7.42 -22.67
N GLY A 132 45.91 -7.86 -23.75
CA GLY A 132 47.28 -8.35 -23.67
C GLY A 132 47.40 -9.57 -22.79
N HIS A 133 46.51 -10.52 -22.97
CA HIS A 133 46.57 -11.76 -22.20
C HIS A 133 47.82 -12.55 -22.62
N PRO A 134 48.75 -12.83 -21.70
CA PRO A 134 49.99 -13.49 -22.12
C PRO A 134 49.78 -14.82 -22.81
N GLY A 135 48.60 -15.42 -22.67
CA GLY A 135 48.36 -16.71 -23.29
C GLY A 135 48.58 -16.69 -24.79
N ILE A 136 48.44 -15.53 -25.40
CA ILE A 136 48.51 -15.40 -26.85
C ILE A 136 49.93 -15.05 -27.26
N ASP A 137 50.45 -15.73 -28.28
CA ASP A 137 51.79 -15.45 -28.80
C ASP A 137 51.68 -14.39 -29.89
N ILE A 138 52.16 -13.19 -29.60
CA ILE A 138 52.09 -12.09 -30.56
C ILE A 138 52.93 -12.40 -31.79
N HIS A 139 54.17 -12.87 -31.57
CA HIS A 139 55.08 -13.09 -32.67
C HIS A 139 54.55 -14.16 -33.63
N THR A 140 53.96 -15.22 -33.08
CA THR A 140 53.37 -16.24 -33.93
C THR A 140 52.27 -15.66 -34.79
N VAL A 141 51.43 -14.80 -34.21
CA VAL A 141 50.39 -14.15 -34.99
C VAL A 141 51.01 -13.32 -36.10
N CYS A 142 52.04 -12.53 -35.78
CA CYS A 142 52.66 -11.68 -36.78
C CYS A 142 53.21 -12.52 -37.93
N VAL A 143 53.89 -13.62 -37.62
CA VAL A 143 54.43 -14.47 -38.66
C VAL A 143 53.31 -15.09 -39.48
N GLN A 144 52.21 -15.45 -38.83
CA GLN A 144 51.14 -16.17 -39.52
C GLN A 144 50.53 -15.33 -40.63
N ASN A 145 50.28 -14.05 -40.38
CA ASN A 145 49.61 -13.18 -41.34
C ASN A 145 50.50 -12.03 -41.81
N LYS A 146 51.81 -12.16 -41.63
CA LYS A 146 52.79 -11.21 -42.16
C LYS A 146 52.36 -9.76 -41.91
N LEU A 147 52.22 -9.44 -40.64
CA LEU A 147 51.99 -8.06 -40.20
C LEU A 147 53.18 -7.59 -39.39
N SER A 148 53.49 -6.29 -39.53
CA SER A 148 54.61 -5.72 -38.82
C SER A 148 54.43 -5.94 -37.31
N SER A 149 55.50 -5.69 -36.56
CA SER A 149 55.48 -5.92 -35.12
C SER A 149 54.31 -5.16 -34.50
N MET A 150 53.45 -5.91 -33.81
CA MET A 150 52.29 -5.35 -33.14
C MET A 150 52.48 -5.43 -31.64
N LEU A 151 52.27 -4.32 -30.96
CA LEU A 151 52.41 -4.26 -29.50
C LEU A 151 51.37 -5.18 -28.87
N LEU A 152 51.84 -6.27 -28.27
CA LEU A 152 50.90 -7.20 -27.64
C LEU A 152 50.10 -6.52 -26.54
N SER A 153 50.75 -5.65 -25.76
CA SER A 153 50.09 -5.08 -24.60
C SER A 153 48.83 -4.30 -24.98
N GLU A 154 48.74 -3.86 -26.23
CA GLU A 154 47.60 -3.05 -26.65
C GLU A 154 47.08 -3.42 -28.03
N THR A 155 47.15 -4.70 -28.39
CA THR A 155 46.63 -5.11 -29.70
C THR A 155 45.85 -6.42 -29.69
N GLY A 156 45.64 -7.03 -28.52
CA GLY A 156 44.88 -8.27 -28.43
C GLY A 156 43.99 -8.32 -27.21
N VAL A 157 42.75 -8.76 -27.37
CA VAL A 157 41.78 -8.77 -26.27
C VAL A 157 41.22 -10.17 -26.12
N THR A 158 40.71 -10.46 -24.92
CA THR A 158 40.41 -11.83 -24.51
C THR A 158 39.00 -11.93 -23.93
N LEU A 159 38.33 -13.05 -24.25
CA LEU A 159 37.05 -13.41 -23.65
C LEU A 159 37.19 -14.73 -22.91
N LEU A 160 36.60 -14.80 -21.72
CA LEU A 160 36.60 -16.00 -20.88
C LEU A 160 35.15 -16.41 -20.64
N TYR A 161 34.65 -17.31 -21.48
CA TYR A 161 33.25 -17.72 -21.44
C TYR A 161 33.14 -19.15 -20.93
N GLY A 162 32.21 -19.38 -20.01
CA GLY A 162 32.01 -20.69 -19.43
C GLY A 162 30.60 -20.93 -18.94
N LEU A 163 30.07 -22.13 -19.20
CA LEU A 163 28.69 -22.43 -18.80
C LEU A 163 28.59 -22.70 -17.30
N GLN A 164 29.63 -23.22 -16.69
CA GLN A 164 29.60 -23.69 -15.31
C GLN A 164 30.55 -22.85 -14.46
N THR A 165 30.76 -23.29 -13.22
CA THR A 165 31.69 -22.61 -12.32
C THR A 165 33.10 -23.14 -12.44
N THR A 166 33.35 -24.06 -13.37
CA THR A 166 34.69 -24.58 -13.61
C THR A 166 35.15 -24.37 -15.05
N ASP A 167 34.26 -24.55 -16.02
CA ASP A 167 34.66 -24.39 -17.41
C ASP A 167 35.27 -23.02 -17.64
N ASN A 168 36.44 -23.01 -18.27
CA ASN A 168 37.11 -21.77 -18.67
C ASN A 168 37.62 -22.00 -20.08
N ARG A 169 36.78 -21.69 -21.07
CA ARG A 169 37.14 -21.73 -22.48
C ARG A 169 37.21 -20.29 -22.99
N LEU A 170 38.35 -19.93 -23.56
CA LEU A 170 38.62 -18.55 -23.92
C LEU A 170 38.33 -18.28 -25.39
N LEU A 171 38.19 -16.99 -25.71
CA LEU A 171 38.08 -16.52 -27.08
C LEU A 171 38.78 -15.16 -27.14
N HIS A 172 39.77 -15.03 -28.02
CA HIS A 172 40.56 -13.81 -28.11
C HIS A 172 40.83 -13.44 -29.56
N PHE A 173 40.96 -12.13 -29.78
CA PHE A 173 41.21 -11.58 -31.10
C PHE A 173 42.38 -10.61 -31.03
N VAL A 174 43.13 -10.53 -32.12
CA VAL A 174 44.16 -9.53 -32.34
C VAL A 174 43.77 -8.74 -33.57
N ALA A 175 43.65 -7.43 -33.40
CA ALA A 175 43.13 -6.57 -34.45
C ALA A 175 43.97 -5.31 -34.50
N PRO A 176 43.81 -4.49 -35.53
CA PRO A 176 44.52 -3.21 -35.59
C PRO A 176 44.29 -2.38 -34.33
N LYS A 177 45.08 -1.31 -34.20
CA LYS A 177 45.12 -0.56 -32.96
C LYS A 177 43.73 -0.09 -32.54
N HIS A 178 43.12 0.78 -33.35
CA HIS A 178 41.86 1.38 -32.96
C HIS A 178 40.73 0.34 -32.94
N THR A 179 40.79 -0.65 -33.83
CA THR A 179 39.81 -1.72 -33.75
C THR A 179 39.88 -2.42 -32.40
N ALA A 180 41.10 -2.68 -31.92
CA ALA A 180 41.26 -3.27 -30.60
C ALA A 180 40.73 -2.36 -29.52
N LYS A 181 41.05 -1.06 -29.60
CA LYS A 181 40.53 -0.13 -28.60
C LYS A 181 39.01 -0.18 -28.56
N MET A 182 38.37 -0.15 -29.72
CA MET A 182 36.91 -0.16 -29.79
C MET A 182 36.34 -1.45 -29.21
N LEU A 183 36.83 -2.60 -29.68
CA LEU A 183 36.28 -3.86 -29.23
C LEU A 183 36.44 -4.02 -27.73
N PHE A 184 37.62 -3.68 -27.21
CA PHE A 184 37.84 -3.80 -25.77
C PHE A 184 36.90 -2.88 -25.00
N SER A 185 36.88 -1.59 -25.36
CA SER A 185 36.09 -0.65 -24.59
C SER A 185 34.60 -0.93 -24.73
N GLY A 186 34.21 -1.72 -25.74
CA GLY A 186 32.83 -2.12 -25.89
C GLY A 186 32.49 -3.33 -25.05
N LEU A 187 33.24 -4.40 -25.24
CA LEU A 187 32.95 -5.62 -24.49
C LEU A 187 33.17 -5.41 -23.00
N LEU A 188 33.98 -4.45 -22.59
CA LEU A 188 34.08 -4.15 -21.16
C LEU A 188 32.73 -3.71 -20.61
N GLU A 189 32.08 -2.78 -21.30
CA GLU A 189 30.78 -2.31 -20.81
C GLU A 189 29.72 -3.39 -20.94
N LEU A 190 29.76 -4.18 -22.01
CA LEU A 190 28.81 -5.28 -22.11
C LEU A 190 28.98 -6.26 -20.94
N THR A 191 30.23 -6.54 -20.56
CA THR A 191 30.48 -7.41 -19.41
C THR A 191 30.00 -6.77 -18.12
N THR A 192 30.21 -5.46 -17.95
CA THR A 192 29.67 -4.81 -16.77
C THR A 192 28.16 -4.94 -16.73
N ALA A 193 27.50 -4.79 -17.88
CA ALA A 193 26.06 -4.96 -17.93
C ALA A 193 25.65 -6.35 -17.49
N VAL A 194 26.31 -7.38 -18.02
CA VAL A 194 25.94 -8.74 -17.65
C VAL A 194 26.15 -8.97 -16.16
N ARG A 195 27.29 -8.51 -15.65
CA ARG A 195 27.58 -8.71 -14.23
C ARG A 195 26.54 -8.02 -13.36
N LYS A 196 26.13 -6.81 -13.74
CA LYS A 196 25.07 -6.16 -12.98
C LYS A 196 23.75 -6.91 -13.09
N ILE A 197 23.43 -7.43 -14.28
CA ILE A 197 22.17 -8.13 -14.46
C ILE A 197 22.10 -9.35 -13.55
N ARG A 198 23.19 -10.11 -13.44
CA ARG A 198 23.13 -11.30 -12.62
C ARG A 198 23.08 -11.00 -11.13
N LYS A 199 23.26 -9.74 -10.72
CA LYS A 199 23.17 -9.38 -9.32
C LYS A 199 21.83 -8.74 -8.94
N PHE A 200 20.88 -8.68 -9.87
CA PHE A 200 19.62 -8.02 -9.58
C PHE A 200 18.82 -8.81 -8.54
N PRO A 201 18.14 -8.15 -7.61
CA PRO A 201 17.19 -8.88 -6.76
C PRO A 201 16.06 -9.54 -7.55
N ASP A 202 15.30 -8.76 -8.30
CA ASP A 202 14.21 -9.30 -9.11
C ASP A 202 14.68 -9.44 -10.55
N GLN A 203 14.36 -10.57 -11.16
CA GLN A 203 14.77 -10.81 -12.53
C GLN A 203 13.68 -11.50 -13.33
N ARG A 204 12.41 -11.30 -12.96
CA ARG A 204 11.33 -11.97 -13.68
C ARG A 204 11.31 -11.55 -15.14
N GLN A 205 11.49 -10.25 -15.40
CA GLN A 205 11.43 -9.79 -16.78
C GLN A 205 12.52 -10.44 -17.62
N GLN A 206 13.70 -10.61 -17.04
CA GLN A 206 14.77 -11.28 -17.78
C GLN A 206 14.36 -12.69 -18.17
N TRP A 207 13.76 -13.41 -17.23
CA TRP A 207 13.25 -14.73 -17.53
C TRP A 207 12.24 -14.66 -18.65
N LEU A 208 11.36 -13.66 -18.63
CA LEU A 208 10.36 -13.54 -19.68
C LEU A 208 11.00 -13.31 -21.04
N ARG A 209 12.00 -12.43 -21.09
CA ARG A 209 12.68 -12.19 -22.35
C ARG A 209 13.31 -13.46 -22.88
N LYS A 210 14.04 -14.17 -22.02
CA LYS A 210 14.68 -15.40 -22.46
C LYS A 210 13.64 -16.38 -22.97
N GLN A 211 12.55 -16.55 -22.22
CA GLN A 211 11.53 -17.52 -22.60
C GLN A 211 10.92 -17.17 -23.95
N TYR A 212 10.59 -15.90 -24.16
CA TYR A 212 9.98 -15.52 -25.44
C TYR A 212 10.95 -15.77 -26.58
N VAL A 213 12.20 -15.29 -26.44
CA VAL A 213 13.14 -15.44 -27.54
C VAL A 213 13.34 -16.90 -27.86
N SER A 214 13.50 -17.74 -26.83
CA SER A 214 13.68 -19.17 -27.06
C SER A 214 12.47 -19.77 -27.77
N PHE A 215 11.27 -19.43 -27.31
CA PHE A 215 10.08 -19.95 -27.97
C PHE A 215 9.96 -19.49 -29.41
N TYR A 216 10.55 -18.34 -29.74
CA TYR A 216 10.43 -17.80 -31.09
C TYR A 216 11.03 -18.71 -32.15
N GLN A 217 11.90 -19.63 -31.76
CA GLN A 217 12.56 -20.50 -32.71
C GLN A 217 12.35 -21.97 -32.33
N TYR A 222 10.92 -21.23 -35.58
CA TYR A 222 11.02 -19.86 -36.08
C TYR A 222 9.66 -19.18 -36.05
N GLU A 223 8.91 -19.43 -34.98
CA GLU A 223 7.58 -18.88 -34.83
C GLU A 223 7.40 -18.40 -33.39
N GLY A 224 6.60 -17.36 -33.23
CA GLY A 224 6.31 -16.83 -31.91
C GLY A 224 5.45 -17.77 -31.09
N PRO A 225 5.51 -17.64 -29.77
CA PRO A 225 4.75 -18.55 -28.90
C PRO A 225 3.25 -18.43 -29.13
N THR A 226 2.56 -19.56 -29.05
CA THR A 226 1.12 -19.62 -29.20
C THR A 226 0.44 -19.67 -27.84
N LEU A 227 -0.75 -19.09 -27.77
CA LEU A 227 -1.47 -19.01 -26.50
C LEU A 227 -1.55 -20.38 -25.83
N ALA A 228 -1.78 -21.42 -26.63
CA ALA A 228 -1.82 -22.77 -26.08
C ALA A 228 -0.55 -23.07 -25.29
N HIS A 229 0.60 -22.74 -25.88
CA HIS A 229 1.86 -23.04 -25.21
C HIS A 229 2.12 -22.08 -24.05
N ALA A 230 1.80 -20.80 -24.24
CA ALA A 230 2.00 -19.83 -23.15
C ALA A 230 1.20 -20.24 -21.92
N VAL A 231 0.06 -20.88 -22.12
CA VAL A 231 -0.72 -21.37 -20.98
C VAL A 231 0.08 -22.40 -20.22
N GLU A 232 0.61 -23.40 -20.92
CA GLU A 232 1.33 -24.48 -20.24
C GLU A 232 2.60 -23.95 -19.58
N LEU A 233 3.24 -22.97 -20.21
CA LEU A 233 4.47 -22.41 -19.64
C LEU A 233 4.23 -21.93 -18.21
N PHE A 234 3.12 -21.24 -17.99
CA PHE A 234 2.76 -20.79 -16.65
C PHE A 234 1.96 -21.82 -15.88
N GLY A 235 1.71 -22.99 -16.46
CA GLY A 235 1.06 -24.05 -15.73
C GLY A 235 -0.45 -23.99 -15.76
N GLY A 236 -1.02 -24.00 -16.96
CA GLY A 236 -2.45 -24.04 -17.12
C GLY A 236 -2.84 -25.15 -18.07
N ARG A 237 -4.12 -25.51 -18.01
CA ARG A 237 -4.65 -26.60 -18.82
C ARG A 237 -4.65 -26.23 -20.30
N ASP A 379 -3.64 -20.75 -32.72
CA ASP A 379 -2.42 -20.48 -33.47
C ASP A 379 -2.32 -19.01 -33.83
N SER A 380 -2.52 -18.16 -32.82
CA SER A 380 -2.46 -16.71 -33.00
C SER A 380 -1.13 -16.20 -32.46
N ASN A 381 -0.38 -15.50 -33.31
CA ASN A 381 0.92 -14.99 -32.90
C ASN A 381 0.75 -13.96 -31.79
N MET A 382 1.62 -14.03 -30.80
CA MET A 382 1.50 -13.23 -29.59
C MET A 382 2.67 -12.25 -29.50
N SER A 383 2.35 -10.97 -29.35
CA SER A 383 3.37 -9.95 -29.17
C SER A 383 4.06 -10.12 -27.83
N PHE A 384 5.30 -9.63 -27.75
CA PHE A 384 6.04 -9.76 -26.50
C PHE A 384 5.36 -8.99 -25.37
N ILE A 385 4.99 -7.73 -25.62
CA ILE A 385 4.37 -6.95 -24.56
C ILE A 385 3.10 -7.63 -24.08
N GLU A 386 2.24 -8.05 -25.01
CA GLU A 386 1.07 -8.84 -24.62
C GLU A 386 1.50 -10.03 -23.78
N PHE A 387 2.46 -10.82 -24.29
CA PHE A 387 3.04 -11.89 -23.50
C PHE A 387 3.35 -11.42 -22.09
N VAL A 388 4.09 -10.31 -21.95
CA VAL A 388 4.48 -9.84 -20.63
C VAL A 388 3.24 -9.65 -19.77
N GLU A 389 2.22 -8.97 -20.29
CA GLU A 389 1.04 -8.70 -19.48
C GLU A 389 0.44 -9.99 -18.97
N LEU A 390 0.43 -11.03 -19.81
CA LEU A 390 -0.16 -12.29 -19.39
C LEU A 390 0.49 -12.79 -18.11
N PHE A 391 1.81 -12.69 -18.02
CA PHE A 391 2.49 -13.15 -16.80
C PHE A 391 2.01 -12.37 -15.59
N LYS A 392 1.82 -11.05 -15.73
CA LYS A 392 1.30 -10.28 -14.62
C LYS A 392 -0.01 -10.89 -14.11
N SER A 393 -0.85 -11.36 -15.03
CA SER A 393 -2.16 -11.88 -14.66
C SER A 393 -2.05 -13.24 -13.98
N PHE A 394 -0.87 -13.83 -13.94
CA PHE A 394 -0.64 -15.03 -13.14
C PHE A 394 0.16 -14.74 -11.89
N SER A 395 0.57 -13.48 -11.68
CA SER A 395 1.25 -13.09 -10.46
C SER A 395 0.36 -12.28 -9.53
N ILE A 396 -0.87 -11.97 -9.93
CA ILE A 396 -1.81 -11.27 -9.08
C ILE A 396 -3.10 -12.06 -8.91
N ARG A 397 -3.64 -12.62 -9.99
CA ARG A 397 -4.89 -13.36 -9.95
C ARG A 397 -4.71 -14.82 -9.61
N SER A 398 -3.59 -15.18 -8.98
CA SER A 398 -3.37 -16.55 -8.52
C SER A 398 -2.73 -16.54 -7.13
N ARG A 399 -3.07 -15.55 -6.32
CA ARG A 399 -2.60 -15.46 -4.93
C ARG A 399 -3.82 -15.23 -4.03
N LYS A 400 -4.50 -16.32 -3.68
CA LYS A 400 -5.65 -16.17 -2.79
C LYS A 400 -5.23 -15.56 -1.46
N ASP A 401 -4.09 -15.99 -0.93
CA ASP A 401 -3.62 -15.42 0.33
C ASP A 401 -3.52 -13.92 0.24
N LEU A 402 -3.15 -13.38 -0.92
CA LEU A 402 -3.05 -11.93 -1.06
C LEU A 402 -4.40 -11.28 -0.85
N LYS A 403 -5.44 -11.81 -1.49
CA LYS A 403 -6.78 -11.25 -1.31
C LYS A 403 -7.24 -11.37 0.12
N ASP A 404 -6.97 -12.52 0.75
CA ASP A 404 -7.42 -12.71 2.14
C ASP A 404 -6.64 -11.82 3.09
N ILE A 405 -5.44 -11.41 2.72
CA ILE A 405 -4.71 -10.41 3.50
C ILE A 405 -5.29 -9.03 3.25
N PHE A 406 -5.66 -8.75 2.00
CA PHE A 406 -6.16 -7.44 1.62
C PHE A 406 -7.47 -7.15 2.33
N ASP A 407 -8.35 -8.13 2.44
CA ASP A 407 -9.66 -7.94 3.03
C ASP A 407 -9.62 -7.80 4.55
N ILE A 408 -8.44 -7.67 5.15
CA ILE A 408 -8.36 -7.35 6.56
C ILE A 408 -8.31 -5.85 6.79
N TYR A 409 -7.78 -5.09 5.82
CA TYR A 409 -7.65 -3.65 5.96
C TYR A 409 -8.57 -2.87 5.02
N SER A 410 -9.05 -3.48 3.94
CA SER A 410 -9.81 -2.75 2.95
C SER A 410 -11.08 -2.17 3.55
N VAL A 411 -11.44 -0.97 3.08
CA VAL A 411 -12.69 -0.33 3.45
C VAL A 411 -13.45 -0.10 2.16
N PRO A 412 -14.68 0.40 2.19
CA PRO A 412 -15.45 0.55 0.94
C PRO A 412 -15.14 1.86 0.24
N CYS A 413 -15.26 1.83 -1.08
CA CYS A 413 -14.97 2.99 -1.91
C CYS A 413 -15.72 2.87 -3.23
N ASN A 414 -15.48 3.84 -4.11
CA ASN A 414 -16.15 3.90 -5.41
C ASN A 414 -17.64 4.03 -5.24
N LEU A 436 20.90 1.87 -8.40
CA LEU A 436 20.34 0.55 -8.14
C LEU A 436 19.64 0.02 -9.39
N GLN A 437 18.67 -0.86 -9.19
CA GLN A 437 17.98 -1.45 -10.33
C GLN A 437 17.16 -0.38 -11.05
N PRO A 438 17.08 -0.45 -12.37
CA PRO A 438 16.24 0.51 -13.10
C PRO A 438 14.76 0.20 -12.91
N ASP A 439 13.97 1.27 -12.79
CA ASP A 439 12.55 1.10 -12.53
C ASP A 439 11.87 0.31 -13.64
N LEU A 440 12.17 0.64 -14.89
CA LEU A 440 11.44 0.03 -16.00
C LEU A 440 11.52 -1.49 -15.95
N ASP A 441 12.64 -2.04 -15.49
CA ASP A 441 12.81 -3.49 -15.49
C ASP A 441 11.80 -4.16 -14.56
N LEU A 442 11.56 -3.58 -13.39
CA LEU A 442 10.62 -4.18 -12.45
C LEU A 442 9.33 -4.52 -13.18
N LEU A 443 9.01 -5.81 -13.24
CA LEU A 443 7.88 -6.24 -14.04
C LEU A 443 6.58 -5.62 -13.54
N THR A 444 6.39 -5.60 -12.23
CA THR A 444 5.18 -5.10 -11.60
C THR A 444 5.57 -3.87 -10.78
N ARG A 445 5.51 -2.70 -11.40
CA ARG A 445 5.85 -1.45 -10.75
C ARG A 445 4.90 -0.35 -11.16
N SER A 461 -2.71 -1.56 -21.64
CA SER A 461 -3.98 -0.92 -21.96
C SER A 461 -5.13 -1.59 -21.19
N ASP A 462 -6.18 -0.81 -20.92
CA ASP A 462 -7.23 -1.30 -20.04
C ASP A 462 -7.95 -2.51 -20.62
N ASN A 463 -8.27 -2.48 -21.91
CA ASN A 463 -8.98 -3.62 -22.51
C ASN A 463 -8.16 -4.89 -22.41
N GLN A 464 -6.85 -4.79 -22.65
CA GLN A 464 -5.99 -5.96 -22.54
C GLN A 464 -5.92 -6.45 -21.10
N ARG A 465 -5.87 -5.53 -20.13
CA ARG A 465 -5.85 -5.95 -18.73
C ARG A 465 -6.99 -6.90 -18.41
N GLN A 466 -8.20 -6.55 -18.84
CA GLN A 466 -9.36 -7.34 -18.48
C GLN A 466 -9.34 -8.71 -19.16
N ILE A 467 -8.98 -8.75 -20.44
CA ILE A 467 -8.91 -10.04 -21.14
C ILE A 467 -7.85 -10.91 -20.48
N SER A 468 -6.72 -10.32 -20.11
CA SER A 468 -5.66 -11.09 -19.45
C SER A 468 -6.13 -11.65 -18.12
N ASP A 469 -6.81 -10.83 -17.32
CA ASP A 469 -7.32 -11.32 -16.05
C ASP A 469 -8.32 -12.46 -16.26
N ALA A 470 -9.22 -12.29 -17.23
CA ALA A 470 -10.21 -13.33 -17.50
C ALA A 470 -9.54 -14.63 -17.92
N ILE A 471 -8.52 -14.55 -18.78
CA ILE A 471 -7.83 -15.76 -19.22
C ILE A 471 -7.07 -16.37 -18.06
N ALA A 472 -6.54 -15.54 -17.16
CA ALA A 472 -5.86 -16.07 -15.98
C ALA A 472 -6.84 -16.86 -15.11
N ALA A 473 -8.06 -16.36 -14.95
CA ALA A 473 -9.04 -17.05 -14.12
C ALA A 473 -9.34 -18.45 -14.68
N ALA A 474 -9.54 -18.57 -15.99
CA ALA A 474 -9.90 -19.85 -16.56
C ALA A 474 -8.81 -20.88 -16.38
N SER A 475 -7.55 -20.47 -16.55
CA SER A 475 -6.45 -21.43 -16.50
C SER A 475 -6.18 -21.90 -15.08
N ILE A 476 -6.14 -20.98 -14.12
CA ILE A 476 -5.82 -21.35 -12.74
C ILE A 476 -6.90 -22.28 -12.21
N VAL A 477 -6.59 -23.00 -11.15
CA VAL A 477 -7.51 -23.95 -10.52
C VAL A 477 -7.80 -23.59 -9.07
N THR A 478 -6.77 -23.63 -8.22
CA THR A 478 -6.96 -23.43 -6.78
C THR A 478 -6.41 -22.08 -6.35
N ASN A 479 -7.00 -21.56 -5.27
CA ASN A 479 -6.63 -20.26 -4.72
C ASN A 479 -6.78 -19.14 -5.76
N GLY A 480 -7.52 -19.42 -6.82
CA GLY A 480 -7.77 -18.40 -7.82
C GLY A 480 -8.83 -17.43 -7.35
N THR A 481 -8.61 -16.16 -7.67
CA THR A 481 -9.50 -15.07 -7.28
C THR A 481 -10.17 -14.58 -8.56
N GLY A 482 -11.29 -15.20 -8.93
CA GLY A 482 -11.97 -14.90 -10.17
C GLY A 482 -12.27 -13.42 -10.34
N SER A 487 -17.99 -2.45 -10.45
CA SER A 487 -19.09 -3.26 -10.96
C SER A 487 -20.26 -3.28 -9.99
N LEU A 488 -19.98 -2.95 -8.73
CA LEU A 488 -21.02 -2.91 -7.72
C LEU A 488 -20.52 -2.13 -6.51
N GLY A 489 -19.92 -2.83 -5.55
CA GLY A 489 -19.19 -2.18 -4.48
C GLY A 489 -17.89 -2.92 -4.24
N ILE A 490 -16.77 -2.23 -4.42
CA ILE A 490 -15.46 -2.85 -4.29
C ILE A 490 -14.62 -2.00 -3.34
N PHE A 491 -13.82 -2.65 -2.51
CA PHE A 491 -13.14 -1.99 -1.42
C PHE A 491 -11.89 -1.25 -1.93
N GLY A 492 -11.10 -0.75 -0.98
CA GLY A 492 -9.88 -0.03 -1.31
C GLY A 492 -9.15 0.32 -0.02
N VAL A 493 -7.97 0.90 -0.18
CA VAL A 493 -7.12 1.27 0.94
C VAL A 493 -6.72 2.72 0.80
N GLY A 494 -6.88 3.49 1.88
CA GLY A 494 -6.61 4.91 1.85
C GLY A 494 -5.24 5.27 2.40
N ILE A 495 -4.95 6.57 2.37
CA ILE A 495 -3.70 7.07 2.91
C ILE A 495 -3.61 6.89 4.41
N LEU A 496 -4.67 6.39 5.05
CA LEU A 496 -4.64 6.10 6.47
C LEU A 496 -4.62 4.62 6.78
N GLN A 497 -5.36 3.80 6.03
CA GLN A 497 -5.30 2.36 6.26
C GLN A 497 -3.91 1.82 5.96
N LEU A 498 -3.29 2.29 4.89
CA LEU A 498 -1.94 1.87 4.59
C LEU A 498 -0.96 2.32 5.66
N ASN A 499 -1.15 3.53 6.20
CA ASN A 499 -0.27 3.97 7.27
C ASN A 499 -0.43 3.10 8.50
N ASP A 500 -1.66 2.68 8.79
CA ASP A 500 -1.85 1.72 9.88
C ASP A 500 -1.11 0.42 9.59
N PHE A 501 -1.25 -0.08 8.36
CA PHE A 501 -0.57 -1.33 7.99
C PHE A 501 0.92 -1.21 8.21
N LEU A 502 1.50 -0.09 7.84
CA LEU A 502 2.95 0.09 7.97
C LEU A 502 3.39 0.34 9.39
N VAL A 503 2.57 1.04 10.20
CA VAL A 503 3.00 1.32 11.56
C VAL A 503 2.84 0.11 12.46
N ASN A 504 1.91 -0.78 12.14
CA ASN A 504 1.60 -1.90 13.03
C ASN A 504 2.18 -3.22 12.56
N CYS A 505 1.91 -3.63 11.33
CA CYS A 505 2.36 -4.95 10.89
C CYS A 505 3.82 -4.92 10.46
N GLN A 506 4.13 -4.18 9.40
CA GLN A 506 5.49 -4.19 8.87
C GLN A 506 6.47 -3.63 9.90
N GLY A 507 6.33 -2.35 10.22
CA GLY A 507 7.27 -1.64 11.06
C GLY A 507 7.80 -0.38 10.41
N GLU A 508 7.65 -0.24 9.11
CA GLU A 508 8.01 1.00 8.44
C GLU A 508 7.12 2.13 8.92
N HIS A 509 7.71 3.31 9.07
CA HIS A 509 6.99 4.52 9.43
C HIS A 509 7.21 5.55 8.33
N CYS A 510 6.16 5.84 7.58
CA CYS A 510 6.24 6.73 6.43
C CYS A 510 5.40 7.97 6.71
N THR A 511 6.01 9.14 6.49
CA THR A 511 5.27 10.38 6.60
C THR A 511 4.26 10.50 5.46
N TYR A 512 3.41 11.52 5.55
CA TYR A 512 2.28 11.63 4.63
C TYR A 512 2.74 11.60 3.17
N ASP A 513 3.48 12.63 2.76
CA ASP A 513 3.86 12.75 1.36
C ASP A 513 4.52 11.47 0.87
N GLU A 514 5.33 10.84 1.72
CA GLU A 514 5.97 9.59 1.33
C GLU A 514 4.92 8.53 0.99
N ILE A 515 3.90 8.40 1.84
CA ILE A 515 2.90 7.37 1.59
C ILE A 515 2.11 7.69 0.35
N LEU A 516 1.79 8.96 0.13
CA LEU A 516 1.08 9.32 -1.09
C LEU A 516 1.91 8.96 -2.32
N SER A 517 3.20 9.27 -2.29
CA SER A 517 4.08 8.86 -3.37
C SER A 517 4.02 7.35 -3.56
N ILE A 518 4.12 6.60 -2.47
CA ILE A 518 4.11 5.15 -2.53
C ILE A 518 2.82 4.62 -3.13
N ILE A 519 1.71 5.35 -2.97
CA ILE A 519 0.44 4.91 -3.53
C ILE A 519 0.38 5.28 -5.00
N GLN A 520 1.07 6.35 -5.38
CA GLN A 520 0.96 6.85 -6.75
C GLN A 520 1.38 5.82 -7.79
N LYS A 521 2.45 5.08 -7.51
CA LYS A 521 3.06 4.25 -8.55
C LYS A 521 2.21 3.03 -8.89
N PHE A 522 1.73 2.31 -7.88
CA PHE A 522 1.29 0.93 -8.07
C PHE A 522 -0.06 0.78 -8.76
N GLU A 523 -0.99 1.68 -8.52
CA GLU A 523 -2.36 1.44 -8.95
C GLU A 523 -2.44 1.28 -10.46
N PRO A 524 -2.86 0.12 -10.97
CA PRO A 524 -3.03 -0.03 -12.42
C PRO A 524 -4.17 0.81 -12.99
N ASN A 525 -5.35 0.66 -12.40
CA ASN A 525 -6.54 1.39 -12.87
C ASN A 525 -6.39 2.86 -12.54
N ILE A 526 -6.17 3.68 -13.58
CA ILE A 526 -5.92 5.10 -13.37
C ILE A 526 -7.08 5.74 -12.62
N SER A 527 -8.30 5.28 -12.87
CA SER A 527 -9.46 5.91 -12.25
C SER A 527 -9.33 5.94 -10.74
N MET A 528 -8.96 4.80 -10.15
CA MET A 528 -8.91 4.68 -8.69
C MET A 528 -7.71 5.39 -8.07
N CYS A 529 -6.71 5.76 -8.88
CA CYS A 529 -5.53 6.40 -8.30
C CYS A 529 -5.86 7.79 -7.79
N HIS A 530 -6.66 8.55 -8.53
CA HIS A 530 -6.88 9.95 -8.16
C HIS A 530 -7.55 10.07 -6.80
N GLN A 531 -8.53 9.22 -6.52
CA GLN A 531 -9.25 9.32 -5.25
C GLN A 531 -8.32 9.12 -4.06
N GLY A 532 -7.15 8.51 -4.27
CA GLY A 532 -6.21 8.26 -3.19
C GLY A 532 -6.36 6.86 -2.60
N LEU A 533 -6.68 5.89 -3.43
CA LEU A 533 -6.99 4.54 -3.00
C LEU A 533 -5.99 3.56 -3.61
N LEU A 534 -6.25 2.26 -3.40
CA LEU A 534 -5.36 1.22 -3.88
C LEU A 534 -6.21 -0.04 -4.06
N SER A 535 -6.60 -0.32 -5.29
CA SER A 535 -7.47 -1.46 -5.56
C SER A 535 -6.71 -2.77 -5.38
N PHE A 536 -7.45 -3.88 -5.31
CA PHE A 536 -6.85 -5.14 -4.94
C PHE A 536 -5.60 -5.44 -5.77
N GLU A 537 -5.71 -5.32 -7.09
CA GLU A 537 -4.54 -5.48 -7.93
C GLU A 537 -3.41 -4.59 -7.44
N GLY A 538 -3.76 -3.38 -7.01
CA GLY A 538 -2.75 -2.49 -6.47
C GLY A 538 -2.06 -3.08 -5.25
N PHE A 539 -2.84 -3.67 -4.34
CA PHE A 539 -2.20 -4.25 -3.15
C PHE A 539 -1.31 -5.42 -3.55
N ALA A 540 -1.80 -6.29 -4.43
CA ALA A 540 -0.97 -7.40 -4.86
C ALA A 540 0.36 -6.88 -5.40
N ARG A 541 0.32 -5.89 -6.29
CA ARG A 541 1.56 -5.36 -6.83
C ARG A 541 2.43 -4.75 -5.76
N PHE A 542 1.83 -4.04 -4.80
CA PHE A 542 2.64 -3.43 -3.75
C PHE A 542 3.38 -4.47 -2.95
N LEU A 543 2.78 -5.64 -2.74
CA LEU A 543 3.47 -6.64 -1.93
C LEU A 543 4.62 -7.30 -2.69
N MET A 544 4.42 -7.63 -3.96
CA MET A 544 5.41 -8.35 -4.73
C MET A 544 6.52 -7.46 -5.28
N ASP A 545 6.72 -6.27 -4.72
CA ASP A 545 7.66 -5.34 -5.31
C ASP A 545 9.06 -5.52 -4.75
N LYS A 546 10.06 -5.09 -5.53
CA LYS A 546 11.46 -5.31 -5.17
C LYS A 546 11.84 -4.59 -3.89
N ASP A 547 11.03 -3.64 -3.43
CA ASP A 547 11.29 -2.97 -2.16
C ASP A 547 10.66 -3.68 -0.99
N ASN A 548 10.36 -4.97 -1.14
CA ASN A 548 9.64 -5.71 -0.14
C ASN A 548 10.21 -7.11 0.12
N PHE A 549 11.27 -7.51 -0.57
CA PHE A 549 11.80 -8.85 -0.39
C PHE A 549 12.42 -8.97 1.00
N ALA A 550 12.69 -10.22 1.40
CA ALA A 550 13.02 -10.52 2.79
C ALA A 550 14.29 -9.81 3.24
N SER A 551 15.41 -10.14 2.60
CA SER A 551 16.71 -9.76 3.13
C SER A 551 16.98 -8.27 2.99
N LYS A 552 17.86 -7.76 3.84
CA LYS A 552 18.36 -6.40 3.74
C LYS A 552 19.59 -6.30 2.85
N ASN A 553 20.10 -7.41 2.32
CA ASN A 553 21.34 -7.42 1.57
C ASN A 553 21.15 -7.22 0.08
N ASP A 554 19.99 -7.55 -0.46
CA ASP A 554 19.81 -7.52 -1.92
C ASP A 554 20.08 -6.15 -2.50
N GLU A 555 20.00 -5.11 -1.68
CA GLU A 555 20.23 -3.73 -2.11
C GLU A 555 21.28 -3.08 -1.22
N SER A 556 22.39 -3.78 -1.02
CA SER A 556 23.42 -3.33 -0.09
C SER A 556 24.60 -2.74 -0.85
N ARG A 557 25.49 -2.08 -0.10
CA ARG A 557 26.71 -1.51 -0.64
C ARG A 557 27.71 -1.35 0.49
N GLU A 558 28.96 -1.09 0.13
CA GLU A 558 30.04 -1.01 1.11
C GLU A 558 29.72 0.05 2.16
N ASN A 559 29.93 -0.32 3.42
CA ASN A 559 29.89 0.61 4.54
C ASN A 559 31.35 0.93 4.88
N LYS A 560 31.86 2.00 4.26
CA LYS A 560 33.25 2.36 4.43
C LYS A 560 33.58 2.76 5.87
N LYS A 561 32.57 2.98 6.70
CA LYS A 561 32.77 3.48 8.05
C LYS A 561 33.10 2.38 9.06
N ASP A 562 33.07 1.11 8.65
CA ASP A 562 33.37 0.00 9.55
C ASP A 562 34.63 -0.76 9.18
N LEU A 563 35.15 -0.59 7.96
CA LEU A 563 36.35 -1.27 7.53
C LEU A 563 37.61 -0.58 8.01
N GLN A 564 37.50 0.33 8.97
CA GLN A 564 38.62 1.12 9.45
C GLN A 564 39.26 0.55 10.71
N LEU A 565 38.76 -0.57 11.22
CA LEU A 565 39.36 -1.23 12.37
C LEU A 565 40.50 -2.15 11.92
N PRO A 566 41.39 -2.51 12.85
CA PRO A 566 42.53 -3.36 12.47
C PRO A 566 42.11 -4.62 11.75
N LEU A 567 43.08 -5.29 11.12
CA LEU A 567 42.78 -6.43 10.26
C LEU A 567 42.43 -7.69 11.04
N SER A 568 42.66 -7.71 12.34
CA SER A 568 42.45 -8.92 13.13
C SER A 568 40.99 -9.15 13.50
N TYR A 569 40.08 -8.29 13.06
CA TYR A 569 38.68 -8.41 13.46
C TYR A 569 37.80 -9.03 12.39
N TYR A 570 37.91 -8.59 11.14
CA TYR A 570 36.94 -8.97 10.14
C TYR A 570 37.13 -10.41 9.71
N TYR A 571 36.01 -11.10 9.45
CA TYR A 571 36.09 -12.36 8.73
C TYR A 571 36.70 -12.12 7.37
N ILE A 572 37.11 -13.18 6.70
CA ILE A 572 37.72 -13.09 5.38
C ILE A 572 37.37 -14.33 4.59
N GLU A 573 36.67 -14.16 3.47
CA GLU A 573 36.42 -15.28 2.59
C GLU A 573 37.74 -15.94 2.22
N SER A 574 37.68 -17.23 1.89
CA SER A 574 38.90 -17.95 1.55
C SER A 574 38.58 -19.19 0.73
N SER A 575 39.63 -19.77 0.16
CA SER A 575 39.54 -20.98 -0.63
C SER A 575 40.63 -21.95 -0.20
N HIS A 576 40.47 -23.21 -0.62
CA HIS A 576 41.44 -24.26 -0.33
C HIS A 576 41.82 -24.96 -1.62
N ASN A 577 43.11 -25.19 -1.81
CA ASN A 577 43.62 -25.80 -3.02
C ASN A 577 42.98 -25.17 -4.26
N THR A 578 43.30 -23.89 -4.42
CA THR A 578 42.64 -23.08 -5.42
C THR A 578 42.59 -23.79 -6.78
N TYR A 579 43.73 -24.29 -7.23
CA TYR A 579 43.82 -24.82 -8.58
C TYR A 579 42.93 -26.05 -8.80
N LEU A 580 42.66 -26.82 -7.76
CA LEU A 580 42.00 -28.10 -7.94
C LEU A 580 40.59 -27.91 -8.52
N THR A 581 40.17 -28.89 -9.33
CA THR A 581 38.81 -28.92 -9.85
C THR A 581 38.02 -30.14 -9.42
N GLY A 582 38.68 -31.26 -9.11
CA GLY A 582 37.98 -32.47 -8.73
C GLY A 582 38.47 -33.03 -7.41
N HIS A 583 38.85 -34.30 -7.40
CA HIS A 583 39.34 -34.92 -6.17
C HIS A 583 40.63 -34.25 -5.71
N GLN A 584 41.08 -34.65 -4.53
CA GLN A 584 42.36 -34.19 -4.01
C GLN A 584 43.54 -35.01 -4.52
N LEU A 585 43.29 -36.11 -5.20
CA LEU A 585 44.36 -36.99 -5.67
C LEU A 585 44.22 -37.41 -7.12
N LYS A 586 43.08 -37.19 -7.76
CA LYS A 586 42.89 -37.56 -9.16
C LYS A 586 42.06 -36.48 -9.83
N GLY A 587 42.70 -35.70 -10.71
CA GLY A 587 41.99 -34.63 -11.38
C GLY A 587 42.96 -33.72 -12.09
N GLU A 588 42.40 -32.62 -12.58
CA GLU A 588 43.16 -31.61 -13.30
C GLU A 588 43.43 -30.42 -12.39
N SER A 589 44.01 -29.36 -12.95
CA SER A 589 44.26 -28.13 -12.21
C SER A 589 44.31 -26.99 -13.20
N SER A 590 43.22 -26.22 -13.27
CA SER A 590 43.04 -25.22 -14.32
C SER A 590 43.39 -23.85 -13.76
N VAL A 591 44.36 -23.18 -14.39
CA VAL A 591 44.82 -21.88 -13.90
C VAL A 591 43.68 -20.88 -13.91
N GLU A 592 42.90 -20.86 -14.99
CA GLU A 592 41.85 -19.86 -15.12
C GLU A 592 40.89 -19.89 -13.94
N LEU A 593 40.73 -21.04 -13.29
CA LEU A 593 39.87 -21.10 -12.13
C LEU A 593 40.32 -20.15 -11.05
N TYR A 594 41.60 -19.76 -11.05
CA TYR A 594 42.06 -18.80 -10.05
C TYR A 594 41.30 -17.49 -10.13
N SER A 595 40.68 -17.18 -11.27
CA SER A 595 39.84 -15.99 -11.36
C SER A 595 38.49 -16.21 -10.70
N GLN A 596 37.89 -17.40 -10.87
CA GLN A 596 36.59 -17.65 -10.29
C GLN A 596 36.59 -17.36 -8.80
N VAL A 597 37.71 -17.65 -8.14
CA VAL A 597 37.82 -17.36 -6.72
C VAL A 597 37.84 -15.85 -6.47
N LEU A 598 38.68 -15.13 -7.21
CA LEU A 598 38.80 -13.69 -6.97
C LEU A 598 37.60 -12.91 -7.50
N LEU A 599 37.08 -13.29 -8.67
CA LEU A 599 35.93 -12.57 -9.21
C LEU A 599 34.72 -12.69 -8.30
N GLN A 600 34.45 -13.89 -7.79
CA GLN A 600 33.30 -14.05 -6.92
C GLN A 600 33.48 -13.33 -5.58
N GLY A 601 34.68 -12.86 -5.28
CA GLY A 601 34.88 -12.01 -4.12
C GLY A 601 35.93 -12.50 -3.15
N CYS A 602 36.36 -13.75 -3.29
CA CYS A 602 37.27 -14.34 -2.32
C CYS A 602 38.56 -13.53 -2.25
N ARG A 603 39.15 -13.49 -1.05
CA ARG A 603 40.35 -12.70 -0.80
C ARG A 603 41.48 -13.55 -0.22
N SER A 604 41.53 -14.84 -0.54
CA SER A 604 42.60 -15.69 -0.04
C SER A 604 42.78 -16.87 -0.98
N ILE A 605 44.02 -17.38 -1.06
CA ILE A 605 44.35 -18.45 -1.98
C ILE A 605 45.62 -19.14 -1.50
N GLU A 606 45.85 -20.35 -1.99
CA GLU A 606 46.96 -21.19 -1.57
C GLU A 606 47.90 -21.46 -2.72
N LEU A 607 49.19 -21.57 -2.42
CA LEU A 607 50.23 -21.87 -3.40
C LEU A 607 50.98 -23.13 -2.97
N ASP A 608 50.81 -24.21 -3.73
CA ASP A 608 51.53 -25.46 -3.49
C ASP A 608 52.72 -25.52 -4.44
N CYS A 609 53.77 -24.79 -4.08
CA CYS A 609 54.95 -24.69 -4.92
C CYS A 609 55.78 -25.97 -4.80
N TRP A 610 56.29 -26.44 -5.94
CA TRP A 610 57.14 -27.61 -6.00
C TRP A 610 58.34 -27.32 -6.89
N ASP A 611 59.41 -28.06 -6.68
CA ASP A 611 60.60 -27.89 -7.51
C ASP A 611 60.25 -28.12 -8.98
N GLY A 612 60.74 -27.23 -9.83
CA GLY A 612 60.41 -27.31 -11.24
C GLY A 612 61.17 -28.42 -11.94
N ASP A 613 60.62 -28.81 -13.08
CA ASP A 613 61.27 -29.82 -13.92
C ASP A 613 62.38 -29.22 -14.77
N ASP A 614 62.43 -27.90 -14.91
CA ASP A 614 63.45 -27.23 -15.71
C ASP A 614 63.95 -25.96 -15.03
N GLY A 615 63.73 -25.82 -13.72
CA GLY A 615 64.09 -24.64 -12.98
C GLY A 615 62.92 -23.71 -12.67
N MET A 616 61.80 -23.88 -13.37
CA MET A 616 60.63 -23.06 -13.13
C MET A 616 59.65 -23.83 -12.24
N PRO A 617 59.33 -23.35 -11.04
CA PRO A 617 58.45 -24.11 -10.16
C PRO A 617 57.09 -24.35 -10.79
N ILE A 618 56.49 -25.50 -10.46
CA ILE A 618 55.16 -25.86 -10.91
C ILE A 618 54.33 -26.26 -9.70
N ILE A 619 53.02 -26.23 -9.89
CA ILE A 619 52.06 -26.48 -8.83
C ILE A 619 51.33 -27.78 -9.14
N TYR A 620 51.36 -28.70 -8.18
CA TYR A 620 50.65 -29.97 -8.34
C TYR A 620 50.41 -30.56 -6.96
N HIS A 621 49.27 -31.22 -6.81
CA HIS A 621 48.98 -31.90 -5.55
C HIS A 621 50.04 -32.95 -5.28
N GLY A 622 50.58 -32.95 -4.07
CA GLY A 622 51.74 -33.74 -3.73
C GLY A 622 51.63 -35.22 -4.03
N HIS A 623 52.43 -35.69 -4.99
CA HIS A 623 52.59 -37.12 -5.26
C HIS A 623 51.24 -37.77 -5.59
N THR A 624 50.66 -37.33 -6.71
CA THR A 624 49.38 -37.84 -7.16
C THR A 624 49.40 -37.87 -8.69
N LEU A 625 48.23 -38.09 -9.28
CA LEU A 625 48.06 -38.04 -10.72
C LEU A 625 47.60 -36.67 -11.19
N THR A 626 47.52 -35.69 -10.29
CA THR A 626 47.07 -34.36 -10.67
C THR A 626 48.07 -33.71 -11.61
N THR A 627 47.56 -33.00 -12.61
CA THR A 627 48.42 -32.35 -13.58
C THR A 627 49.13 -31.16 -12.95
N LYS A 628 50.13 -30.65 -13.66
CA LYS A 628 50.93 -29.52 -13.20
C LYS A 628 50.61 -28.28 -14.03
N ILE A 629 51.10 -27.14 -13.56
CA ILE A 629 50.83 -25.85 -14.21
C ILE A 629 52.06 -24.97 -14.09
N PRO A 630 52.21 -24.02 -15.01
CA PRO A 630 53.35 -23.08 -14.92
C PRO A 630 53.11 -22.05 -13.82
N PHE A 631 54.09 -21.94 -12.91
CA PHE A 631 53.93 -21.05 -11.76
C PHE A 631 53.74 -19.60 -12.20
N LYS A 632 54.55 -19.13 -13.14
CA LYS A 632 54.45 -17.74 -13.58
C LYS A 632 53.09 -17.49 -14.20
N GLU A 633 52.56 -18.46 -14.95
CA GLU A 633 51.22 -18.30 -15.51
C GLU A 633 50.21 -17.98 -14.42
N VAL A 634 50.23 -18.74 -13.32
CA VAL A 634 49.29 -18.51 -12.23
C VAL A 634 49.54 -17.17 -11.59
N VAL A 635 50.80 -16.84 -11.30
CA VAL A 635 51.09 -15.58 -10.62
C VAL A 635 50.55 -14.42 -11.43
N GLU A 636 50.71 -14.47 -12.75
CA GLU A 636 50.21 -13.38 -13.57
C GLU A 636 48.68 -13.41 -13.66
N ALA A 637 48.09 -14.60 -13.81
CA ALA A 637 46.63 -14.68 -13.89
C ALA A 637 45.97 -14.16 -12.63
N ILE A 638 46.68 -14.20 -11.51
CA ILE A 638 46.18 -13.53 -10.31
C ILE A 638 46.25 -12.02 -10.47
N ASP A 639 47.37 -11.51 -10.98
CA ASP A 639 47.57 -10.07 -11.01
C ASP A 639 46.52 -9.37 -11.87
N ARG A 640 46.24 -9.92 -13.05
CA ARG A 640 45.32 -9.25 -13.96
C ARG A 640 43.92 -9.17 -13.37
N SER A 641 43.46 -10.23 -12.72
CA SER A 641 42.11 -10.30 -12.18
C SER A 641 42.08 -10.12 -10.67
N ALA A 642 43.15 -9.59 -10.09
CA ALA A 642 43.22 -9.50 -8.63
C ALA A 642 42.18 -8.55 -8.07
N PHE A 643 41.93 -7.43 -8.74
CA PHE A 643 41.12 -6.37 -8.19
C PHE A 643 40.09 -5.88 -9.20
N ILE A 644 39.39 -6.82 -9.83
CA ILE A 644 38.26 -6.43 -10.67
C ILE A 644 37.10 -5.97 -9.81
N THR A 645 36.60 -6.86 -8.95
CA THR A 645 35.44 -6.51 -8.14
C THR A 645 35.81 -5.65 -6.95
N SER A 646 36.54 -6.20 -6.00
CA SER A 646 36.86 -5.51 -4.76
C SER A 646 37.99 -4.53 -4.99
N ASP A 647 38.36 -3.83 -3.92
CA ASP A 647 39.56 -3.00 -3.88
C ASP A 647 40.21 -3.11 -2.51
N LEU A 648 40.05 -4.26 -1.86
CA LEU A 648 40.58 -4.52 -0.53
C LEU A 648 41.65 -5.61 -0.58
N PRO A 649 42.61 -5.59 0.34
CA PRO A 649 43.79 -6.43 0.20
C PRO A 649 43.43 -7.91 0.22
N ILE A 650 44.26 -8.70 -0.46
CA ILE A 650 44.11 -10.15 -0.52
C ILE A 650 45.41 -10.78 -0.06
N ILE A 651 45.31 -11.89 0.66
CA ILE A 651 46.46 -12.57 1.23
C ILE A 651 46.66 -13.89 0.49
N ILE A 652 47.89 -14.13 0.04
CA ILE A 652 48.26 -15.36 -0.64
C ILE A 652 49.12 -16.19 0.31
N SER A 653 48.71 -17.42 0.57
CA SER A 653 49.47 -18.33 1.41
C SER A 653 50.45 -19.12 0.55
N ILE A 654 51.67 -19.28 1.05
CA ILE A 654 52.76 -19.87 0.29
C ILE A 654 53.19 -21.17 0.96
N GLU A 655 53.18 -22.27 0.18
CA GLU A 655 53.72 -23.55 0.60
C GLU A 655 54.95 -23.84 -0.26
N ASN A 656 56.07 -24.11 0.39
CA ASN A 656 57.35 -24.25 -0.31
C ASN A 656 57.74 -25.72 -0.37
N HIS A 657 57.79 -26.27 -1.59
CA HIS A 657 58.44 -27.54 -1.87
C HIS A 657 59.44 -27.38 -3.00
N CYS A 658 60.08 -26.21 -3.08
CA CYS A 658 61.01 -25.89 -4.14
C CYS A 658 62.43 -25.79 -3.59
N SER A 659 63.40 -25.67 -4.49
CA SER A 659 64.80 -25.48 -4.13
C SER A 659 65.10 -23.99 -4.05
N LEU A 660 66.07 -23.65 -3.20
CA LEU A 660 66.36 -22.24 -2.94
C LEU A 660 66.60 -21.44 -4.22
N PRO A 661 67.39 -21.91 -5.18
CA PRO A 661 67.49 -21.15 -6.45
C PRO A 661 66.15 -20.98 -7.13
N GLN A 662 65.31 -22.03 -7.11
CA GLN A 662 63.99 -21.93 -7.73
C GLN A 662 63.03 -21.10 -6.89
N GLN A 663 63.27 -21.02 -5.58
CA GLN A 663 62.49 -20.10 -4.76
C GLN A 663 62.85 -18.65 -5.07
N ARG A 664 64.13 -18.40 -5.41
CA ARG A 664 64.49 -17.07 -5.88
C ARG A 664 63.77 -16.75 -7.18
N LYS A 665 63.49 -17.75 -8.01
CA LYS A 665 62.66 -17.52 -9.18
C LYS A 665 61.32 -16.95 -8.78
N MET A 666 60.69 -17.53 -7.76
CA MET A 666 59.42 -17.01 -7.27
C MET A 666 59.57 -15.59 -6.74
N ALA A 667 60.63 -15.35 -5.98
CA ALA A 667 60.84 -14.02 -5.42
C ALA A 667 60.88 -12.97 -6.53
N GLU A 668 61.71 -13.22 -7.55
CA GLU A 668 61.82 -12.27 -8.66
C GLU A 668 60.53 -12.19 -9.45
N ILE A 669 59.85 -13.32 -9.66
CA ILE A 669 58.60 -13.30 -10.42
C ILE A 669 57.58 -12.41 -9.74
N PHE A 670 57.49 -12.50 -8.41
CA PHE A 670 56.56 -11.63 -7.70
C PHE A 670 57.00 -10.18 -7.76
N LYS A 671 58.28 -9.90 -7.46
CA LYS A 671 58.73 -8.51 -7.49
C LYS A 671 58.49 -7.89 -8.86
N SER A 672 58.48 -8.71 -9.92
CA SER A 672 58.23 -8.21 -11.27
C SER A 672 56.74 -8.04 -11.54
N VAL A 673 55.97 -9.13 -11.43
CA VAL A 673 54.57 -9.09 -11.84
C VAL A 673 53.79 -8.10 -10.99
N PHE A 674 54.00 -8.11 -9.68
CA PHE A 674 53.26 -7.20 -8.81
C PHE A 674 53.96 -5.87 -8.62
N GLY A 675 55.26 -5.87 -8.37
CA GLY A 675 55.94 -4.62 -8.13
C GLY A 675 55.42 -3.95 -6.87
N GLU A 676 54.96 -2.71 -7.01
CA GLU A 676 54.54 -1.94 -5.84
C GLU A 676 53.26 -2.49 -5.22
N LYS A 677 52.42 -3.17 -6.01
CA LYS A 677 51.21 -3.76 -5.45
C LYS A 677 51.54 -4.59 -4.22
N LEU A 678 52.49 -5.50 -4.36
CA LEU A 678 52.94 -6.29 -3.22
C LEU A 678 53.55 -5.38 -2.16
N VAL A 679 53.06 -5.52 -0.93
CA VAL A 679 53.65 -4.77 0.18
C VAL A 679 55.10 -5.17 0.32
N ALA A 680 56.00 -4.19 0.30
CA ALA A 680 57.43 -4.46 0.35
C ALA A 680 57.98 -4.47 1.77
N LYS A 681 57.70 -3.44 2.55
CA LYS A 681 58.17 -3.34 3.92
C LYS A 681 57.09 -2.68 4.76
N PHE A 682 57.46 -2.27 5.97
CA PHE A 682 56.51 -1.58 6.84
C PHE A 682 56.07 -0.27 6.19
N LEU A 683 54.80 0.08 6.41
CA LEU A 683 54.18 1.21 5.74
C LEU A 683 53.81 2.36 6.65
N PHE A 684 53.25 2.09 7.82
CA PHE A 684 52.64 3.11 8.66
C PHE A 684 53.46 3.37 9.91
N GLU A 685 53.30 4.57 10.46
CA GLU A 685 54.00 4.93 11.69
C GLU A 685 53.57 4.04 12.85
N THR A 686 52.27 3.73 12.94
CA THR A 686 51.78 2.90 14.03
C THR A 686 52.52 1.57 14.09
N ASP A 687 53.00 1.07 12.95
CA ASP A 687 53.80 -0.15 12.96
C ASP A 687 55.03 0.02 13.82
N PHE A 688 55.69 1.18 13.73
CA PHE A 688 56.89 1.47 14.53
C PHE A 688 56.46 2.11 15.86
N SER A 689 55.91 1.26 16.72
CA SER A 689 55.49 1.68 18.05
C SER A 689 55.61 0.49 18.98
N ASP A 690 55.67 0.79 20.29
CA ASP A 690 55.85 -0.27 21.27
C ASP A 690 54.67 -1.23 21.32
N ASP A 691 53.53 -0.87 20.75
CA ASP A 691 52.32 -1.70 20.76
C ASP A 691 51.74 -1.75 19.34
N PRO A 692 52.38 -2.47 18.43
CA PRO A 692 51.86 -2.53 17.06
C PRO A 692 50.50 -3.21 16.97
N MET A 693 49.72 -2.76 15.99
CA MET A 693 48.43 -3.37 15.70
C MET A 693 48.24 -3.38 14.18
N LEU A 694 47.50 -4.38 13.70
CA LEU A 694 47.36 -4.53 12.26
C LEU A 694 46.68 -3.30 11.66
N PRO A 695 47.17 -2.78 10.53
CA PRO A 695 46.45 -1.71 9.85
C PRO A 695 45.12 -2.18 9.28
N SER A 696 44.21 -1.23 9.15
CA SER A 696 42.86 -1.54 8.68
C SER A 696 42.89 -1.95 7.21
N PRO A 697 41.90 -2.73 6.77
CA PRO A 697 41.87 -3.12 5.36
C PRO A 697 41.81 -1.94 4.40
N ASP A 698 41.12 -0.87 4.78
CA ASP A 698 40.98 0.26 3.86
C ASP A 698 42.32 0.90 3.58
N GLN A 699 43.18 1.02 4.60
CA GLN A 699 44.49 1.62 4.39
C GLN A 699 45.34 0.81 3.42
N LEU A 700 44.95 -0.42 3.13
CA LEU A 700 45.68 -1.30 2.24
C LEU A 700 44.86 -1.65 1.00
N ARG A 701 43.95 -0.77 0.61
CA ARG A 701 43.06 -1.06 -0.50
C ARG A 701 43.85 -1.40 -1.75
N ARG A 702 43.42 -2.46 -2.44
CA ARG A 702 44.02 -2.96 -3.66
C ARG A 702 45.44 -3.48 -3.46
N LYS A 703 45.94 -3.53 -2.23
CA LYS A 703 47.25 -4.07 -1.95
C LYS A 703 47.21 -5.60 -2.07
N VAL A 704 48.32 -6.24 -1.72
CA VAL A 704 48.40 -7.70 -1.61
C VAL A 704 49.38 -8.05 -0.52
N LEU A 705 49.15 -9.17 0.13
CA LEU A 705 50.00 -9.66 1.21
C LEU A 705 50.37 -11.11 0.98
N LEU A 706 51.49 -11.51 1.58
CA LEU A 706 51.97 -12.88 1.49
C LEU A 706 52.09 -13.48 2.87
N LYS A 707 51.49 -14.64 3.06
CA LYS A 707 51.63 -15.43 4.27
C LYS A 707 52.63 -16.55 4.00
N ASN A 708 53.64 -16.64 4.85
CA ASN A 708 54.71 -17.63 4.68
C ASN A 708 55.65 -17.52 5.88
N LYS A 709 56.61 -18.43 5.92
CA LYS A 709 57.62 -18.39 6.97
C LYS A 709 58.56 -17.21 6.77
N LYS A 710 59.02 -16.64 7.89
CA LYS A 710 59.90 -15.48 7.86
C LYS A 710 61.16 -15.78 8.67
N LEU A 711 62.32 -15.49 8.08
CA LEU A 711 63.58 -15.72 8.76
C LEU A 711 63.77 -14.69 9.87
N LYS A 712 64.44 -15.12 10.94
CA LYS A 712 64.71 -14.25 12.08
C LYS A 712 65.94 -13.40 11.83
N ILE A 830 64.70 -21.63 3.49
CA ILE A 830 64.10 -20.73 2.50
C ILE A 830 65.06 -19.59 2.19
N ALA A 831 65.09 -19.18 0.93
CA ALA A 831 66.02 -18.15 0.51
C ALA A 831 65.66 -16.82 1.17
N PRO A 832 66.65 -15.97 1.47
CA PRO A 832 66.34 -14.67 2.07
C PRO A 832 65.50 -13.79 1.17
N GLU A 833 65.58 -13.96 -0.16
CA GLU A 833 64.83 -13.11 -1.06
C GLU A 833 63.33 -13.24 -0.81
N LEU A 834 62.83 -14.47 -0.84
CA LEU A 834 61.40 -14.69 -0.62
C LEU A 834 60.99 -14.25 0.78
N SER A 835 61.82 -14.57 1.78
CA SER A 835 61.45 -14.27 3.17
C SER A 835 61.35 -12.76 3.39
N ASP A 836 62.24 -11.99 2.77
CA ASP A 836 62.22 -10.54 2.97
C ASP A 836 60.96 -9.90 2.42
N LEU A 837 60.18 -10.63 1.61
CA LEU A 837 58.92 -10.12 1.10
C LEU A 837 57.76 -10.28 2.08
N VAL A 838 57.97 -10.98 3.20
CA VAL A 838 56.91 -11.27 4.16
C VAL A 838 57.17 -10.45 5.42
N ILE A 839 56.23 -9.58 5.76
CA ILE A 839 56.33 -8.72 6.93
C ILE A 839 55.15 -8.89 7.87
N TYR A 840 53.93 -8.89 7.33
CA TYR A 840 52.74 -8.86 8.17
C TYR A 840 52.16 -10.24 8.45
N CYS A 841 52.46 -11.23 7.62
CA CYS A 841 51.89 -12.57 7.76
C CYS A 841 53.02 -13.59 7.86
N GLN A 842 53.50 -13.82 9.08
CA GLN A 842 54.48 -14.85 9.36
C GLN A 842 53.78 -16.10 9.86
N ALA A 843 54.23 -17.25 9.39
CA ALA A 843 53.64 -18.54 9.71
C ALA A 843 54.54 -19.26 10.70
N VAL A 844 54.35 -18.96 11.99
CA VAL A 844 55.07 -19.61 13.07
C VAL A 844 54.11 -20.58 13.74
N LYS A 845 54.53 -21.84 13.88
CA LYS A 845 53.61 -22.85 14.38
C LYS A 845 53.05 -22.45 15.73
N PHE A 846 51.74 -22.60 15.88
CA PHE A 846 51.03 -22.08 17.04
C PHE A 846 51.56 -22.72 18.32
N PRO A 847 52.07 -21.93 19.29
CA PRO A 847 52.47 -22.50 20.57
C PRO A 847 51.28 -23.00 21.38
N PRO A 919 55.89 -8.41 16.14
CA PRO A 919 55.50 -9.06 17.40
C PRO A 919 54.34 -10.05 17.22
N LYS A 920 53.56 -10.24 18.29
CA LYS A 920 52.51 -11.24 18.26
C LYS A 920 51.50 -10.95 17.15
N CYS A 921 51.33 -9.67 16.80
CA CYS A 921 50.31 -9.31 15.82
C CYS A 921 50.57 -9.97 14.47
N TYR A 922 51.82 -9.98 14.02
CA TYR A 922 52.15 -10.48 12.69
C TYR A 922 52.23 -11.99 12.62
N HIS A 923 52.21 -12.69 13.75
CA HIS A 923 52.36 -14.13 13.77
C HIS A 923 51.01 -14.78 13.52
N ILE A 924 50.83 -15.33 12.33
CA ILE A 924 49.59 -15.97 11.91
C ILE A 924 49.84 -17.46 11.80
N SER A 925 49.04 -18.26 12.48
CA SER A 925 49.18 -19.71 12.48
C SER A 925 48.10 -20.33 11.61
N SER A 926 48.33 -21.58 11.24
CA SER A 926 47.37 -22.38 10.51
C SER A 926 47.23 -23.72 11.21
N LEU A 927 45.99 -24.19 11.31
CA LEU A 927 45.69 -25.41 12.05
C LEU A 927 44.78 -26.29 11.22
N ASN A 928 45.04 -27.59 11.26
CA ASN A 928 44.17 -28.54 10.57
C ASN A 928 42.79 -28.55 11.23
N GLU A 929 41.80 -29.03 10.48
CA GLU A 929 40.43 -29.07 10.96
C GLU A 929 40.35 -29.65 12.37
N ASN A 930 40.76 -30.92 12.51
CA ASN A 930 40.58 -31.61 13.78
C ASN A 930 41.35 -30.93 14.90
N ALA A 931 42.56 -30.45 14.61
CA ALA A 931 43.35 -29.79 15.64
C ALA A 931 42.62 -28.57 16.17
N ALA A 932 42.09 -27.74 15.27
CA ALA A 932 41.35 -26.56 15.70
C ALA A 932 40.08 -26.95 16.44
N LYS A 933 39.40 -28.00 15.99
CA LYS A 933 38.18 -28.43 16.66
C LYS A 933 38.46 -28.80 18.11
N ARG A 934 39.49 -29.61 18.34
CA ARG A 934 39.84 -29.99 19.70
C ARG A 934 40.34 -28.80 20.49
N LEU A 935 41.04 -27.87 19.84
CA LEU A 935 41.46 -26.66 20.52
C LEU A 935 40.27 -25.89 21.05
N CYS A 936 39.23 -25.75 20.22
CA CYS A 936 38.01 -25.09 20.67
C CYS A 936 37.39 -25.83 21.83
N ARG A 937 37.19 -27.15 21.67
CA ARG A 937 36.48 -27.90 22.69
C ARG A 937 37.20 -27.82 24.03
N ARG A 938 38.52 -27.98 24.02
CA ARG A 938 39.29 -27.89 25.26
C ARG A 938 39.45 -26.47 25.75
N TYR A 939 39.33 -25.48 24.87
CA TYR A 939 39.57 -24.09 25.24
C TYR A 939 38.62 -23.21 24.43
N SER A 940 37.78 -22.44 25.12
CA SER A 940 36.94 -21.44 24.45
C SER A 940 37.47 -20.03 24.66
N GLN A 941 37.56 -19.60 25.91
CA GLN A 941 37.88 -18.20 26.19
C GLN A 941 39.29 -17.86 25.71
N LYS A 942 40.25 -18.74 25.98
CA LYS A 942 41.62 -18.46 25.59
C LYS A 942 41.75 -18.36 24.08
N LEU A 943 41.17 -19.31 23.35
CA LEU A 943 41.23 -19.27 21.90
C LEU A 943 40.55 -18.02 21.36
N ILE A 944 39.39 -17.69 21.90
CA ILE A 944 38.65 -16.53 21.41
C ILE A 944 39.47 -15.26 21.62
N GLN A 945 40.05 -15.11 22.81
CA GLN A 945 40.92 -13.96 23.04
C GLN A 945 42.13 -13.99 22.12
N HIS A 946 42.60 -15.17 21.75
CA HIS A 946 43.70 -15.27 20.80
C HIS A 946 43.29 -14.72 19.44
N THR A 947 42.06 -14.98 19.02
CA THR A 947 41.59 -14.45 17.74
C THR A 947 41.43 -12.94 17.76
N ALA A 948 41.52 -12.30 18.91
CA ALA A 948 41.34 -10.86 19.01
C ALA A 948 42.62 -10.06 18.73
N CYS A 949 43.74 -10.73 18.46
CA CYS A 949 44.99 -10.04 18.20
C CYS A 949 45.77 -10.60 17.02
N GLN A 950 45.25 -11.61 16.33
CA GLN A 950 45.98 -12.25 15.25
C GLN A 950 44.99 -12.88 14.28
N LEU A 951 45.50 -13.38 13.16
CA LEU A 951 44.70 -14.21 12.28
C LEU A 951 45.00 -15.68 12.54
N LEU A 952 44.06 -16.53 12.14
CA LEU A 952 44.20 -17.97 12.33
C LEU A 952 43.32 -18.67 11.31
N ARG A 953 43.93 -19.19 10.26
CA ARG A 953 43.13 -19.79 9.19
C ARG A 953 42.75 -21.21 9.54
N THR A 954 42.05 -21.86 8.61
CA THR A 954 41.62 -23.24 8.80
C THR A 954 41.23 -23.83 7.46
N TYR A 955 41.52 -25.11 7.27
CA TYR A 955 41.30 -25.80 6.00
C TYR A 955 40.69 -27.17 6.24
N PRO A 956 40.01 -27.71 5.24
CA PRO A 956 39.41 -29.04 5.40
C PRO A 956 40.47 -30.09 5.74
N ALA A 957 39.99 -31.30 6.03
CA ALA A 957 40.85 -32.37 6.51
C ALA A 957 41.39 -33.22 5.37
N ALA A 958 42.46 -33.95 5.69
CA ALA A 958 43.13 -34.76 4.68
C ALA A 958 42.28 -35.96 4.25
N THR A 959 41.52 -36.54 5.17
CA THR A 959 40.78 -37.76 4.86
C THR A 959 39.82 -37.56 3.70
N ARG A 960 39.43 -36.32 3.43
CA ARG A 960 38.51 -36.03 2.33
C ARG A 960 39.25 -36.20 1.01
N ILE A 961 38.66 -36.97 0.10
CA ILE A 961 39.17 -37.11 -1.26
C ILE A 961 38.16 -36.71 -2.31
N ASP A 962 36.94 -36.36 -1.91
CA ASP A 962 35.95 -35.78 -2.81
C ASP A 962 35.54 -34.37 -2.38
N SER A 963 36.24 -33.79 -1.40
CA SER A 963 35.99 -32.42 -0.96
C SER A 963 34.57 -32.27 -0.39
N SER A 964 34.30 -32.98 0.70
CA SER A 964 33.12 -32.71 1.51
C SER A 964 33.48 -31.63 2.53
N ASN A 965 32.87 -30.47 2.39
CA ASN A 965 33.33 -29.31 3.14
C ASN A 965 32.83 -29.34 4.58
N PRO A 966 33.57 -28.75 5.51
CA PRO A 966 33.13 -28.72 6.91
C PRO A 966 32.09 -27.65 7.17
N ASN A 967 31.26 -27.88 8.17
CA ASN A 967 30.34 -26.83 8.61
C ASN A 967 31.13 -25.77 9.38
N PRO A 968 31.41 -24.61 8.79
CA PRO A 968 32.34 -23.68 9.45
C PRO A 968 31.80 -23.08 10.72
N LEU A 969 30.48 -23.10 10.95
CA LEU A 969 29.90 -22.31 12.04
C LEU A 969 30.57 -22.61 13.37
N MET A 970 30.90 -23.88 13.61
CA MET A 970 31.64 -24.21 14.82
C MET A 970 32.90 -23.36 14.91
N PHE A 971 33.51 -23.05 13.76
CA PHE A 971 34.74 -22.26 13.75
C PHE A 971 34.43 -20.78 13.84
N TRP A 972 33.49 -20.28 13.04
CA TRP A 972 33.23 -18.85 13.01
C TRP A 972 32.93 -18.32 14.40
N LEU A 973 32.30 -19.13 15.25
CA LEU A 973 31.86 -18.64 16.55
C LEU A 973 33.02 -18.11 17.37
N HIS A 974 34.12 -18.86 17.42
CA HIS A 974 35.22 -18.48 18.30
C HIS A 974 36.07 -17.36 17.73
N GLY A 975 35.91 -17.03 16.45
CA GLY A 975 36.66 -15.95 15.84
C GLY A 975 37.68 -16.37 14.80
N ILE A 976 37.61 -17.60 14.31
CA ILE A 976 38.52 -18.02 13.24
C ILE A 976 38.17 -17.23 11.99
N GLN A 977 39.13 -16.46 11.49
CA GLN A 977 38.84 -15.57 10.38
C GLN A 977 38.83 -16.31 9.04
N LEU A 978 39.96 -16.89 8.66
CA LEU A 978 40.14 -17.49 7.34
C LEU A 978 39.73 -18.95 7.41
N VAL A 979 38.47 -19.22 7.11
CA VAL A 979 37.96 -20.59 7.07
C VAL A 979 38.00 -21.02 5.60
N ALA A 980 39.13 -21.57 5.18
CA ALA A 980 39.28 -21.93 3.79
C ALA A 980 38.36 -23.10 3.42
N LEU A 981 37.86 -23.08 2.19
CA LEU A 981 36.97 -24.14 1.71
C LEU A 981 37.34 -24.54 0.30
N ASN A 982 36.54 -25.40 -0.33
CA ASN A 982 36.71 -25.80 -1.72
C ASN A 982 35.54 -25.26 -2.52
N TYR A 983 35.85 -24.58 -3.62
CA TYR A 983 34.83 -23.86 -4.39
C TYR A 983 34.30 -24.67 -5.56
N GLN A 984 34.25 -25.99 -5.43
CA GLN A 984 33.71 -26.83 -6.50
C GLN A 984 32.77 -27.90 -5.96
N THR A 985 32.14 -27.65 -4.83
CA THR A 985 31.22 -28.60 -4.20
C THR A 985 29.89 -27.92 -3.94
N ASP A 986 28.82 -28.53 -4.44
CA ASP A 986 27.46 -28.01 -4.25
C ASP A 986 26.90 -28.63 -2.98
N ASP A 987 27.29 -28.05 -1.83
CA ASP A 987 26.88 -28.60 -0.55
C ASP A 987 26.66 -27.46 0.43
N LEU A 988 25.93 -27.78 1.50
CA LEU A 988 25.46 -26.77 2.43
C LEU A 988 26.56 -25.85 2.94
N PRO A 989 27.71 -26.33 3.39
CA PRO A 989 28.70 -25.40 3.94
C PRO A 989 29.09 -24.33 2.95
N LEU A 990 29.16 -24.67 1.67
CA LEU A 990 29.52 -23.67 0.68
C LEU A 990 28.49 -22.55 0.62
N HIS A 991 27.20 -22.91 0.63
CA HIS A 991 26.18 -21.88 0.60
C HIS A 991 26.21 -21.05 1.88
N LEU A 992 26.50 -21.69 3.01
CA LEU A 992 26.63 -20.91 4.24
C LEU A 992 27.73 -19.88 4.10
N ASN A 993 28.89 -20.29 3.60
CA ASN A 993 29.99 -19.35 3.42
C ASN A 993 29.59 -18.24 2.46
N ALA A 994 28.90 -18.60 1.37
CA ALA A 994 28.51 -17.60 0.38
C ALA A 994 27.56 -16.58 0.99
N ALA A 995 26.57 -17.04 1.75
CA ALA A 995 25.59 -16.12 2.31
C ALA A 995 26.22 -15.26 3.39
N MET A 996 27.23 -15.79 4.09
CA MET A 996 27.82 -15.01 5.18
C MET A 996 28.40 -13.70 4.69
N PHE A 997 28.79 -13.61 3.42
CA PHE A 997 29.52 -12.46 2.91
C PHE A 997 28.69 -11.57 1.99
N GLU A 998 27.43 -11.90 1.74
CA GLU A 998 26.61 -10.99 0.94
C GLU A 998 26.60 -9.59 1.54
N ALA A 999 26.70 -9.50 2.86
CA ALA A 999 26.66 -8.21 3.52
C ALA A 999 27.83 -7.34 3.07
N ASN A 1000 27.84 -6.12 3.59
CA ASN A 1000 28.92 -5.17 3.34
C ASN A 1000 29.35 -5.21 1.88
N GLY A 1001 28.36 -5.30 0.98
CA GLY A 1001 28.62 -5.24 -0.45
C GLY A 1001 29.04 -6.56 -1.05
N GLY A 1002 29.90 -7.29 -0.33
CA GLY A 1002 30.50 -8.49 -0.87
C GLY A 1002 32.02 -8.40 -0.86
N CYS A 1003 32.55 -7.31 -0.29
CA CYS A 1003 33.99 -7.14 -0.19
C CYS A 1003 34.62 -8.11 0.79
N GLY A 1004 33.85 -8.99 1.39
CA GLY A 1004 34.43 -10.05 2.18
C GLY A 1004 35.18 -9.60 3.40
N TYR A 1005 34.79 -8.48 4.00
CA TYR A 1005 35.34 -8.07 5.29
C TYR A 1005 34.16 -7.62 6.15
N VAL A 1006 33.48 -8.56 6.78
CA VAL A 1006 32.34 -8.26 7.64
C VAL A 1006 32.86 -8.27 9.07
N LEU A 1007 32.59 -7.18 9.79
CA LEU A 1007 33.09 -7.06 11.15
C LEU A 1007 32.58 -8.21 12.01
N LYS A 1008 33.46 -8.78 12.81
CA LYS A 1008 33.08 -9.85 13.70
C LYS A 1008 32.24 -9.31 14.85
N PRO A 1009 31.44 -10.16 15.48
CA PRO A 1009 30.55 -9.68 16.53
C PRO A 1009 31.30 -8.91 17.60
N PRO A 1010 30.76 -7.79 18.07
CA PRO A 1010 31.49 -7.00 19.08
C PRO A 1010 31.69 -7.76 20.37
N VAL A 1011 30.91 -8.80 20.62
CA VAL A 1011 31.06 -9.55 21.86
C VAL A 1011 32.46 -10.12 21.99
N LEU A 1012 33.03 -10.61 20.89
CA LEU A 1012 34.31 -11.29 20.97
C LEU A 1012 35.46 -10.34 21.26
N TRP A 1013 35.42 -9.12 20.75
CA TRP A 1013 36.55 -8.23 20.79
C TRP A 1013 36.28 -6.87 21.41
N ASP A 1014 35.02 -6.43 21.43
CA ASP A 1014 34.70 -5.13 22.01
C ASP A 1014 34.77 -5.23 23.54
N LYS A 1015 35.79 -4.62 24.13
CA LYS A 1015 35.93 -4.66 25.58
C LYS A 1015 34.72 -4.03 26.29
N SER A 1016 34.13 -3.00 25.69
CA SER A 1016 33.01 -2.32 26.31
C SER A 1016 31.77 -3.19 26.44
N CYS A 1017 31.73 -4.32 25.74
CA CYS A 1017 30.61 -5.23 25.88
C CYS A 1017 30.56 -5.76 27.31
N PRO A 1018 29.38 -5.96 27.88
CA PRO A 1018 29.30 -6.53 29.24
C PRO A 1018 29.51 -8.02 29.29
N MET A 1019 29.52 -8.71 28.14
CA MET A 1019 29.82 -10.13 28.08
C MET A 1019 31.20 -10.40 27.51
N TYR A 1020 32.02 -9.37 27.35
CA TYR A 1020 33.36 -9.55 26.81
C TYR A 1020 34.14 -10.57 27.63
N GLN A 1021 34.70 -11.57 26.95
CA GLN A 1021 35.48 -12.65 27.53
C GLN A 1021 34.67 -13.58 28.41
N LYS A 1022 33.36 -13.35 28.56
CA LYS A 1022 32.52 -14.15 29.43
C LYS A 1022 31.46 -14.92 28.66
N PHE A 1023 31.62 -15.03 27.34
CA PHE A 1023 30.68 -15.72 26.48
C PHE A 1023 31.42 -16.85 25.76
N SER A 1024 31.11 -18.09 26.13
CA SER A 1024 31.73 -19.25 25.51
C SER A 1024 30.67 -20.03 24.75
N PRO A 1025 30.54 -19.86 23.44
CA PRO A 1025 29.41 -20.49 22.72
C PRO A 1025 29.40 -22.00 22.83
N LEU A 1026 30.52 -22.62 23.18
CA LEU A 1026 30.52 -24.05 23.43
C LEU A 1026 29.76 -24.43 24.69
N GLU A 1027 29.39 -23.46 25.50
CA GLU A 1027 28.62 -23.69 26.71
C GLU A 1027 27.17 -24.00 26.36
N ARG A 1028 26.40 -24.37 27.38
CA ARG A 1028 24.99 -24.67 27.18
C ARG A 1028 24.11 -24.15 28.32
N ASP A 1029 24.63 -23.28 29.17
CA ASP A 1029 23.87 -22.69 30.27
C ASP A 1029 23.97 -21.17 30.18
N LEU A 1030 22.82 -20.50 30.12
CA LEU A 1030 22.77 -19.05 30.00
C LEU A 1030 21.70 -18.47 30.91
N ASP A 1031 21.67 -18.91 32.17
CA ASP A 1031 20.60 -18.51 33.08
C ASP A 1031 20.56 -17.01 33.32
N ALA A 1032 21.65 -16.29 33.07
CA ALA A 1032 21.69 -14.85 33.26
C ALA A 1032 21.33 -14.07 32.00
N MET A 1033 20.63 -14.70 31.05
CA MET A 1033 20.32 -14.07 29.77
C MET A 1033 18.88 -14.38 29.40
N ASP A 1034 18.30 -13.50 28.57
CA ASP A 1034 16.90 -13.58 28.18
C ASP A 1034 16.80 -13.89 26.69
N PRO A 1035 16.50 -15.13 26.30
CA PRO A 1035 16.33 -15.43 24.88
C PRO A 1035 15.14 -14.69 24.29
N ALA A 1036 15.28 -14.27 23.04
CA ALA A 1036 14.21 -13.56 22.35
C ALA A 1036 13.45 -14.52 21.45
N THR A 1037 12.14 -14.31 21.34
CA THR A 1037 11.29 -15.20 20.58
C THR A 1037 11.14 -14.70 19.16
N TYR A 1038 11.03 -15.62 18.23
CA TYR A 1038 10.73 -15.32 16.84
C TYR A 1038 9.53 -16.14 16.42
N SER A 1039 8.58 -15.49 15.76
CA SER A 1039 7.43 -16.14 15.18
C SER A 1039 7.58 -16.04 13.67
N LEU A 1040 7.91 -17.17 13.05
CA LEU A 1040 7.95 -17.27 11.60
C LEU A 1040 6.64 -17.88 11.16
N THR A 1041 6.10 -17.42 10.06
CA THR A 1041 4.80 -17.88 9.57
C THR A 1041 4.95 -18.15 8.08
N ILE A 1042 5.13 -19.41 7.73
CA ILE A 1042 5.19 -19.81 6.33
C ILE A 1042 3.77 -19.79 5.82
N ILE A 1043 3.42 -18.72 5.10
CA ILE A 1043 2.04 -18.54 4.66
C ILE A 1043 1.75 -19.43 3.47
N SER A 1044 2.47 -19.22 2.38
CA SER A 1044 2.24 -19.94 1.15
C SER A 1044 3.35 -19.57 0.18
N GLY A 1045 3.65 -20.48 -0.72
CA GLY A 1045 4.64 -20.24 -1.74
C GLY A 1045 3.98 -20.17 -3.11
N GLN A 1046 4.79 -19.85 -4.11
CA GLN A 1046 4.30 -19.83 -5.47
C GLN A 1046 5.38 -20.37 -6.39
N ASN A 1047 5.07 -21.44 -7.11
CA ASN A 1047 5.95 -21.97 -8.14
C ASN A 1047 7.28 -22.43 -7.55
N VAL A 1048 7.20 -23.30 -6.54
CA VAL A 1048 8.38 -23.72 -5.80
C VAL A 1048 8.75 -25.16 -6.12
N CYS A 1049 8.44 -25.61 -7.34
CA CYS A 1049 8.94 -26.87 -7.87
C CYS A 1049 9.32 -26.65 -9.32
N PRO A 1050 10.45 -26.01 -9.58
CA PRO A 1050 10.84 -25.71 -10.96
C PRO A 1050 10.87 -26.98 -11.80
N SER A 1051 10.32 -26.88 -13.01
CA SER A 1051 10.31 -27.99 -13.97
C SER A 1051 9.69 -29.25 -13.40
N ASN A 1052 8.90 -29.11 -12.34
CA ASN A 1052 8.22 -30.24 -11.70
C ASN A 1052 6.79 -29.80 -11.40
N SER A 1053 5.90 -30.04 -12.37
CA SER A 1053 4.53 -29.55 -12.24
C SER A 1053 3.79 -30.23 -11.10
N THR A 1054 3.83 -31.56 -11.05
CA THR A 1054 3.10 -32.34 -10.07
C THR A 1054 4.06 -32.83 -8.99
N GLY A 1055 3.69 -32.61 -7.74
CA GLY A 1055 4.56 -32.97 -6.64
C GLY A 1055 3.89 -32.70 -5.32
N SER A 1056 4.69 -32.79 -4.26
CA SER A 1056 4.21 -32.68 -2.88
C SER A 1056 5.14 -31.78 -2.09
N PRO A 1057 5.19 -30.50 -2.42
CA PRO A 1057 6.15 -29.62 -1.75
C PRO A 1057 5.96 -29.62 -0.24
N CYS A 1058 7.07 -29.55 0.47
CA CYS A 1058 7.09 -29.18 1.87
C CYS A 1058 8.16 -28.13 2.05
N ILE A 1059 8.13 -27.46 3.18
CA ILE A 1059 9.13 -26.46 3.52
C ILE A 1059 9.87 -26.94 4.75
N GLU A 1060 11.19 -26.93 4.68
CA GLU A 1060 12.03 -27.23 5.82
C GLU A 1060 12.74 -25.94 6.19
N VAL A 1061 12.31 -25.34 7.27
CA VAL A 1061 13.03 -24.26 7.92
C VAL A 1061 13.97 -24.88 8.93
N ASP A 1062 15.13 -24.28 9.11
CA ASP A 1062 16.16 -24.82 9.98
C ASP A 1062 17.01 -23.67 10.47
N VAL A 1063 17.22 -23.60 11.77
CA VAL A 1063 17.98 -22.52 12.39
C VAL A 1063 19.36 -23.07 12.71
N LEU A 1064 20.28 -22.95 11.75
CA LEU A 1064 21.67 -23.29 12.00
C LEU A 1064 22.28 -22.25 12.92
N GLY A 1065 23.15 -22.70 13.80
CA GLY A 1065 23.79 -21.77 14.71
C GLY A 1065 24.46 -22.49 15.86
N MET A 1066 24.61 -21.77 16.96
CA MET A 1066 25.29 -22.28 18.14
C MET A 1066 24.72 -23.65 18.51
N PRO A 1067 25.45 -24.44 19.29
CA PRO A 1067 24.94 -25.77 19.65
C PRO A 1067 23.63 -25.71 20.43
N LEU A 1068 23.34 -24.60 21.08
CA LEU A 1068 22.18 -24.51 21.95
C LEU A 1068 20.88 -24.19 21.23
N ASP A 1069 20.95 -23.72 19.98
CA ASP A 1069 19.77 -23.26 19.27
C ASP A 1069 19.44 -24.03 18.00
N SER A 1070 20.22 -25.05 17.66
CA SER A 1070 19.91 -25.83 16.47
C SER A 1070 18.51 -26.40 16.58
N CYS A 1071 17.71 -26.20 15.54
CA CYS A 1071 16.39 -26.80 15.50
C CYS A 1071 15.83 -26.68 14.08
N HIS A 1072 15.20 -27.76 13.62
CA HIS A 1072 14.59 -27.80 12.31
C HIS A 1072 13.08 -27.95 12.48
N PHE A 1073 12.34 -27.75 11.39
CA PHE A 1073 10.89 -27.87 11.42
C PHE A 1073 10.41 -28.33 10.06
N ARG A 1074 9.11 -28.17 9.82
CA ARG A 1074 8.52 -28.65 8.57
C ARG A 1074 7.05 -28.24 8.54
N THR A 1075 6.40 -28.47 7.40
CA THR A 1075 4.97 -28.30 7.25
C THR A 1075 4.39 -29.54 6.61
N LYS A 1076 3.06 -29.60 6.53
CA LYS A 1076 2.39 -30.77 5.99
C LYS A 1076 2.63 -30.87 4.49
N PRO A 1077 2.60 -32.09 3.94
CA PRO A 1077 2.78 -32.26 2.50
C PRO A 1077 1.50 -31.93 1.74
N ILE A 1078 1.62 -31.00 0.80
CA ILE A 1078 0.51 -30.60 -0.06
C ILE A 1078 0.35 -31.65 -1.14
N HIS A 1079 -0.74 -31.58 -1.90
CA HIS A 1079 -1.10 -32.62 -2.86
C HIS A 1079 -1.25 -32.03 -4.25
N ARG A 1080 -0.41 -32.49 -5.18
CA ARG A 1080 -0.56 -32.20 -6.60
C ARG A 1080 -0.67 -30.70 -6.86
N ASN A 1081 0.15 -29.91 -6.16
CA ASN A 1081 0.16 -28.47 -6.35
C ASN A 1081 1.59 -27.96 -6.23
N THR A 1082 2.02 -27.17 -7.20
CA THR A 1082 3.31 -26.52 -7.15
C THR A 1082 3.28 -25.05 -7.55
N LEU A 1083 2.17 -24.56 -8.10
CA LEU A 1083 2.06 -23.15 -8.46
C LEU A 1083 1.77 -22.26 -7.27
N ASN A 1084 1.10 -22.78 -6.25
CA ASN A 1084 0.71 -21.95 -5.12
C ASN A 1084 0.36 -22.81 -3.91
N PRO A 1085 1.33 -23.53 -3.34
CA PRO A 1085 1.04 -24.27 -2.11
C PRO A 1085 0.64 -23.31 -1.00
N MET A 1086 -0.27 -23.77 -0.14
CA MET A 1086 -0.74 -22.97 1.00
C MET A 1086 -0.64 -23.82 2.26
N TRP A 1087 0.52 -23.80 2.90
CA TRP A 1087 0.68 -24.48 4.18
C TRP A 1087 0.12 -23.63 5.30
N ASN A 1088 0.63 -22.40 5.43
CA ASN A 1088 0.12 -21.44 6.40
C ASN A 1088 0.32 -21.93 7.83
N GLU A 1089 1.57 -22.22 8.19
CA GLU A 1089 1.89 -22.76 9.50
C GLU A 1089 2.92 -21.87 10.19
N GLN A 1090 2.92 -21.90 11.52
CA GLN A 1090 3.70 -20.97 12.33
C GLN A 1090 4.70 -21.74 13.18
N PHE A 1091 5.98 -21.40 13.03
CA PHE A 1091 7.03 -21.93 13.89
C PHE A 1091 7.44 -20.84 14.86
N LEU A 1092 7.38 -21.15 16.15
CA LEU A 1092 7.81 -20.23 17.20
C LEU A 1092 9.06 -20.80 17.84
N PHE A 1093 10.14 -20.03 17.83
CA PHE A 1093 11.35 -20.53 18.46
C PHE A 1093 12.12 -19.38 19.08
N ARG A 1094 12.78 -19.69 20.19
CA ARG A 1094 13.56 -18.70 20.92
C ARG A 1094 15.03 -18.89 20.59
N VAL A 1095 15.76 -17.79 20.50
CA VAL A 1095 17.18 -17.81 20.21
C VAL A 1095 17.90 -16.88 21.18
N HIS A 1096 19.20 -17.10 21.33
CA HIS A 1096 20.01 -16.44 22.34
C HIS A 1096 20.97 -15.40 21.78
N PHE A 1097 21.64 -15.70 20.68
CA PHE A 1097 22.66 -14.83 20.10
C PHE A 1097 22.13 -14.37 18.74
N GLU A 1098 21.60 -13.15 18.71
CA GLU A 1098 20.99 -12.65 17.48
C GLU A 1098 22.01 -12.53 16.36
N ASP A 1099 23.21 -12.04 16.68
CA ASP A 1099 24.13 -11.55 15.66
C ASP A 1099 24.58 -12.63 14.68
N LEU A 1100 24.60 -13.90 15.08
CA LEU A 1100 25.34 -14.92 14.36
C LEU A 1100 24.52 -16.18 14.16
N VAL A 1101 23.32 -16.04 13.63
CA VAL A 1101 22.49 -17.17 13.27
C VAL A 1101 22.11 -17.06 11.79
N PHE A 1102 21.71 -18.18 11.22
CA PHE A 1102 21.30 -18.23 9.82
C PHE A 1102 20.12 -19.17 9.68
N LEU A 1103 19.23 -18.84 8.76
CA LEU A 1103 18.10 -19.70 8.43
C LEU A 1103 18.37 -20.37 7.10
N ARG A 1104 17.87 -21.60 6.95
CA ARG A 1104 17.99 -22.32 5.69
C ARG A 1104 16.62 -22.80 5.22
N PHE A 1105 15.91 -21.94 4.50
CA PHE A 1105 14.62 -22.31 3.95
C PHE A 1105 14.86 -23.27 2.80
N ALA A 1106 14.13 -24.38 2.75
CA ALA A 1106 14.39 -25.34 1.67
C ALA A 1106 13.12 -26.06 1.26
N VAL A 1107 12.74 -25.93 0.00
CA VAL A 1107 11.71 -26.80 -0.54
C VAL A 1107 12.18 -28.23 -0.37
N VAL A 1108 11.22 -29.15 -0.28
CA VAL A 1108 11.51 -30.58 -0.29
C VAL A 1108 10.33 -31.26 -0.95
N GLU A 1109 10.54 -31.83 -2.13
CA GLU A 1109 9.51 -32.69 -2.69
C GLU A 1109 9.36 -33.87 -1.74
N ASN A 1110 8.15 -34.06 -1.21
CA ASN A 1110 7.94 -35.04 -0.15
C ASN A 1110 7.59 -36.42 -0.69
N ASN A 1111 8.12 -36.78 -1.85
CA ASN A 1111 7.96 -38.13 -2.38
C ASN A 1111 9.23 -38.70 -2.97
N SER A 1112 10.24 -37.87 -3.25
CA SER A 1112 11.56 -38.34 -3.64
C SER A 1112 12.67 -37.82 -2.74
N SER A 1113 12.36 -36.91 -1.81
CA SER A 1113 13.34 -36.32 -0.90
C SER A 1113 14.42 -35.55 -1.63
N ALA A 1114 14.20 -35.16 -2.87
CA ALA A 1114 15.18 -34.40 -3.62
C ALA A 1114 14.87 -32.91 -3.55
N ILE A 1115 15.65 -32.20 -2.75
CA ILE A 1115 15.52 -30.76 -2.61
C ILE A 1115 15.59 -30.15 -4.00
N THR A 1116 14.61 -29.32 -4.34
CA THR A 1116 14.56 -28.67 -5.64
C THR A 1116 14.65 -27.16 -5.56
N ALA A 1117 14.97 -26.62 -4.40
CA ALA A 1117 15.21 -25.20 -4.24
C ALA A 1117 15.63 -24.95 -2.80
N GLN A 1118 16.35 -23.87 -2.58
CA GLN A 1118 16.74 -23.53 -1.22
C GLN A 1118 17.17 -22.06 -1.19
N ARG A 1119 17.26 -21.53 0.02
CA ARG A 1119 17.64 -20.14 0.21
C ARG A 1119 18.10 -19.96 1.65
N ILE A 1120 19.32 -19.49 1.83
CA ILE A 1120 19.85 -19.24 3.15
C ILE A 1120 19.78 -17.74 3.40
N ILE A 1121 19.81 -17.35 4.67
CA ILE A 1121 19.81 -15.92 4.96
C ILE A 1121 20.17 -15.67 6.42
N PRO A 1122 21.04 -14.72 6.73
CA PRO A 1122 21.35 -14.45 8.13
C PRO A 1122 20.14 -13.90 8.87
N LEU A 1123 20.10 -14.16 10.17
CA LEU A 1123 18.93 -13.77 10.97
C LEU A 1123 18.98 -12.31 11.40
N LYS A 1124 20.11 -11.64 11.26
CA LYS A 1124 20.16 -10.21 11.54
C LYS A 1124 19.70 -9.38 10.34
N ALA A 1125 19.33 -10.02 9.24
CA ALA A 1125 18.90 -9.31 8.04
C ALA A 1125 17.62 -9.92 7.46
N LEU A 1126 16.64 -10.19 8.31
CA LEU A 1126 15.31 -10.59 7.87
C LEU A 1126 14.32 -9.51 8.28
N LYS A 1127 13.77 -8.81 7.29
CA LYS A 1127 12.82 -7.74 7.59
C LYS A 1127 11.56 -8.31 8.20
N ARG A 1128 11.04 -7.62 9.21
CA ARG A 1128 9.85 -8.09 9.91
C ARG A 1128 8.63 -7.92 9.01
N GLY A 1129 7.46 -8.23 9.56
CA GLY A 1129 6.23 -8.12 8.82
C GLY A 1129 6.18 -9.00 7.59
N TYR A 1130 5.06 -9.01 6.89
CA TYR A 1130 4.93 -9.81 5.69
C TYR A 1130 6.06 -9.45 4.73
N ARG A 1131 6.63 -10.45 4.07
CA ARG A 1131 7.72 -10.22 3.13
C ARG A 1131 7.64 -11.26 2.02
N HIS A 1132 8.67 -11.28 1.17
CA HIS A 1132 8.79 -12.26 0.10
C HIS A 1132 10.19 -12.84 0.15
N LEU A 1133 10.32 -14.09 -0.27
CA LEU A 1133 11.60 -14.78 -0.26
C LEU A 1133 11.86 -15.35 -1.64
N GLN A 1134 13.02 -15.01 -2.19
CA GLN A 1134 13.45 -15.48 -3.50
C GLN A 1134 14.34 -16.70 -3.31
N LEU A 1135 14.02 -17.79 -4.01
CA LEU A 1135 14.72 -19.05 -3.81
C LEU A 1135 15.94 -19.14 -4.73
N ARG A 1136 16.51 -20.34 -4.79
CA ARG A 1136 17.64 -20.65 -5.65
C ARG A 1136 17.56 -22.14 -5.99
N ASN A 1137 18.32 -22.56 -7.00
CA ASN A 1137 18.46 -23.99 -7.24
C ASN A 1137 19.67 -24.49 -6.44
N LEU A 1138 19.99 -25.78 -6.58
CA LEU A 1138 21.02 -26.37 -5.75
C LEU A 1138 22.37 -25.72 -5.98
N HIS A 1139 22.67 -25.36 -7.22
CA HIS A 1139 23.95 -24.78 -7.57
C HIS A 1139 24.16 -23.37 -7.01
N ASN A 1140 23.15 -22.81 -6.36
CA ASN A 1140 23.11 -21.43 -5.88
C ASN A 1140 22.86 -20.43 -6.99
N GLU A 1141 22.50 -20.88 -8.19
CA GLU A 1141 21.98 -19.98 -9.19
C GLU A 1141 20.63 -19.45 -8.73
N ILE A 1142 20.27 -18.26 -9.21
CA ILE A 1142 19.03 -17.61 -8.78
C ILE A 1142 17.88 -18.08 -9.66
N LEU A 1143 16.82 -18.56 -9.01
CA LEU A 1143 15.56 -18.84 -9.68
C LEU A 1143 14.62 -17.66 -9.44
N GLU A 1144 14.02 -17.16 -10.52
CA GLU A 1144 13.19 -15.97 -10.38
C GLU A 1144 11.77 -16.32 -9.98
N ILE A 1145 11.14 -17.25 -10.70
CA ILE A 1145 9.71 -17.47 -10.55
C ILE A 1145 9.38 -18.03 -9.18
N SER A 1146 10.14 -19.01 -8.72
CA SER A 1146 9.85 -19.61 -7.43
C SER A 1146 10.03 -18.59 -6.32
N SER A 1147 9.12 -18.61 -5.35
CA SER A 1147 9.20 -17.71 -4.21
C SER A 1147 8.29 -18.18 -3.11
N LEU A 1148 8.62 -17.78 -1.88
CA LEU A 1148 7.86 -18.14 -0.69
C LEU A 1148 7.39 -16.88 0.02
N PHE A 1149 6.09 -16.78 0.30
CA PHE A 1149 5.53 -15.62 0.98
C PHE A 1149 5.45 -15.93 2.47
N ILE A 1150 6.20 -15.19 3.27
CA ILE A 1150 6.34 -15.48 4.69
C ILE A 1150 6.01 -14.24 5.50
N ASN A 1151 5.86 -14.44 6.81
CA ASN A 1151 5.74 -13.32 7.74
C ASN A 1151 6.54 -13.60 9.00
N SER A 1152 7.41 -12.67 9.37
CA SER A 1152 8.24 -12.83 10.55
C SER A 1152 7.91 -11.75 11.57
N ARG A 1153 8.04 -12.10 12.84
CA ARG A 1153 7.75 -11.16 13.92
C ARG A 1153 8.71 -11.44 15.07
N ARG A 1154 9.49 -10.43 15.45
CA ARG A 1154 10.46 -10.58 16.52
C ARG A 1154 9.87 -10.08 17.83
N MET A 1155 9.61 -10.99 18.77
CA MET A 1155 9.02 -10.66 20.05
C MET A 1155 10.11 -10.69 21.10
N GLU A 1156 10.20 -9.63 21.90
CA GLU A 1156 11.12 -9.57 23.02
C GLU A 1156 10.32 -9.40 24.30
N ASP A 1157 10.42 -10.37 25.19
CA ASP A 1157 9.66 -10.31 26.43
C ASP A 1157 10.29 -9.28 27.39
N ASN A 1158 9.46 -8.78 28.29
CA ASN A 1158 9.88 -7.68 29.14
C ASN A 1158 11.02 -8.11 30.05
N PRO A 1159 12.08 -7.30 30.19
CA PRO A 1159 13.11 -7.59 31.20
C PRO A 1159 12.63 -7.22 32.59
N SER A 1160 11.92 -8.15 33.24
CA SER A 1160 11.07 -7.77 34.35
C SER A 1160 11.81 -7.07 35.48
N GLY A 1161 12.65 -7.80 36.24
CA GLY A 1161 13.27 -7.18 37.39
C GLY A 1161 14.77 -7.32 37.57
N SER A 1162 15.36 -8.40 37.08
CA SER A 1162 16.70 -8.80 37.52
C SER A 1162 17.72 -8.84 36.39
N THR A 1163 17.45 -9.58 35.32
CA THR A 1163 18.46 -9.88 34.31
C THR A 1163 18.22 -9.05 33.05
N ARG A 1164 19.30 -8.51 32.51
CA ARG A 1164 19.21 -7.75 31.27
C ARG A 1164 19.06 -8.69 30.07
N PRO A 1165 18.47 -8.22 28.98
CA PRO A 1165 18.26 -9.11 27.83
C PRO A 1165 19.56 -9.52 27.19
N ALA A 1166 19.56 -10.72 26.60
CA ALA A 1166 20.75 -11.22 25.93
C ALA A 1166 21.24 -10.25 24.88
N SER A 1167 20.32 -9.60 24.17
CA SER A 1167 20.73 -8.62 23.18
C SER A 1167 21.57 -7.52 23.80
N LEU A 1168 21.14 -7.03 24.97
CA LEU A 1168 21.93 -6.01 25.66
C LEU A 1168 23.22 -6.58 26.23
N MET A 1169 23.21 -7.86 26.62
CA MET A 1169 24.39 -8.45 27.23
C MET A 1169 25.51 -8.64 26.21
N PHE A 1170 25.16 -9.07 25.00
CA PHE A 1170 26.18 -9.39 24.01
C PHE A 1170 26.86 -8.17 23.42
N ASN A 1171 26.12 -7.10 23.19
CA ASN A 1171 26.68 -5.91 22.54
C ASN A 1171 26.93 -4.82 23.57
N THR A 1172 27.37 -3.67 23.08
CA THR A 1172 27.58 -2.49 23.91
C THR A 1172 26.34 -1.62 23.90
N GLU A 1173 26.45 -0.45 24.54
CA GLU A 1173 25.36 0.51 24.54
C GLU A 1173 25.33 1.37 23.28
N GLU A 1174 26.37 1.34 22.46
CA GLU A 1174 26.40 2.20 21.29
C GLU A 1174 25.31 1.83 20.29
N ARG A 1175 25.07 0.54 20.09
CA ARG A 1175 24.07 0.11 19.10
C ARG A 1175 22.69 0.64 19.46
N LYS A 1176 22.29 0.48 20.72
CA LYS A 1176 20.96 0.90 21.13
C LYS A 1176 20.78 2.40 20.92
N CYS A 1177 21.79 3.20 21.29
CA CYS A 1177 21.72 4.63 21.05
C CYS A 1177 21.59 4.93 19.56
N SER A 1178 22.41 4.25 18.74
CA SER A 1178 22.35 4.47 17.30
C SER A 1178 21.10 3.88 16.67
N GLN A 1179 20.39 3.00 17.38
CA GLN A 1179 19.18 2.38 16.85
C GLN A 1179 17.95 3.15 17.36
N THR A 1180 17.73 4.30 16.74
CA THR A 1180 16.57 5.12 17.04
C THR A 1180 15.34 4.60 16.29
N HIS A 1181 14.16 5.01 16.75
CA HIS A 1181 12.91 4.50 16.22
C HIS A 1181 12.07 5.64 15.65
N LYS A 1182 11.11 5.25 14.82
CA LYS A 1182 10.07 6.14 14.33
C LYS A 1182 8.80 5.86 15.12
N VAL A 1183 8.00 6.91 15.33
CA VAL A 1183 6.69 6.77 15.93
C VAL A 1183 5.72 7.61 15.12
N THR A 1184 4.62 6.99 14.69
CA THR A 1184 3.60 7.73 13.95
C THR A 1184 2.58 8.30 14.92
N VAL A 1185 2.54 9.62 15.02
CA VAL A 1185 1.63 10.33 15.92
C VAL A 1185 0.58 11.00 15.07
N HIS A 1186 -0.69 10.66 15.32
CA HIS A 1186 -1.79 11.33 14.67
C HIS A 1186 -2.11 12.64 15.39
N GLY A 1187 -3.05 13.39 14.83
CA GLY A 1187 -3.50 14.60 15.49
C GLY A 1187 -2.44 15.65 15.68
N VAL A 1188 -1.32 15.57 14.98
CA VAL A 1188 -0.33 16.65 15.10
C VAL A 1188 -0.93 17.91 14.48
N PRO A 1189 -0.73 19.09 15.07
CA PRO A 1189 -1.27 20.29 14.45
C PRO A 1189 -0.74 20.49 13.04
N GLY A 1190 -1.61 20.97 12.16
CA GLY A 1190 -1.27 21.16 10.77
C GLY A 1190 -2.31 20.51 9.87
N PRO A 1191 -2.03 20.49 8.57
CA PRO A 1191 -2.98 19.88 7.64
C PRO A 1191 -2.88 18.37 7.60
N GLU A 1192 -1.67 17.85 7.78
CA GLU A 1192 -1.45 16.42 7.69
C GLU A 1192 -2.02 15.72 8.91
N PRO A 1193 -2.82 14.67 8.75
CA PRO A 1193 -3.37 13.99 9.94
C PRO A 1193 -2.30 13.42 10.85
N PHE A 1194 -1.18 12.94 10.32
CA PHE A 1194 -0.15 12.30 11.13
C PHE A 1194 1.21 12.84 10.77
N ALA A 1195 2.09 12.92 11.77
CA ALA A 1195 3.43 13.46 11.60
C ALA A 1195 4.42 12.56 12.32
N VAL A 1196 5.29 11.91 11.55
CA VAL A 1196 6.26 11.00 12.15
C VAL A 1196 7.17 11.76 13.10
N PHE A 1197 7.65 11.06 14.12
CA PHE A 1197 8.65 11.62 15.03
C PHE A 1197 9.76 10.58 15.22
N THR A 1198 11.00 11.04 15.14
CA THR A 1198 12.13 10.16 15.41
C THR A 1198 12.53 10.31 16.87
N ILE A 1199 12.55 9.19 17.59
CA ILE A 1199 12.76 9.19 19.04
C ILE A 1199 13.73 8.08 19.40
N ASN A 1200 14.58 8.34 20.39
CA ASN A 1200 15.54 7.35 20.86
C ASN A 1200 14.81 6.29 21.69
N GLU A 1201 15.58 5.37 22.27
CA GLU A 1201 15.00 4.35 23.12
C GLU A 1201 14.46 4.93 24.41
N GLY A 1202 15.27 5.75 25.09
CA GLY A 1202 14.88 6.31 26.36
C GLY A 1202 13.98 7.52 26.22
N THR A 1203 12.91 7.37 25.48
CA THR A 1203 11.98 8.46 25.24
C THR A 1203 10.61 8.15 25.83
N LYS A 1204 10.07 9.13 26.55
CA LYS A 1204 8.78 9.03 27.21
C LYS A 1204 7.80 10.01 26.57
N ALA A 1205 6.59 10.07 27.11
CA ALA A 1205 5.56 10.91 26.50
C ALA A 1205 5.94 12.38 26.52
N LYS A 1206 6.52 12.84 27.63
CA LYS A 1206 6.70 14.28 27.82
C LYS A 1206 7.50 14.89 26.67
N GLN A 1207 8.67 14.34 26.38
CA GLN A 1207 9.48 14.87 25.29
C GLN A 1207 8.79 14.66 23.94
N LEU A 1208 8.11 13.53 23.77
CA LEU A 1208 7.36 13.30 22.54
C LEU A 1208 6.30 14.37 22.37
N LEU A 1209 5.55 14.68 23.42
CA LEU A 1209 4.55 15.73 23.33
C LEU A 1209 5.20 17.07 23.00
N GLN A 1210 6.30 17.40 23.67
CA GLN A 1210 7.00 18.63 23.33
C GLN A 1210 7.33 18.66 21.84
N GLN A 1211 7.76 17.52 21.30
CA GLN A 1211 8.02 17.45 19.86
C GLN A 1211 6.76 17.68 19.06
N ILE A 1212 5.60 17.27 19.58
CA ILE A 1212 4.35 17.56 18.89
C ILE A 1212 4.11 19.06 18.81
N LEU A 1213 4.43 19.77 19.89
CA LEU A 1213 4.06 21.18 20.02
C LEU A 1213 5.24 22.15 19.98
N ALA A 1214 6.48 21.66 20.05
CA ALA A 1214 7.63 22.56 20.03
C ALA A 1214 7.81 23.23 18.67
N VAL A 1215 7.10 22.77 17.64
CA VAL A 1215 7.29 23.32 16.31
C VAL A 1215 6.89 24.80 16.27
N ASP A 1216 5.77 25.14 16.90
CA ASP A 1216 5.20 26.48 16.82
C ASP A 1216 5.33 27.19 18.17
N GLN A 1217 5.68 28.47 18.13
CA GLN A 1217 5.79 29.30 19.32
C GLN A 1217 4.53 30.10 19.60
N ASP A 1218 3.48 29.95 18.78
CA ASP A 1218 2.30 30.79 18.93
C ASP A 1218 1.66 30.59 20.31
N THR A 1219 1.58 29.35 20.78
CA THR A 1219 1.04 29.09 22.09
C THR A 1219 1.85 29.84 23.15
N LYS A 1220 1.16 30.52 24.06
CA LYS A 1220 1.85 31.26 25.11
C LYS A 1220 2.62 30.32 26.02
N LEU A 1221 2.03 29.19 26.40
CA LEU A 1221 2.67 28.25 27.30
C LEU A 1221 2.14 26.85 27.01
N THR A 1222 2.90 25.86 27.44
CA THR A 1222 2.52 24.46 27.26
C THR A 1222 1.21 24.20 27.98
N ALA A 1223 0.15 23.96 27.22
CA ALA A 1223 -1.14 23.59 27.79
C ALA A 1223 -1.15 22.09 28.01
N ALA A 1224 -1.35 21.67 29.25
CA ALA A 1224 -1.33 20.25 29.57
C ALA A 1224 -2.48 19.49 28.91
N ASP A 1225 -3.50 20.19 28.38
CA ASP A 1225 -4.63 19.52 27.76
C ASP A 1225 -4.27 19.06 26.34
N TYR A 1226 -3.21 18.26 26.28
CA TYR A 1226 -2.85 17.53 25.08
C TYR A 1226 -2.22 16.23 25.57
N PHE A 1227 -3.04 15.18 25.66
CA PHE A 1227 -2.61 13.91 26.20
C PHE A 1227 -2.64 12.85 25.10
N LEU A 1228 -1.56 12.08 25.00
CA LEU A 1228 -1.54 10.93 24.12
C LEU A 1228 -2.48 9.88 24.68
N MET A 1229 -3.14 9.15 23.80
CA MET A 1229 -4.10 8.12 24.19
C MET A 1229 -3.90 6.92 23.29
N GLU A 1230 -3.39 5.83 23.85
CA GLU A 1230 -3.08 4.67 23.03
C GLU A 1230 -4.39 4.09 22.52
N GLU A 1231 -4.78 4.47 21.32
CA GLU A 1231 -6.01 3.99 20.72
C GLU A 1231 -5.73 2.70 19.99
N LYS A 1232 -6.75 1.85 19.90
CA LYS A 1232 -6.61 0.57 19.22
C LYS A 1232 -7.96 0.17 18.65
N HIS A 1233 -8.04 -0.02 17.35
CA HIS A 1233 -9.27 -0.40 16.70
C HIS A 1233 -9.40 -1.92 16.63
N PHE A 1234 -10.54 -2.39 16.12
CA PHE A 1234 -10.83 -3.82 16.04
C PHE A 1234 -11.40 -4.14 14.67
N ILE A 1235 -10.76 -5.07 13.96
CA ILE A 1235 -11.35 -5.65 12.75
C ILE A 1235 -10.53 -6.86 12.35
N SER A 1236 -11.19 -7.85 11.76
CA SER A 1236 -10.52 -9.04 11.23
C SER A 1236 -11.17 -9.37 9.89
N LYS A 1237 -10.70 -10.44 9.26
CA LYS A 1237 -11.13 -10.74 7.90
C LYS A 1237 -12.64 -10.80 7.79
N GLU A 1238 -13.33 -11.32 8.80
CA GLU A 1238 -14.78 -11.36 8.78
C GLU A 1238 -15.32 -9.96 9.03
N LYS A 1239 -15.36 -9.17 7.94
CA LYS A 1239 -15.90 -7.83 8.02
C LYS A 1239 -17.29 -7.86 8.65
N ASN A 1240 -18.09 -8.84 8.24
CA ASN A 1240 -19.50 -8.91 8.59
C ASN A 1240 -19.72 -9.68 9.89
N GLU A 1241 -18.98 -9.33 10.94
CA GLU A 1241 -19.09 -10.06 12.21
C GLU A 1241 -19.62 -9.18 13.34
N CYS A 1242 -18.86 -8.18 13.79
CA CYS A 1242 -19.33 -7.32 14.88
C CYS A 1242 -19.19 -5.84 14.58
N ARG A 1243 -17.99 -5.43 14.19
CA ARG A 1243 -17.58 -4.02 14.15
C ARG A 1243 -17.71 -3.37 15.53
N LYS A 1244 -16.86 -3.84 16.44
CA LYS A 1244 -16.84 -3.35 17.80
C LYS A 1244 -16.34 -1.91 17.84
N GLN A 1245 -16.26 -1.35 19.05
CA GLN A 1245 -15.82 0.02 19.23
C GLN A 1245 -14.33 0.09 19.53
N PRO A 1246 -13.70 1.25 19.32
CA PRO A 1246 -12.25 1.37 19.53
C PRO A 1246 -11.90 1.57 20.99
N PHE A 1247 -11.09 0.66 21.53
CA PHE A 1247 -10.55 0.83 22.87
C PHE A 1247 -9.80 2.16 22.96
N GLN A 1248 -9.65 2.65 24.19
CA GLN A 1248 -8.91 3.88 24.46
C GLN A 1248 -8.23 3.77 25.80
N ARG A 1249 -7.22 4.60 26.03
CA ARG A 1249 -6.47 4.55 27.29
C ARG A 1249 -5.59 5.78 27.40
N ALA A 1250 -5.63 6.43 28.56
CA ALA A 1250 -4.73 7.54 28.81
C ALA A 1250 -3.29 7.06 28.78
N VAL A 1251 -2.39 7.95 28.41
CA VAL A 1251 -0.97 7.64 28.33
C VAL A 1251 -0.26 8.19 29.56
N GLY A 1252 0.38 7.31 30.29
CA GLY A 1252 1.09 7.71 31.50
C GLY A 1252 2.16 8.73 31.18
N PRO A 1253 2.19 9.85 31.91
CA PRO A 1253 3.21 10.87 31.63
C PRO A 1253 4.63 10.34 31.78
N GLU A 1254 4.83 9.30 32.58
CA GLU A 1254 6.14 8.68 32.75
C GLU A 1254 6.19 7.27 32.16
N GLU A 1255 5.50 7.04 31.06
CA GLU A 1255 5.47 5.73 30.41
C GLU A 1255 6.35 5.76 29.17
N ASP A 1256 7.17 4.73 29.01
CA ASP A 1256 8.03 4.64 27.84
C ASP A 1256 7.21 4.32 26.61
N ILE A 1257 7.53 4.99 25.51
CA ILE A 1257 6.79 4.80 24.25
C ILE A 1257 7.21 3.51 23.56
N VAL A 1258 8.48 3.16 23.68
CA VAL A 1258 9.01 2.02 22.94
C VAL A 1258 8.28 0.75 23.33
N GLN A 1259 8.06 0.54 24.64
CA GLN A 1259 7.32 -0.64 25.07
C GLN A 1259 5.92 -0.64 24.48
N ILE A 1260 5.26 0.52 24.49
CA ILE A 1260 3.91 0.60 23.92
C ILE A 1260 3.94 0.15 22.48
N LEU A 1261 4.91 0.65 21.70
CA LEU A 1261 5.01 0.27 20.31
C LEU A 1261 5.23 -1.23 20.16
N ASN A 1262 6.15 -1.78 20.96
CA ASN A 1262 6.45 -3.20 20.87
C ASN A 1262 5.33 -4.08 21.38
N SER A 1263 4.32 -3.50 22.04
CA SER A 1263 3.26 -4.26 22.66
C SER A 1263 2.05 -4.48 21.74
N TRP A 1264 2.11 -4.03 20.49
CA TRP A 1264 1.00 -4.17 19.56
C TRP A 1264 1.16 -5.45 18.74
N PHE A 1265 0.13 -6.28 18.75
CA PHE A 1265 0.16 -7.59 18.09
C PHE A 1265 -1.00 -7.72 17.12
N PRO A 1266 -0.82 -7.37 15.86
CA PRO A 1266 -1.92 -7.47 14.91
C PRO A 1266 -2.28 -8.91 14.63
N GLU A 1267 -2.80 -9.59 15.65
CA GLU A 1267 -3.14 -11.01 15.53
C GLU A 1267 -4.57 -11.27 15.97
N GLU A 1268 -5.14 -10.36 16.77
CA GLU A 1268 -6.48 -10.53 17.32
C GLU A 1268 -7.49 -9.57 16.69
N GLY A 1269 -7.16 -8.97 15.56
CA GLY A 1269 -7.97 -7.90 15.00
C GLY A 1269 -7.58 -6.58 15.62
N TYR A 1270 -6.31 -6.23 15.51
CA TYR A 1270 -5.70 -5.14 16.25
C TYR A 1270 -4.93 -4.25 15.28
N VAL A 1271 -5.07 -2.94 15.44
CA VAL A 1271 -4.13 -2.01 14.80
C VAL A 1271 -3.94 -0.80 15.69
N GLY A 1272 -2.79 -0.67 16.32
CA GLY A 1272 -2.56 0.42 17.22
C GLY A 1272 -2.31 1.74 16.51
N ARG A 1273 -2.58 2.81 17.25
CA ARG A 1273 -2.22 4.17 16.84
C ARG A 1273 -2.04 4.98 18.11
N ILE A 1274 -1.16 5.97 18.03
CA ILE A 1274 -0.95 6.89 19.15
C ILE A 1274 -1.46 8.24 18.70
N VAL A 1275 -2.51 8.73 19.36
CA VAL A 1275 -3.21 9.94 18.97
C VAL A 1275 -3.09 10.94 20.09
N LEU A 1276 -2.94 12.21 19.73
CA LEU A 1276 -2.94 13.31 20.68
C LEU A 1276 -4.34 13.89 20.76
N LYS A 1277 -4.89 13.93 21.97
CA LYS A 1277 -6.18 14.56 22.18
C LYS A 1277 -6.14 15.45 23.41
N PRO A 1278 -6.98 16.50 23.47
CA PRO A 1278 -7.04 17.39 24.63
C PRO A 1278 -8.18 17.01 25.56
N GLU B 27 -28.80 8.42 21.71
CA GLU B 27 -27.64 9.22 22.18
C GLU B 27 -26.99 9.95 21.01
N VAL B 28 -27.30 9.52 19.79
CA VAL B 28 -26.69 10.11 18.62
C VAL B 28 -27.22 11.53 18.43
N GLN B 29 -26.31 12.47 18.17
CA GLN B 29 -26.65 13.87 17.99
C GLN B 29 -26.07 14.36 16.68
N LEU B 30 -26.93 14.95 15.85
CA LEU B 30 -26.52 15.52 14.57
C LEU B 30 -27.01 16.96 14.52
N VAL B 31 -26.10 17.90 14.74
CA VAL B 31 -26.39 19.32 14.71
C VAL B 31 -25.97 19.84 13.35
N GLU B 32 -26.91 20.38 12.59
CA GLU B 32 -26.65 20.95 11.28
C GLU B 32 -26.93 22.44 11.33
N SER B 33 -25.97 23.25 10.89
CA SER B 33 -26.09 24.69 10.99
C SER B 33 -25.43 25.33 9.79
N GLY B 34 -25.84 26.58 9.50
CA GLY B 34 -25.25 27.37 8.44
C GLY B 34 -26.19 27.73 7.31
N GLY B 35 -27.40 27.19 7.29
CA GLY B 35 -28.35 27.54 6.24
C GLY B 35 -28.88 28.95 6.42
N GLY B 36 -29.63 29.39 5.43
CA GLY B 36 -30.20 30.72 5.45
C GLY B 36 -30.50 31.21 4.05
N LEU B 37 -30.42 32.53 3.90
CA LEU B 37 -30.71 33.17 2.62
C LEU B 37 -29.43 33.58 1.92
N VAL B 38 -29.48 33.59 0.59
CA VAL B 38 -28.36 34.04 -0.23
C VAL B 38 -28.86 34.26 -1.64
N GLN B 39 -28.28 35.23 -2.32
CA GLN B 39 -28.70 35.58 -3.67
C GLN B 39 -28.32 34.47 -4.64
N PRO B 40 -28.95 34.42 -5.81
CA PRO B 40 -28.54 33.45 -6.83
C PRO B 40 -27.07 33.63 -7.16
N GLY B 41 -26.40 32.51 -7.44
CA GLY B 41 -25.00 32.51 -7.77
C GLY B 41 -24.07 32.56 -6.58
N GLY B 42 -24.61 32.68 -5.37
CA GLY B 42 -23.79 32.69 -4.18
C GLY B 42 -23.29 31.30 -3.83
N SER B 43 -22.20 31.23 -3.07
CA SER B 43 -21.71 29.97 -2.54
C SER B 43 -22.02 29.88 -1.04
N LEU B 44 -22.16 28.65 -0.55
CA LEU B 44 -22.53 28.42 0.84
C LEU B 44 -22.21 26.98 1.20
N ARG B 45 -22.13 26.73 2.51
CA ARG B 45 -21.77 25.42 3.02
C ARG B 45 -22.63 25.12 4.25
N LEU B 46 -22.97 23.84 4.41
CA LEU B 46 -23.67 23.35 5.58
C LEU B 46 -22.80 22.33 6.29
N SER B 47 -22.51 22.56 7.56
CA SER B 47 -21.77 21.62 8.37
C SER B 47 -22.74 20.75 9.17
N CYS B 48 -22.23 19.62 9.68
CA CYS B 48 -23.07 18.74 10.49
C CYS B 48 -22.19 18.08 11.55
N ALA B 49 -22.18 18.67 12.74
CA ALA B 49 -21.43 18.10 13.86
C ALA B 49 -22.07 16.78 14.26
N ALA B 50 -21.26 15.87 14.80
CA ALA B 50 -21.76 14.58 15.27
C ALA B 50 -21.02 14.15 16.54
N SER B 51 -21.49 13.06 17.12
CA SER B 51 -20.87 12.46 18.29
C SER B 51 -21.57 11.12 18.55
N GLY B 52 -21.19 10.48 19.65
CA GLY B 52 -21.82 9.24 20.04
C GLY B 52 -21.37 8.05 19.21
N PHE B 53 -21.76 8.04 17.94
CA PHE B 53 -21.33 7.00 17.02
C PHE B 53 -20.01 7.41 16.37
N ASN B 54 -19.09 6.46 16.24
CA ASN B 54 -17.79 6.74 15.66
C ASN B 54 -17.95 7.23 14.22
N PHE B 55 -17.71 8.52 14.00
CA PHE B 55 -17.83 9.07 12.65
C PHE B 55 -16.83 8.40 11.71
N SER B 56 -15.65 8.06 12.22
CA SER B 56 -14.62 7.48 11.37
C SER B 56 -15.06 6.18 10.73
N SER B 57 -16.11 5.54 11.25
CA SER B 57 -16.60 4.28 10.73
C SER B 57 -18.04 4.35 10.24
N SER B 58 -18.52 5.54 9.88
CA SER B 58 -19.92 5.70 9.49
C SER B 58 -20.05 6.72 8.38
N SER B 59 -20.99 6.48 7.48
CA SER B 59 -21.22 7.33 6.31
C SER B 59 -22.17 8.46 6.69
N ILE B 60 -21.83 9.68 6.31
CA ILE B 60 -22.66 10.85 6.55
C ILE B 60 -23.33 11.24 5.23
N HIS B 61 -24.43 11.99 5.31
CA HIS B 61 -25.23 12.33 4.14
C HIS B 61 -25.82 13.72 4.26
N TRP B 62 -26.49 14.14 3.19
CA TRP B 62 -27.34 15.31 3.19
C TRP B 62 -28.52 15.04 2.28
N VAL B 63 -29.73 15.27 2.78
CA VAL B 63 -30.94 15.13 1.98
C VAL B 63 -31.80 16.36 2.23
N ARG B 64 -32.37 16.87 1.14
CA ARG B 64 -33.07 18.14 1.18
C ARG B 64 -34.52 17.92 0.79
N GLN B 65 -35.34 18.94 1.07
CA GLN B 65 -36.77 18.86 0.83
C GLN B 65 -37.27 20.27 0.54
N ALA B 66 -37.54 20.55 -0.73
CA ALA B 66 -38.23 21.79 -1.06
C ALA B 66 -39.64 21.74 -0.51
N PRO B 67 -40.13 22.83 0.09
CA PRO B 67 -41.42 22.77 0.78
C PRO B 67 -42.52 22.30 -0.15
N GLY B 68 -43.44 21.50 0.40
CA GLY B 68 -44.52 20.95 -0.39
C GLY B 68 -44.05 20.03 -1.49
N LYS B 69 -42.99 19.27 -1.26
CA LYS B 69 -42.46 18.35 -2.26
C LYS B 69 -41.82 17.17 -1.56
N GLY B 70 -41.44 16.15 -2.33
CA GLY B 70 -40.87 14.94 -1.79
C GLY B 70 -39.48 15.18 -1.23
N LEU B 71 -38.70 14.10 -1.19
CA LEU B 71 -37.37 14.13 -0.61
C LEU B 71 -36.33 13.91 -1.70
N GLU B 72 -35.18 14.54 -1.53
CA GLU B 72 -34.13 14.57 -2.54
C GLU B 72 -32.79 14.27 -1.89
N TRP B 73 -32.09 13.28 -2.40
CA TRP B 73 -30.77 12.93 -1.88
C TRP B 73 -29.73 13.87 -2.45
N VAL B 74 -28.76 14.27 -1.61
CA VAL B 74 -27.77 15.24 -2.04
C VAL B 74 -26.46 14.54 -2.41
N ALA B 75 -25.84 13.85 -1.45
CA ALA B 75 -24.49 13.34 -1.65
C ALA B 75 -24.26 12.15 -0.73
N SER B 76 -23.04 11.63 -0.75
CA SER B 76 -22.67 10.49 0.09
C SER B 76 -21.15 10.46 0.21
N ILE B 77 -20.65 10.67 1.43
CA ILE B 77 -19.21 10.72 1.68
C ILE B 77 -18.88 9.67 2.74
N SER B 78 -18.10 8.67 2.36
CA SER B 78 -17.83 7.53 3.22
C SER B 78 -16.78 7.80 4.26
N SER B 79 -16.45 9.07 4.53
CA SER B 79 -15.54 9.43 5.61
C SER B 79 -14.11 8.96 5.33
N SER B 80 -13.65 7.96 6.09
CA SER B 80 -12.24 7.56 6.00
C SER B 80 -11.87 7.13 4.59
N SER B 81 -12.74 6.36 3.94
CA SER B 81 -12.48 5.94 2.57
C SER B 81 -12.23 7.14 1.68
N GLY B 82 -13.16 8.11 1.70
CA GLY B 82 -13.07 9.32 0.91
C GLY B 82 -13.93 9.30 -0.33
N SER B 83 -14.22 8.12 -0.86
CA SER B 83 -15.01 8.03 -2.08
C SER B 83 -16.33 8.75 -1.91
N THR B 84 -16.70 9.53 -2.90
CA THR B 84 -17.90 10.37 -2.85
C THR B 84 -18.79 10.08 -4.04
N SER B 85 -20.09 10.24 -3.84
CA SER B 85 -21.07 10.00 -4.89
C SER B 85 -22.20 11.01 -4.77
N TYR B 86 -22.29 11.92 -5.74
CA TYR B 86 -23.36 12.89 -5.82
C TYR B 86 -24.50 12.33 -6.66
N ALA B 87 -25.61 13.06 -6.66
CA ALA B 87 -26.77 12.67 -7.47
C ALA B 87 -26.49 13.00 -8.92
N ASP B 88 -27.50 12.86 -9.77
CA ASP B 88 -27.37 13.16 -11.19
C ASP B 88 -28.03 14.47 -11.58
N SER B 89 -28.24 15.37 -10.61
CA SER B 89 -28.93 16.62 -10.87
C SER B 89 -28.15 17.86 -10.46
N VAL B 90 -27.23 17.75 -9.50
CA VAL B 90 -26.50 18.93 -9.02
C VAL B 90 -25.02 18.66 -8.92
N LYS B 91 -24.51 17.71 -9.71
CA LYS B 91 -23.06 17.48 -9.74
C LYS B 91 -22.34 18.80 -9.94
N GLY B 92 -21.16 18.91 -9.34
CA GLY B 92 -20.40 20.13 -9.46
C GLY B 92 -20.66 21.09 -8.32
N ARG B 93 -21.61 22.01 -8.53
CA ARG B 93 -21.80 23.13 -7.63
C ARG B 93 -21.86 22.73 -6.16
N PHE B 94 -22.12 21.46 -5.86
CA PHE B 94 -22.10 20.95 -4.49
C PHE B 94 -20.83 20.16 -4.26
N THR B 95 -20.04 20.59 -3.28
CA THR B 95 -18.79 19.95 -2.90
C THR B 95 -18.95 19.35 -1.51
N ILE B 96 -18.57 18.09 -1.37
CA ILE B 96 -18.76 17.33 -0.14
C ILE B 96 -17.39 16.95 0.40
N SER B 97 -17.16 17.23 1.68
CA SER B 97 -15.93 16.89 2.36
C SER B 97 -16.24 16.51 3.80
N ALA B 98 -15.25 15.99 4.50
CA ALA B 98 -15.44 15.54 5.87
C ALA B 98 -14.13 15.72 6.64
N ASP B 99 -14.24 15.72 7.96
CA ASP B 99 -13.10 15.84 8.85
C ASP B 99 -13.29 14.81 9.96
N THR B 100 -12.71 13.62 9.79
CA THR B 100 -12.85 12.58 10.79
C THR B 100 -12.29 13.02 12.13
N SER B 101 -11.18 13.77 12.11
CA SER B 101 -10.57 14.22 13.35
C SER B 101 -11.57 15.01 14.18
N LYS B 102 -12.23 16.00 13.57
CA LYS B 102 -13.19 16.83 14.27
C LYS B 102 -14.59 16.24 14.28
N ASN B 103 -14.81 15.12 13.59
CA ASN B 103 -16.10 14.45 13.53
C ASN B 103 -17.18 15.31 12.90
N THR B 104 -16.80 16.25 12.04
CA THR B 104 -17.77 17.09 11.35
C THR B 104 -17.82 16.70 9.87
N ALA B 105 -18.71 17.37 9.15
CA ALA B 105 -18.82 17.21 7.71
C ALA B 105 -18.90 18.59 7.09
N TYR B 106 -18.77 18.64 5.77
CA TYR B 106 -18.76 19.93 5.07
C TYR B 106 -19.30 19.71 3.66
N LEU B 107 -20.52 20.16 3.42
CA LEU B 107 -21.13 20.16 2.10
C LEU B 107 -21.01 21.58 1.55
N GLN B 108 -19.98 21.81 0.74
CA GLN B 108 -19.73 23.12 0.17
C GLN B 108 -20.52 23.29 -1.11
N MET B 109 -21.30 24.37 -1.18
CA MET B 109 -22.19 24.63 -2.31
C MET B 109 -21.70 25.89 -3.02
N ASN B 110 -21.53 25.80 -4.33
CA ASN B 110 -21.03 26.91 -5.12
C ASN B 110 -22.10 27.39 -6.11
N SER B 111 -22.13 28.70 -6.30
CA SER B 111 -23.04 29.32 -7.26
C SER B 111 -24.47 28.84 -7.05
N LEU B 112 -25.01 29.16 -5.88
CA LEU B 112 -26.34 28.70 -5.52
C LEU B 112 -27.38 29.27 -6.48
N ARG B 113 -28.37 28.46 -6.81
CA ARG B 113 -29.46 28.83 -7.68
C ARG B 113 -30.77 28.84 -6.89
N ALA B 114 -31.86 29.20 -7.57
CA ALA B 114 -33.12 29.42 -6.87
C ALA B 114 -33.61 28.17 -6.17
N GLU B 115 -33.52 27.02 -6.83
CA GLU B 115 -34.03 25.76 -6.28
C GLU B 115 -33.23 25.26 -5.09
N ASP B 116 -32.16 25.94 -4.70
CA ASP B 116 -31.49 25.66 -3.45
C ASP B 116 -32.36 26.03 -2.25
N THR B 117 -33.45 26.75 -2.48
CA THR B 117 -34.33 27.20 -1.41
C THR B 117 -35.12 26.00 -0.91
N ALA B 118 -34.70 25.43 0.21
CA ALA B 118 -35.35 24.24 0.76
C ALA B 118 -34.76 23.96 2.14
N VAL B 119 -35.16 22.83 2.73
CA VAL B 119 -34.64 22.38 4.00
C VAL B 119 -33.53 21.37 3.74
N TYR B 120 -32.47 21.43 4.56
CA TYR B 120 -31.31 20.55 4.42
C TYR B 120 -31.19 19.68 5.67
N TYR B 121 -31.12 18.37 5.47
CA TYR B 121 -31.09 17.39 6.54
C TYR B 121 -29.83 16.54 6.44
N CYS B 122 -29.12 16.43 7.56
CA CYS B 122 -27.90 15.63 7.64
C CYS B 122 -28.18 14.36 8.44
N ALA B 123 -27.77 13.21 7.90
CA ALA B 123 -28.08 11.93 8.50
C ALA B 123 -26.97 10.94 8.24
N ARG B 124 -26.66 10.12 9.24
CA ARG B 124 -25.71 9.04 9.07
C ARG B 124 -26.40 7.82 8.48
N SER B 125 -25.70 6.71 8.45
CA SER B 125 -26.22 5.46 7.91
C SER B 125 -25.20 4.36 8.19
N GLU B 126 -25.45 3.18 7.65
CA GLU B 126 -24.55 2.05 7.83
C GLU B 126 -24.62 1.16 6.59
N TYR B 127 -23.65 0.26 6.48
CA TYR B 127 -23.54 -0.63 5.35
C TYR B 127 -23.69 -2.07 5.82
N SER B 128 -24.29 -2.89 4.97
CA SER B 128 -24.44 -4.32 5.21
C SER B 128 -23.66 -5.05 4.14
N TYR B 129 -22.46 -5.51 4.51
CA TYR B 129 -21.64 -6.24 3.56
C TYR B 129 -22.34 -7.52 3.16
N GLN B 130 -22.30 -7.85 1.87
CA GLN B 130 -23.06 -8.96 1.31
C GLN B 130 -22.18 -9.82 0.42
N TYR B 131 -21.01 -10.19 0.93
CA TYR B 131 -19.98 -10.75 0.07
C TYR B 131 -20.38 -12.12 -0.47
N VAL B 132 -19.97 -12.37 -1.70
CA VAL B 132 -20.44 -13.49 -2.51
C VAL B 132 -19.23 -14.34 -2.90
N TYR B 133 -19.44 -15.27 -3.82
CA TYR B 133 -18.36 -16.17 -4.24
C TYR B 133 -17.35 -15.31 -4.99
N GLY B 134 -16.46 -14.71 -4.21
CA GLY B 134 -15.49 -13.78 -4.74
C GLY B 134 -15.07 -12.79 -3.68
N TRP B 135 -14.97 -11.52 -4.06
CA TRP B 135 -14.56 -10.46 -3.15
C TRP B 135 -15.77 -10.04 -2.31
N TRP B 136 -15.67 -8.89 -1.64
CA TRP B 136 -16.74 -8.41 -0.79
C TRP B 136 -17.42 -7.18 -1.39
N TYR B 137 -18.68 -6.97 -1.01
CA TYR B 137 -19.49 -5.89 -1.56
C TYR B 137 -20.24 -5.22 -0.42
N TRP B 138 -20.63 -3.97 -0.66
CA TRP B 138 -21.16 -3.13 0.40
C TRP B 138 -22.31 -2.27 -0.14
N ASN B 139 -23.41 -2.24 0.60
CA ASN B 139 -24.58 -1.44 0.25
C ASN B 139 -25.03 -0.64 1.45
N TYR B 140 -25.51 0.58 1.20
CA TYR B 140 -26.20 1.33 2.23
C TYR B 140 -27.42 0.55 2.68
N SER B 141 -27.65 0.48 4.00
CA SER B 141 -28.68 -0.38 4.55
C SER B 141 -29.82 0.41 5.19
N ALA B 142 -29.52 1.28 6.14
CA ALA B 142 -30.57 1.84 6.98
C ALA B 142 -30.21 3.27 7.35
N ILE B 143 -31.08 4.21 6.99
CA ILE B 143 -30.92 5.60 7.42
C ILE B 143 -31.58 5.69 8.79
N ASP B 144 -30.79 5.42 9.83
CA ASP B 144 -31.30 5.24 11.18
C ASP B 144 -31.14 6.47 12.05
N TYR B 145 -30.83 7.62 11.48
CA TYR B 145 -30.80 8.86 12.24
C TYR B 145 -31.04 10.02 11.30
N TRP B 146 -31.39 11.17 11.87
CA TRP B 146 -31.47 12.41 11.12
C TRP B 146 -31.14 13.55 12.06
N GLY B 147 -30.74 14.68 11.48
CA GLY B 147 -30.48 15.86 12.27
C GLY B 147 -31.76 16.61 12.57
N GLN B 148 -31.61 17.69 13.32
CA GLN B 148 -32.77 18.49 13.68
C GLN B 148 -33.42 19.10 12.44
N GLY B 149 -32.64 19.78 11.62
CA GLY B 149 -33.16 20.39 10.41
C GLY B 149 -32.71 21.82 10.23
N THR B 150 -32.35 22.19 9.00
CA THR B 150 -31.97 23.55 8.68
C THR B 150 -32.56 23.94 7.35
N LEU B 151 -32.82 25.24 7.19
CA LEU B 151 -33.48 25.78 6.02
C LEU B 151 -32.53 26.69 5.26
N VAL B 152 -32.48 26.51 3.95
CA VAL B 152 -31.71 27.37 3.07
C VAL B 152 -32.67 27.94 2.04
N THR B 153 -32.58 29.26 1.81
CA THR B 153 -33.45 29.95 0.87
C THR B 153 -32.62 30.81 -0.06
N VAL B 154 -33.16 31.07 -1.24
CA VAL B 154 -32.51 31.87 -2.27
C VAL B 154 -33.56 32.79 -2.85
N SER B 155 -33.42 34.09 -2.58
CA SER B 155 -34.37 35.09 -3.04
C SER B 155 -33.64 36.17 -3.81
N SER B 156 -34.13 36.50 -4.99
CA SER B 156 -33.50 37.51 -5.82
C SER B 156 -34.52 38.50 -6.36
N ALA B 157 -33.87 39.29 -3.49
CA ALA B 157 -34.59 40.36 -2.80
C ALA B 157 -34.05 40.51 -1.38
N SER B 158 -34.89 41.02 -0.47
CA SER B 158 -34.45 41.25 0.90
C SER B 158 -35.67 41.13 1.81
N THR B 159 -35.42 41.21 3.11
CA THR B 159 -36.49 41.11 4.09
C THR B 159 -37.47 42.26 3.92
N LYS B 160 -38.75 41.96 4.15
CA LYS B 160 -39.78 42.98 4.02
C LYS B 160 -40.99 42.57 4.86
N GLY B 161 -41.62 43.57 5.49
CA GLY B 161 -42.83 43.37 6.23
C GLY B 161 -44.06 43.54 5.36
N PRO B 162 -45.21 43.07 5.82
CA PRO B 162 -46.42 43.10 5.02
C PRO B 162 -47.20 44.40 5.16
N SER B 163 -48.34 44.43 4.48
CA SER B 163 -49.33 45.49 4.62
C SER B 163 -50.66 44.87 5.01
N VAL B 164 -51.29 45.43 6.03
CA VAL B 164 -52.50 44.87 6.62
C VAL B 164 -53.72 45.46 5.93
N PHE B 165 -54.65 44.60 5.52
CA PHE B 165 -55.87 45.03 4.87
C PHE B 165 -57.06 44.33 5.52
N PRO B 166 -58.05 45.05 6.01
CA PRO B 166 -59.24 44.40 6.59
C PRO B 166 -60.12 43.79 5.50
N LEU B 167 -60.92 42.81 5.92
CA LEU B 167 -61.92 42.17 5.06
C LEU B 167 -63.29 42.45 5.67
N ALA B 168 -63.87 43.59 5.30
CA ALA B 168 -65.17 43.94 5.83
C ALA B 168 -66.21 42.93 5.38
N PRO B 169 -67.04 42.40 6.29
CA PRO B 169 -68.02 41.40 5.87
C PRO B 169 -69.03 41.99 4.89
N SER B 170 -69.53 41.14 4.00
CA SER B 170 -70.53 41.57 3.05
C SER B 170 -71.85 41.88 3.78
N SER B 171 -72.63 42.75 3.17
CA SER B 171 -73.91 43.16 3.74
C SER B 171 -74.89 41.98 3.76
N GLY B 176 -80.65 33.58 12.71
CA GLY B 176 -79.69 34.62 13.03
C GLY B 176 -78.74 34.90 11.88
N GLY B 177 -77.57 34.27 11.93
CA GLY B 177 -76.57 34.45 10.89
C GLY B 177 -75.17 34.60 11.45
N THR B 178 -74.20 33.97 10.80
CA THR B 178 -72.80 34.05 11.20
C THR B 178 -72.02 34.81 10.15
N ALA B 179 -71.25 35.80 10.60
CA ALA B 179 -70.49 36.66 9.72
C ALA B 179 -69.03 36.20 9.69
N ALA B 180 -68.44 36.28 8.50
CA ALA B 180 -67.04 35.92 8.29
C ALA B 180 -66.24 37.17 7.94
N LEU B 181 -65.19 37.44 8.72
CA LEU B 181 -64.36 38.60 8.50
C LEU B 181 -62.90 38.21 8.71
N GLY B 182 -62.01 39.03 8.17
CA GLY B 182 -60.59 38.76 8.30
C GLY B 182 -59.79 39.99 7.97
N CYS B 183 -58.48 39.90 8.22
CA CYS B 183 -57.54 40.94 7.83
C CYS B 183 -56.41 40.29 7.04
N LEU B 184 -56.10 40.88 5.89
CA LEU B 184 -55.18 40.29 4.93
C LEU B 184 -53.78 40.84 5.14
N VAL B 185 -52.81 39.94 5.24
CA VAL B 185 -51.40 40.28 5.41
C VAL B 185 -50.68 39.86 4.13
N LYS B 186 -50.00 40.82 3.50
CA LYS B 186 -49.44 40.60 2.17
C LYS B 186 -48.13 41.36 2.02
N ASP B 187 -47.28 40.86 1.11
CA ASP B 187 -46.04 41.52 0.74
C ASP B 187 -45.06 41.59 1.92
N TYR B 188 -44.68 40.43 2.43
CA TYR B 188 -43.66 40.33 3.45
C TYR B 188 -42.68 39.21 3.12
N PHE B 189 -41.50 39.29 3.72
CA PHE B 189 -40.49 38.25 3.58
C PHE B 189 -39.43 38.51 4.62
N PRO B 190 -38.83 37.47 5.23
CA PRO B 190 -39.14 36.04 5.10
C PRO B 190 -40.18 35.59 6.12
N GLU B 191 -40.49 34.29 6.14
CA GLU B 191 -41.40 33.77 7.15
C GLU B 191 -40.74 33.82 8.53
N PRO B 192 -41.54 33.79 9.61
CA PRO B 192 -43.00 33.74 9.69
C PRO B 192 -43.63 35.05 10.14
N VAL B 193 -44.95 35.07 10.28
CA VAL B 193 -45.69 36.21 10.81
C VAL B 193 -46.71 35.69 11.81
N THR B 194 -46.86 36.39 12.93
CA THR B 194 -47.78 36.01 13.98
C THR B 194 -48.97 36.95 13.96
N VAL B 195 -50.18 36.38 13.92
CA VAL B 195 -51.42 37.14 13.86
C VAL B 195 -52.36 36.61 14.93
N SER B 196 -53.00 37.52 15.66
CA SER B 196 -53.99 37.14 16.66
C SER B 196 -55.15 38.13 16.59
N TRP B 197 -56.32 37.66 17.00
CA TRP B 197 -57.53 38.46 16.98
C TRP B 197 -57.77 39.05 18.37
N ASN B 198 -57.99 40.36 18.42
CA ASN B 198 -58.26 41.07 19.67
C ASN B 198 -57.17 40.79 20.69
N SER B 199 -55.91 40.84 20.23
CA SER B 199 -54.76 40.61 21.10
C SER B 199 -54.86 39.25 21.79
N GLY B 200 -55.34 38.25 21.05
CA GLY B 200 -55.48 36.90 21.58
C GLY B 200 -56.77 36.64 22.31
N ALA B 201 -57.61 37.66 22.51
CA ALA B 201 -58.87 37.44 23.21
C ALA B 201 -59.79 36.49 22.44
N LEU B 202 -59.85 36.63 21.12
CA LEU B 202 -60.69 35.78 20.27
C LEU B 202 -59.81 34.72 19.62
N THR B 203 -60.17 33.45 19.83
CA THR B 203 -59.42 32.34 19.27
C THR B 203 -60.33 31.38 18.53
N SER B 204 -61.60 31.33 18.94
CA SER B 204 -62.54 30.40 18.32
C SER B 204 -62.81 30.81 16.87
N GLY B 205 -62.83 29.82 15.98
CA GLY B 205 -63.17 30.05 14.59
C GLY B 205 -62.07 30.66 13.75
N VAL B 206 -60.83 30.67 14.23
CA VAL B 206 -59.72 31.28 13.52
C VAL B 206 -59.13 30.25 12.56
N HIS B 207 -59.22 30.52 11.27
CA HIS B 207 -58.67 29.67 10.22
C HIS B 207 -57.56 30.42 9.52
N THR B 208 -56.32 30.19 9.93
CA THR B 208 -55.16 30.87 9.36
C THR B 208 -54.63 30.01 8.22
N PHE B 209 -54.93 30.42 6.99
CA PHE B 209 -54.48 29.66 5.84
C PHE B 209 -52.95 29.66 5.76
N PRO B 210 -52.36 28.58 5.25
CA PRO B 210 -50.91 28.58 5.04
C PRO B 210 -50.51 29.70 4.10
N ALA B 211 -49.37 30.32 4.38
CA ALA B 211 -48.90 31.42 3.54
C ALA B 211 -48.54 30.92 2.16
N VAL B 212 -48.63 31.82 1.18
CA VAL B 212 -48.27 31.53 -0.20
C VAL B 212 -47.22 32.53 -0.65
N LEU B 213 -46.20 32.04 -1.34
CA LEU B 213 -45.12 32.89 -1.84
C LEU B 213 -45.61 33.63 -3.08
N GLN B 214 -45.56 34.95 -3.04
CA GLN B 214 -45.95 35.77 -4.19
C GLN B 214 -44.88 35.71 -5.27
N SER B 215 -45.31 35.92 -6.52
CA SER B 215 -44.37 35.90 -7.63
C SER B 215 -43.29 36.95 -7.45
N SER B 216 -43.64 38.09 -6.88
CA SER B 216 -42.66 39.15 -6.66
C SER B 216 -41.57 38.73 -5.69
N GLY B 217 -41.78 37.68 -4.92
CA GLY B 217 -40.80 37.22 -3.95
C GLY B 217 -41.17 37.45 -2.50
N LEU B 218 -42.42 37.82 -2.21
CA LEU B 218 -42.89 38.05 -0.85
C LEU B 218 -43.98 37.04 -0.52
N TYR B 219 -44.07 36.69 0.75
CA TYR B 219 -45.11 35.78 1.20
C TYR B 219 -46.38 36.57 1.51
N SER B 220 -47.49 35.83 1.63
CA SER B 220 -48.79 36.43 1.93
C SER B 220 -49.65 35.40 2.64
N LEU B 221 -50.41 35.87 3.63
CA LEU B 221 -51.30 35.00 4.38
C LEU B 221 -52.53 35.78 4.82
N SER B 222 -53.57 35.05 5.19
CA SER B 222 -54.85 35.62 5.58
C SER B 222 -55.27 35.08 6.93
N SER B 223 -55.78 35.97 7.79
CA SER B 223 -56.32 35.61 9.09
C SER B 223 -57.79 35.99 9.15
N VAL B 224 -58.64 35.03 9.49
CA VAL B 224 -60.09 35.22 9.51
C VAL B 224 -60.65 34.68 10.82
N VAL B 225 -61.89 35.08 11.11
CA VAL B 225 -62.64 34.53 12.23
C VAL B 225 -64.12 34.79 11.99
N THR B 226 -64.94 33.75 12.18
CA THR B 226 -66.37 33.83 11.95
C THR B 226 -67.07 34.10 13.27
N VAL B 227 -67.93 35.13 13.27
CA VAL B 227 -68.65 35.52 14.48
C VAL B 227 -70.11 35.78 14.11
N PRO B 228 -71.00 35.74 15.10
CA PRO B 228 -72.41 36.01 14.80
C PRO B 228 -72.60 37.40 14.21
N SER B 229 -73.53 37.51 13.27
CA SER B 229 -73.81 38.81 12.67
C SER B 229 -74.32 39.80 13.71
N SER B 230 -74.94 39.30 14.78
CA SER B 230 -75.40 40.19 15.85
C SER B 230 -74.25 40.90 16.54
N SER B 231 -73.13 40.22 16.75
CA SER B 231 -71.98 40.83 17.42
C SER B 231 -71.34 41.91 16.57
N LEU B 232 -71.71 42.03 15.30
CA LEU B 232 -71.15 43.07 14.45
C LEU B 232 -71.43 44.45 15.03
N GLY B 233 -70.44 45.32 14.97
CA GLY B 233 -70.61 46.69 15.44
C GLY B 233 -70.41 46.90 16.93
N THR B 234 -71.23 46.23 17.75
CA THR B 234 -71.10 46.38 19.20
C THR B 234 -69.72 45.94 19.67
N GLN B 235 -69.23 44.82 19.13
CA GLN B 235 -67.91 44.31 19.45
C GLN B 235 -66.92 44.73 18.38
N THR B 236 -65.76 45.22 18.81
CA THR B 236 -64.72 45.64 17.88
C THR B 236 -63.73 44.51 17.68
N TYR B 237 -63.47 44.16 16.41
CA TYR B 237 -62.59 43.07 16.05
C TYR B 237 -61.30 43.65 15.48
N ILE B 238 -60.17 43.29 16.09
CA ILE B 238 -58.86 43.79 15.69
C ILE B 238 -57.93 42.59 15.57
N CYS B 239 -57.14 42.54 14.51
CA CYS B 239 -56.14 41.51 14.32
C CYS B 239 -54.77 42.08 14.62
N ASN B 240 -54.03 41.42 15.51
CA ASN B 240 -52.71 41.86 15.95
C ASN B 240 -51.66 41.09 15.16
N VAL B 241 -51.05 41.75 14.17
CA VAL B 241 -50.10 41.12 13.27
C VAL B 241 -48.70 41.57 13.67
N ASN B 242 -47.79 40.62 13.78
CA ASN B 242 -46.38 40.91 14.08
C ASN B 242 -45.50 40.11 13.13
N HIS B 243 -44.70 40.81 12.34
CA HIS B 243 -43.73 40.22 11.43
C HIS B 243 -42.35 40.50 12.01
N LYS B 244 -41.91 39.60 12.89
CA LYS B 244 -40.66 39.83 13.62
C LYS B 244 -39.46 40.09 12.71
N PRO B 245 -39.29 39.41 11.57
CA PRO B 245 -38.07 39.65 10.78
C PRO B 245 -37.84 41.12 10.47
N SER B 246 -38.90 41.89 10.27
CA SER B 246 -38.80 43.33 10.07
C SER B 246 -39.15 44.11 11.32
N ASN B 247 -39.31 43.44 12.46
CA ASN B 247 -39.70 44.09 13.71
C ASN B 247 -40.96 44.92 13.52
N THR B 248 -41.95 44.33 12.85
CA THR B 248 -43.21 44.99 12.55
C THR B 248 -44.31 44.43 13.45
N LYS B 249 -45.06 45.33 14.08
CA LYS B 249 -46.21 44.96 14.89
C LYS B 249 -47.34 45.94 14.57
N VAL B 250 -48.42 45.43 13.99
CA VAL B 250 -49.52 46.26 13.50
C VAL B 250 -50.84 45.69 13.99
N ASP B 251 -51.78 46.57 14.32
CA ASP B 251 -53.13 46.20 14.71
C ASP B 251 -54.11 46.96 13.81
N LYS B 252 -55.04 46.23 13.20
CA LYS B 252 -56.04 46.80 12.30
C LYS B 252 -57.43 46.40 12.76
N LYS B 253 -58.33 47.37 12.84
CA LYS B 253 -59.72 47.13 13.20
C LYS B 253 -60.54 46.85 11.96
N VAL B 254 -61.39 45.83 12.01
CA VAL B 254 -62.24 45.44 10.89
C VAL B 254 -63.68 45.78 11.27
N GLU B 255 -64.31 46.64 10.47
CA GLU B 255 -65.69 47.05 10.69
C GLU B 255 -66.40 47.15 9.34
N PRO B 256 -67.74 47.06 9.33
CA PRO B 256 -68.51 47.15 8.09
C PRO B 256 -68.29 48.47 7.36
N ILE C 26 -32.26 4.12 -12.35
CA ILE C 26 -33.04 3.70 -11.14
C ILE C 26 -34.31 4.54 -11.03
N GLN C 27 -35.38 3.92 -10.51
CA GLN C 27 -36.65 4.62 -10.34
C GLN C 27 -37.37 4.04 -9.14
N MET C 28 -38.33 4.79 -8.63
CA MET C 28 -39.12 4.40 -7.47
C MET C 28 -40.57 4.82 -7.66
N THR C 29 -41.47 4.14 -6.94
CA THR C 29 -42.89 4.43 -7.02
C THR C 29 -43.47 4.37 -5.61
N GLN C 30 -44.50 5.18 -5.37
CA GLN C 30 -45.14 5.25 -4.06
C GLN C 30 -46.64 5.32 -4.20
N SER C 31 -47.21 4.55 -5.13
CA SER C 31 -48.65 4.56 -5.30
C SER C 31 -49.32 3.82 -4.15
N PRO C 32 -50.46 4.33 -3.63
CA PRO C 32 -51.15 5.58 -4.00
C PRO C 32 -50.54 6.80 -3.32
N SER C 33 -50.81 7.99 -3.86
CA SER C 33 -50.20 9.21 -3.34
C SER C 33 -50.81 9.61 -2.00
N SER C 34 -52.09 9.33 -1.79
CA SER C 34 -52.75 9.74 -0.55
C SER C 34 -53.99 8.89 -0.35
N LEU C 35 -54.48 8.91 0.89
CA LEU C 35 -55.66 8.14 1.25
C LEU C 35 -56.25 8.67 2.54
N SER C 36 -57.47 8.23 2.83
CA SER C 36 -58.16 8.54 4.08
C SER C 36 -58.85 7.28 4.57
N ALA C 37 -58.73 6.99 5.86
CA ALA C 37 -59.27 5.75 6.39
C ALA C 37 -59.69 5.95 7.84
N SER C 38 -60.56 5.05 8.31
CA SER C 38 -61.02 5.09 9.68
C SER C 38 -60.05 4.33 10.60
N VAL C 39 -59.99 4.77 11.86
CA VAL C 39 -59.01 4.23 12.78
C VAL C 39 -59.21 2.73 12.96
N GLY C 40 -58.10 1.99 13.02
CA GLY C 40 -58.12 0.58 13.28
C GLY C 40 -58.08 -0.31 12.05
N ASP C 41 -58.17 0.26 10.85
CA ASP C 41 -58.26 -0.54 9.64
C ASP C 41 -56.87 -0.97 9.16
N ARG C 42 -56.85 -1.60 7.98
CA ARG C 42 -55.62 -2.06 7.36
C ARG C 42 -55.15 -1.05 6.31
N VAL C 43 -53.86 -0.74 6.33
CA VAL C 43 -53.25 0.18 5.37
C VAL C 43 -52.24 -0.60 4.53
N THR C 44 -52.34 -0.46 3.21
CA THR C 44 -51.41 -1.11 2.29
C THR C 44 -50.91 -0.08 1.29
N ILE C 45 -49.61 -0.07 1.06
CA ILE C 45 -48.96 0.90 0.18
C ILE C 45 -48.14 0.15 -0.85
N THR C 46 -48.24 0.57 -2.11
CA THR C 46 -47.53 -0.06 -3.21
C THR C 46 -46.33 0.80 -3.61
N CYS C 47 -45.14 0.22 -3.56
CA CYS C 47 -43.93 0.90 -4.03
C CYS C 47 -43.19 -0.07 -4.94
N ARG C 48 -43.27 0.18 -6.25
CA ARG C 48 -42.66 -0.69 -7.25
C ARG C 48 -41.45 -0.01 -7.85
N ALA C 49 -40.40 -0.77 -8.09
CA ALA C 49 -39.18 -0.26 -8.69
C ALA C 49 -39.14 -0.60 -10.18
N SER C 50 -38.47 0.25 -10.95
CA SER C 50 -38.32 0.00 -12.38
C SER C 50 -37.63 -1.33 -12.66
N GLN C 51 -36.71 -1.73 -11.78
CA GLN C 51 -35.96 -2.96 -11.97
C GLN C 51 -35.76 -3.62 -10.62
N SER C 52 -35.47 -4.92 -10.64
CA SER C 52 -35.17 -5.62 -9.41
C SER C 52 -33.97 -4.98 -8.73
N VAL C 53 -34.12 -4.70 -7.44
CA VAL C 53 -33.05 -4.06 -6.67
C VAL C 53 -32.73 -4.93 -5.46
N SER C 54 -32.94 -6.22 -5.61
CA SER C 54 -32.65 -7.18 -4.53
C SER C 54 -33.53 -6.78 -3.33
N SER C 55 -32.98 -6.74 -2.12
CA SER C 55 -33.75 -6.49 -0.91
C SER C 55 -33.30 -5.22 -0.19
N ALA C 56 -33.13 -4.13 -0.94
CA ALA C 56 -32.79 -2.83 -0.35
C ALA C 56 -33.99 -1.88 -0.48
N VAL C 57 -34.87 -1.95 0.51
CA VAL C 57 -36.07 -1.11 0.56
C VAL C 57 -36.48 -0.93 2.01
N ALA C 58 -36.98 0.26 2.34
CA ALA C 58 -37.33 0.62 3.71
C ALA C 58 -38.69 1.32 3.69
N TRP C 59 -39.06 1.90 4.82
CA TRP C 59 -40.26 2.71 4.91
C TRP C 59 -40.05 3.76 5.99
N TYR C 60 -39.90 5.02 5.59
CA TYR C 60 -39.64 6.13 6.49
C TYR C 60 -40.89 6.96 6.66
N GLN C 61 -41.19 7.33 7.90
CA GLN C 61 -42.37 8.13 8.23
C GLN C 61 -41.90 9.51 8.68
N GLN C 62 -42.71 10.52 8.39
CA GLN C 62 -42.40 11.90 8.77
C GLN C 62 -43.69 12.63 9.10
N LYS C 63 -43.83 13.04 10.34
CA LYS C 63 -44.86 14.01 10.66
C LYS C 63 -44.39 15.39 10.22
N PRO C 64 -45.30 16.23 9.71
CA PRO C 64 -44.87 17.54 9.22
C PRO C 64 -44.17 18.34 10.30
N GLY C 65 -43.13 19.07 9.90
CA GLY C 65 -42.38 19.90 10.81
C GLY C 65 -41.31 19.19 11.60
N LYS C 66 -41.00 17.94 11.28
CA LYS C 66 -39.98 17.18 11.99
C LYS C 66 -39.20 16.34 11.00
N ALA C 67 -37.96 16.02 11.39
CA ALA C 67 -37.16 15.13 10.57
C ALA C 67 -37.80 13.75 10.52
N PRO C 68 -37.84 13.09 9.37
CA PRO C 68 -38.46 11.77 9.29
C PRO C 68 -37.80 10.77 10.22
N LYS C 69 -38.34 9.56 10.21
CA LYS C 69 -37.80 8.45 10.99
C LYS C 69 -37.91 7.15 10.20
N LEU C 70 -37.18 6.15 10.69
CA LEU C 70 -37.16 4.83 10.07
C LEU C 70 -38.25 3.94 10.63
N LEU C 71 -38.68 2.99 9.82
CA LEU C 71 -39.54 1.91 10.28
C LEU C 71 -38.98 0.54 9.97
N ILE C 72 -38.40 0.35 8.78
CA ILE C 72 -38.12 -0.96 8.25
C ILE C 72 -36.81 -0.91 7.47
N TYR C 73 -36.01 -1.96 7.58
CA TYR C 73 -34.94 -2.20 6.64
C TYR C 73 -35.15 -3.56 6.00
N SER C 74 -34.88 -3.63 4.70
CA SER C 74 -35.24 -4.80 3.92
C SER C 74 -36.74 -5.06 4.06
N ALA C 75 -37.12 -6.26 4.47
CA ALA C 75 -38.51 -6.61 4.71
C ALA C 75 -38.75 -6.63 6.20
N SER C 76 -39.69 -5.80 6.65
CA SER C 76 -40.01 -5.71 8.06
C SER C 76 -38.76 -5.51 8.90
N SER C 77 -38.79 -5.93 10.17
CA SER C 77 -37.75 -5.60 11.13
C SER C 77 -37.94 -4.16 11.61
N LEU C 78 -37.76 -3.92 12.89
CA LEU C 78 -38.10 -2.63 13.49
C LEU C 78 -36.89 -1.96 14.12
N PRO C 83 -43.38 0.87 17.12
CA PRO C 83 -44.03 0.23 15.98
C PRO C 83 -44.33 -1.24 16.26
N SER C 84 -45.59 -1.62 16.17
CA SER C 84 -45.98 -2.96 16.57
C SER C 84 -46.85 -3.64 15.51
N ARG C 85 -47.49 -2.84 14.65
CA ARG C 85 -48.43 -3.34 13.66
C ARG C 85 -47.94 -3.08 12.23
N PHE C 86 -46.63 -2.92 12.07
CA PHE C 86 -46.03 -2.62 10.78
C PHE C 86 -45.30 -3.85 10.26
N SER C 87 -45.32 -4.00 8.94
CA SER C 87 -44.72 -5.17 8.31
C SER C 87 -44.42 -4.83 6.86
N GLY C 88 -43.57 -5.65 6.24
CA GLY C 88 -43.22 -5.47 4.85
C GLY C 88 -42.95 -6.78 4.13
N SER C 89 -43.64 -7.01 3.01
CA SER C 89 -43.44 -8.21 2.21
C SER C 89 -43.37 -7.79 0.75
N ARG C 90 -42.73 -8.63 -0.06
CA ARG C 90 -42.47 -8.29 -1.45
C ARG C 90 -43.00 -9.39 -2.36
N SER C 91 -43.31 -8.99 -3.59
CA SER C 91 -43.74 -9.91 -4.64
C SER C 91 -43.14 -9.44 -5.95
N GLY C 92 -42.20 -10.21 -6.50
CA GLY C 92 -41.54 -9.81 -7.72
C GLY C 92 -40.87 -8.47 -7.57
N THR C 93 -41.43 -7.45 -8.19
CA THR C 93 -40.89 -6.09 -8.13
C THR C 93 -41.73 -5.15 -7.29
N ASP C 94 -42.55 -5.67 -6.38
CA ASP C 94 -43.44 -4.87 -5.56
C ASP C 94 -43.00 -4.91 -4.10
N PHE C 95 -42.84 -3.74 -3.50
CA PHE C 95 -42.53 -3.60 -2.08
C PHE C 95 -43.71 -2.95 -1.38
N THR C 96 -44.24 -3.62 -0.36
CA THR C 96 -45.50 -3.21 0.27
C THR C 96 -45.28 -2.97 1.75
N LEU C 97 -45.95 -1.94 2.27
CA LEU C 97 -46.05 -1.68 3.70
C LEU C 97 -47.48 -1.96 4.14
N THR C 98 -47.62 -2.74 5.21
CA THR C 98 -48.93 -3.13 5.73
C THR C 98 -49.05 -2.74 7.19
N ILE C 99 -50.09 -1.97 7.51
CA ILE C 99 -50.44 -1.64 8.88
C ILE C 99 -51.66 -2.48 9.25
N SER C 100 -51.49 -3.41 10.19
CA SER C 100 -52.58 -4.31 10.53
C SER C 100 -53.78 -3.55 11.09
N SER C 101 -53.53 -2.58 11.97
CA SER C 101 -54.60 -1.81 12.59
C SER C 101 -54.20 -0.35 12.55
N LEU C 102 -55.00 0.45 11.84
CA LEU C 102 -54.72 1.88 11.76
C LEU C 102 -54.93 2.55 13.11
N GLN C 103 -54.13 3.56 13.38
CA GLN C 103 -54.19 4.33 14.61
C GLN C 103 -54.29 5.82 14.30
N PRO C 104 -54.81 6.62 15.23
CA PRO C 104 -55.06 8.03 14.91
C PRO C 104 -53.82 8.82 14.57
N GLU C 105 -52.76 8.71 15.38
CA GLU C 105 -51.55 9.49 15.17
C GLU C 105 -50.80 9.09 13.91
N ASP C 106 -51.21 8.00 13.25
CA ASP C 106 -50.54 7.54 12.04
C ASP C 106 -50.61 8.56 10.91
N PHE C 107 -51.30 9.68 11.09
CA PHE C 107 -51.32 10.73 10.08
C PHE C 107 -49.91 11.25 9.84
N ALA C 108 -49.36 10.98 8.67
CA ALA C 108 -48.02 11.42 8.32
C ALA C 108 -47.74 11.12 6.85
N THR C 109 -46.52 11.36 6.41
CA THR C 109 -46.11 10.98 5.06
C THR C 109 -45.20 9.76 5.12
N TYR C 110 -45.26 8.94 4.08
CA TYR C 110 -44.52 7.69 4.03
C TYR C 110 -43.71 7.61 2.74
N TYR C 111 -42.44 7.25 2.86
CA TYR C 111 -41.51 7.20 1.74
C TYR C 111 -40.88 5.83 1.63
N CYS C 112 -40.62 5.39 0.40
CA CYS C 112 -39.86 4.18 0.12
C CYS C 112 -38.60 4.54 -0.66
N GLN C 113 -37.46 3.96 -0.25
CA GLN C 113 -36.17 4.34 -0.80
C GLN C 113 -35.28 3.10 -0.86
N GLN C 114 -34.55 2.94 -1.96
CA GLN C 114 -33.65 1.82 -2.16
C GLN C 114 -32.22 2.32 -2.31
N SER C 115 -31.30 1.39 -2.61
CA SER C 115 -29.88 1.73 -2.78
C SER C 115 -29.23 0.69 -3.67
N SER C 116 -29.05 1.02 -4.95
CA SER C 116 -28.48 0.06 -5.88
C SER C 116 -27.04 -0.29 -5.53
N SER C 117 -26.11 0.63 -5.75
CA SER C 117 -24.74 0.52 -5.27
C SER C 117 -24.36 1.69 -4.37
N SER C 118 -24.48 2.91 -4.88
CA SER C 118 -24.54 4.10 -4.04
C SER C 118 -25.36 5.12 -4.82
N LEU C 119 -26.67 5.05 -4.64
CA LEU C 119 -27.60 5.96 -5.33
C LEU C 119 -28.88 5.96 -4.51
N ILE C 120 -29.05 6.96 -3.65
CA ILE C 120 -30.18 6.98 -2.73
C ILE C 120 -31.37 7.58 -3.47
N THR C 121 -32.29 6.73 -3.88
CA THR C 121 -33.50 7.15 -4.58
C THR C 121 -34.71 6.91 -3.68
N PHE C 122 -35.67 7.82 -3.76
CA PHE C 122 -36.86 7.80 -2.92
C PHE C 122 -38.10 7.59 -3.76
N GLY C 123 -39.17 7.13 -3.10
CA GLY C 123 -40.45 7.07 -3.73
C GLY C 123 -41.12 8.43 -3.77
N GLN C 124 -42.29 8.47 -4.40
CA GLN C 124 -43.02 9.73 -4.51
C GLN C 124 -43.52 10.23 -3.16
N GLY C 125 -43.63 9.36 -2.17
CA GLY C 125 -44.17 9.75 -0.88
C GLY C 125 -45.68 9.69 -0.86
N THR C 126 -46.27 9.10 0.17
CA THR C 126 -47.70 8.98 0.30
C THR C 126 -48.16 9.56 1.64
N LYS C 127 -49.37 10.10 1.65
CA LYS C 127 -49.95 10.76 2.82
C LYS C 127 -51.19 10.01 3.28
N VAL C 128 -51.31 9.82 4.59
CA VAL C 128 -52.42 9.08 5.19
C VAL C 128 -53.18 10.00 6.13
N GLU C 129 -54.50 9.93 6.06
CA GLU C 129 -55.36 10.78 6.89
C GLU C 129 -56.62 9.99 7.23
N ILE C 130 -57.56 10.64 7.90
CA ILE C 130 -58.81 10.01 8.29
C ILE C 130 -59.90 10.44 7.31
N LYS C 131 -60.95 9.61 7.22
CA LYS C 131 -62.02 9.78 6.26
C LYS C 131 -63.33 10.08 6.98
N ARG C 132 -64.22 10.79 6.29
CA ARG C 132 -65.51 11.16 6.82
C ARG C 132 -66.50 11.25 5.67
N THR C 133 -67.65 11.89 5.93
CA THR C 133 -68.68 12.07 4.91
C THR C 133 -68.40 13.33 4.09
N VAL C 134 -69.25 13.55 3.09
CA VAL C 134 -69.11 14.68 2.18
C VAL C 134 -69.74 15.91 2.81
N ALA C 135 -69.03 17.03 2.76
CA ALA C 135 -69.53 18.31 3.27
C ALA C 135 -69.33 19.37 2.19
N ALA C 136 -70.40 20.10 1.88
CA ALA C 136 -70.32 21.13 0.86
C ALA C 136 -69.62 22.37 1.41
N PRO C 137 -68.84 23.08 0.61
CA PRO C 137 -68.24 24.33 1.08
C PRO C 137 -69.26 25.45 1.22
N SER C 138 -68.90 26.44 2.02
CA SER C 138 -69.64 27.69 2.11
C SER C 138 -68.86 28.76 1.36
N VAL C 139 -69.49 29.37 0.36
CA VAL C 139 -68.82 30.27 -0.58
C VAL C 139 -69.03 31.70 -0.12
N PHE C 140 -67.92 32.42 0.07
CA PHE C 140 -67.95 33.84 0.39
C PHE C 140 -67.01 34.55 -0.57
N ILE C 141 -67.44 35.72 -1.06
CA ILE C 141 -66.65 36.51 -2.00
C ILE C 141 -66.42 37.88 -1.38
N PHE C 142 -65.17 38.32 -1.38
CA PHE C 142 -64.79 39.60 -0.77
C PHE C 142 -64.04 40.45 -1.79
N PRO C 143 -64.57 41.60 -2.20
CA PRO C 143 -63.89 42.44 -3.18
C PRO C 143 -62.70 43.14 -2.54
N PRO C 144 -61.79 43.70 -3.35
CA PRO C 144 -60.63 44.40 -2.80
C PRO C 144 -61.05 45.64 -2.01
N SER C 145 -60.28 45.94 -0.97
CA SER C 145 -60.56 47.09 -0.11
C SER C 145 -59.97 48.36 -0.72
N ASP C 146 -60.45 49.51 -0.21
CA ASP C 146 -59.98 50.79 -0.72
C ASP C 146 -58.47 50.95 -0.53
N SER C 147 -57.97 50.66 0.66
CA SER C 147 -56.55 50.85 0.93
C SER C 147 -55.69 50.08 -0.06
N GLN C 148 -56.10 48.85 -0.37
CA GLN C 148 -55.38 48.09 -1.39
C GLN C 148 -55.46 48.77 -2.75
N LEU C 149 -56.64 49.30 -3.10
CA LEU C 149 -56.79 49.97 -4.38
C LEU C 149 -55.96 51.24 -4.45
N LYS C 150 -55.68 51.87 -3.31
CA LYS C 150 -54.84 53.06 -3.32
C LYS C 150 -53.46 52.77 -3.86
N SER C 151 -53.00 51.53 -3.74
CA SER C 151 -51.66 51.14 -4.19
C SER C 151 -51.63 50.70 -5.65
N GLY C 152 -52.77 50.71 -6.33
CA GLY C 152 -52.83 50.31 -7.72
C GLY C 152 -53.00 48.82 -7.96
N THR C 153 -53.15 48.02 -6.91
CA THR C 153 -53.33 46.59 -7.03
C THR C 153 -54.67 46.20 -6.44
N ALA C 154 -55.32 45.20 -7.05
CA ALA C 154 -56.62 44.73 -6.63
C ALA C 154 -56.55 43.23 -6.39
N SER C 155 -56.98 42.80 -5.21
CA SER C 155 -57.02 41.39 -4.85
C SER C 155 -58.47 41.00 -4.53
N VAL C 156 -58.99 40.02 -5.25
CA VAL C 156 -60.34 39.51 -5.05
C VAL C 156 -60.23 38.20 -4.30
N VAL C 157 -60.92 38.10 -3.16
CA VAL C 157 -60.83 36.95 -2.28
C VAL C 157 -62.11 36.14 -2.41
N CYS C 158 -61.98 34.89 -2.84
CA CYS C 158 -63.08 33.94 -2.89
C CYS C 158 -62.78 32.85 -1.87
N LEU C 159 -63.69 32.63 -0.93
CA LEU C 159 -63.44 31.78 0.23
C LEU C 159 -64.34 30.56 0.21
N LEU C 160 -63.74 29.38 0.41
CA LEU C 160 -64.45 28.13 0.61
C LEU C 160 -64.05 27.59 1.98
N ASN C 161 -65.04 27.24 2.79
CA ASN C 161 -64.81 26.88 4.19
C ASN C 161 -65.50 25.57 4.52
N ASN C 162 -64.80 24.72 5.28
CA ASN C 162 -65.38 23.53 5.91
C ASN C 162 -66.11 22.67 4.88
N PHE C 163 -65.32 22.12 3.96
CA PHE C 163 -65.82 21.22 2.94
C PHE C 163 -65.05 19.91 2.96
N TYR C 164 -65.69 18.87 2.41
CA TYR C 164 -65.08 17.57 2.25
C TYR C 164 -65.76 16.91 1.06
N PRO C 165 -65.01 16.28 0.15
CA PRO C 165 -63.54 16.05 0.16
C PRO C 165 -62.74 17.32 -0.14
N ARG C 166 -61.42 17.25 0.06
CA ARG C 166 -60.58 18.41 -0.18
C ARG C 166 -60.64 18.88 -1.63
N GLU C 167 -60.80 17.95 -2.57
CA GLU C 167 -60.78 18.31 -3.98
C GLU C 167 -61.91 19.28 -4.31
N ALA C 168 -61.56 20.37 -4.98
CA ALA C 168 -62.53 21.38 -5.37
C ALA C 168 -61.98 22.18 -6.53
N LYS C 169 -62.88 22.69 -7.36
CA LYS C 169 -62.52 23.46 -8.54
C LYS C 169 -63.08 24.87 -8.40
N VAL C 170 -62.20 25.86 -8.54
CA VAL C 170 -62.57 27.26 -8.44
C VAL C 170 -62.31 27.92 -9.79
N GLN C 171 -63.35 28.51 -10.38
CA GLN C 171 -63.27 29.16 -11.67
C GLN C 171 -63.59 30.64 -11.50
N TRP C 172 -62.66 31.49 -11.94
CA TRP C 172 -62.83 32.94 -11.86
C TRP C 172 -63.31 33.47 -13.20
N LYS C 173 -64.40 34.24 -13.18
CA LYS C 173 -64.94 34.89 -14.36
C LYS C 173 -65.15 36.36 -14.05
N VAL C 174 -64.66 37.24 -14.93
CA VAL C 174 -64.88 38.68 -14.84
C VAL C 174 -65.60 39.09 -16.12
N ASP C 175 -66.81 39.64 -15.97
CA ASP C 175 -67.65 39.97 -17.12
C ASP C 175 -67.86 38.74 -17.99
N ASN C 176 -68.03 37.59 -17.34
CA ASN C 176 -68.18 36.28 -17.97
C ASN C 176 -66.90 35.80 -18.65
N ALA C 177 -65.80 36.53 -18.54
CA ALA C 177 -64.53 36.13 -19.13
C ALA C 177 -63.74 35.33 -18.10
N LEU C 178 -63.41 34.09 -18.44
CA LEU C 178 -62.71 33.20 -17.53
C LEU C 178 -61.31 33.73 -17.24
N GLN C 179 -60.92 33.70 -15.97
CA GLN C 179 -59.61 34.17 -15.53
C GLN C 179 -58.76 32.98 -15.12
N SER C 180 -57.52 32.94 -15.62
CA SER C 180 -56.60 31.87 -15.32
C SER C 180 -55.17 32.42 -15.32
N GLY C 181 -54.33 31.87 -14.45
CA GLY C 181 -52.93 32.24 -14.39
C GLY C 181 -52.65 33.52 -13.62
N ASN C 182 -53.67 34.19 -13.09
CA ASN C 182 -53.50 35.41 -12.34
C ASN C 182 -54.07 35.29 -10.92
N SER C 183 -54.24 34.06 -10.44
CA SER C 183 -54.79 33.81 -9.12
C SER C 183 -53.93 32.78 -8.40
N GLN C 184 -53.92 32.86 -7.07
CA GLN C 184 -53.20 31.93 -6.22
C GLN C 184 -54.12 31.45 -5.11
N GLU C 185 -54.04 30.17 -4.79
CA GLU C 185 -54.92 29.53 -3.82
C GLU C 185 -54.12 28.92 -2.68
N SER C 186 -54.72 28.93 -1.49
CA SER C 186 -54.14 28.30 -0.31
C SER C 186 -55.19 27.39 0.32
N VAL C 187 -54.77 26.17 0.65
CA VAL C 187 -55.68 25.16 1.22
C VAL C 187 -55.11 24.74 2.57
N THR C 188 -55.98 24.71 3.57
CA THR C 188 -55.59 24.28 4.90
C THR C 188 -55.61 22.75 5.01
N GLU C 189 -54.97 22.24 6.04
CA GLU C 189 -55.01 20.82 6.32
C GLU C 189 -56.42 20.41 6.70
N GLN C 190 -56.67 19.10 6.67
CA GLN C 190 -57.97 18.61 7.11
C GLN C 190 -58.20 19.00 8.56
N ASP C 191 -59.39 19.55 8.84
CA ASP C 191 -59.73 19.91 10.20
C ASP C 191 -59.73 18.67 11.08
N SER C 192 -59.10 18.79 12.26
CA SER C 192 -58.99 17.65 13.15
C SER C 192 -60.35 17.16 13.65
N LYS C 193 -61.33 18.06 13.80
CA LYS C 193 -62.59 17.71 14.42
C LYS C 193 -63.62 17.23 13.40
N ASP C 194 -64.03 18.11 12.48
CA ASP C 194 -65.06 17.75 11.51
C ASP C 194 -64.47 17.14 10.24
N SER C 195 -63.15 17.01 10.16
CA SER C 195 -62.50 16.33 9.04
C SER C 195 -62.90 16.92 7.69
N THR C 196 -63.11 18.23 7.66
CA THR C 196 -63.43 18.95 6.44
C THR C 196 -62.20 19.71 5.95
N TYR C 197 -62.39 20.57 4.97
CA TYR C 197 -61.31 21.35 4.39
C TYR C 197 -61.76 22.78 4.14
N SER C 198 -60.78 23.68 4.04
CA SER C 198 -61.00 25.08 3.75
C SER C 198 -60.04 25.53 2.67
N LEU C 199 -60.51 26.42 1.79
CA LEU C 199 -59.70 26.93 0.70
C LEU C 199 -59.87 28.43 0.58
N SER C 200 -58.75 29.12 0.40
CA SER C 200 -58.72 30.57 0.18
C SER C 200 -58.15 30.83 -1.21
N SER C 201 -58.88 31.61 -1.99
CA SER C 201 -58.50 31.92 -3.36
C SER C 201 -58.40 33.43 -3.54
N THR C 202 -57.34 33.88 -4.22
CA THR C 202 -57.11 35.30 -4.47
C THR C 202 -56.82 35.51 -5.94
N LEU C 203 -57.38 36.57 -6.51
CA LEU C 203 -57.15 36.95 -7.90
C LEU C 203 -56.48 38.32 -7.93
N THR C 204 -55.38 38.42 -8.65
CA THR C 204 -54.56 39.63 -8.70
C THR C 204 -54.69 40.29 -10.07
N LEU C 205 -54.98 41.58 -10.07
CA LEU C 205 -55.08 42.34 -11.30
C LEU C 205 -54.73 43.80 -11.01
N SER C 206 -54.36 44.52 -12.07
CA SER C 206 -54.01 45.92 -11.91
C SER C 206 -55.26 46.76 -11.63
N LYS C 207 -55.04 47.92 -11.01
CA LYS C 207 -56.15 48.79 -10.67
C LYS C 207 -56.92 49.22 -11.91
N ALA C 208 -56.20 49.57 -12.97
CA ALA C 208 -56.86 49.95 -14.22
C ALA C 208 -57.71 48.80 -14.75
N ASP C 209 -57.18 47.59 -14.74
CA ASP C 209 -57.95 46.44 -15.20
C ASP C 209 -59.18 46.25 -14.35
N TYR C 210 -59.06 46.41 -13.02
CA TYR C 210 -60.21 46.24 -12.15
C TYR C 210 -61.32 47.23 -12.48
N GLU C 211 -60.96 48.48 -12.75
CA GLU C 211 -61.95 49.51 -13.07
C GLU C 211 -62.54 49.34 -14.46
N LYS C 212 -61.93 48.52 -15.31
CA LYS C 212 -62.44 48.27 -16.65
C LYS C 212 -63.51 47.20 -16.69
N HIS C 213 -63.85 46.60 -15.55
CA HIS C 213 -64.81 45.51 -15.49
C HIS C 213 -65.82 45.76 -14.38
N LYS C 214 -67.00 45.19 -14.53
CA LYS C 214 -68.09 45.34 -13.57
C LYS C 214 -68.39 44.05 -12.81
N VAL C 215 -68.55 42.94 -13.51
CA VAL C 215 -68.96 41.68 -12.89
C VAL C 215 -67.71 40.90 -12.51
N TYR C 216 -67.57 40.60 -11.22
CA TYR C 216 -66.51 39.74 -10.70
C TYR C 216 -67.18 38.58 -9.97
N ALA C 217 -66.83 37.36 -10.35
CA ALA C 217 -67.48 36.19 -9.77
C ALA C 217 -66.52 35.00 -9.81
N CYS C 218 -66.67 34.12 -8.82
CA CYS C 218 -65.92 32.88 -8.74
C CYS C 218 -66.89 31.70 -8.67
N GLU C 219 -66.77 30.79 -9.63
CA GLU C 219 -67.64 29.61 -9.70
C GLU C 219 -66.95 28.44 -9.02
N VAL C 220 -67.66 27.78 -8.11
CA VAL C 220 -67.14 26.69 -7.32
C VAL C 220 -67.85 25.40 -7.71
N THR C 221 -67.09 24.38 -8.05
CA THR C 221 -67.63 23.06 -8.35
C THR C 221 -67.09 22.07 -7.33
N HIS C 222 -67.99 21.35 -6.66
CA HIS C 222 -67.61 20.42 -5.61
C HIS C 222 -68.56 19.24 -5.63
N GLN C 223 -68.09 18.10 -5.12
CA GLN C 223 -68.89 16.89 -5.14
C GLN C 223 -70.21 17.06 -4.39
N GLY C 224 -70.18 17.77 -3.26
CA GLY C 224 -71.37 18.01 -2.48
C GLY C 224 -72.35 18.97 -3.09
N LEU C 225 -72.03 19.53 -4.25
CA LEU C 225 -72.89 20.46 -4.96
C LEU C 225 -73.41 19.79 -6.22
N SER C 226 -74.73 19.84 -6.42
CA SER C 226 -75.31 19.25 -7.62
C SER C 226 -74.79 19.96 -8.87
N SER C 227 -74.72 21.28 -8.83
CA SER C 227 -74.19 22.09 -9.91
C SER C 227 -73.25 23.14 -9.33
N PRO C 228 -72.35 23.68 -10.14
CA PRO C 228 -71.42 24.69 -9.62
C PRO C 228 -72.17 25.89 -9.06
N VAL C 229 -71.63 26.45 -7.97
CA VAL C 229 -72.20 27.61 -7.30
C VAL C 229 -71.24 28.78 -7.48
N THR C 230 -71.78 29.93 -7.83
CA THR C 230 -70.99 31.12 -8.13
C THR C 230 -71.46 32.29 -7.28
N LYS C 231 -70.51 33.05 -6.73
CA LYS C 231 -70.78 34.27 -6.00
C LYS C 231 -70.14 35.44 -6.73
N SER C 232 -70.84 36.57 -6.76
CA SER C 232 -70.40 37.72 -7.55
C SER C 232 -70.59 39.01 -6.76
N PHE C 233 -69.85 40.04 -7.18
CA PHE C 233 -70.02 41.39 -6.66
C PHE C 233 -69.82 42.37 -7.79
N ASN C 234 -70.32 43.58 -7.59
CA ASN C 234 -70.23 44.65 -8.59
C ASN C 234 -69.23 45.72 -8.17
N ARG C 235 -68.96 46.65 -9.08
CA ARG C 235 -68.04 47.76 -8.84
C ARG C 235 -66.59 47.30 -8.96
#